data_2EZK
# 
_entry.id   2EZK 
# 
_audit_conform.dict_name       mmcif_pdbx.dic 
_audit_conform.dict_version    5.392 
_audit_conform.dict_location   http://mmcif.pdb.org/dictionaries/ascii/mmcif_pdbx.dic 
# 
loop_
_database_2.database_id 
_database_2.database_code 
_database_2.pdbx_database_accession 
_database_2.pdbx_DOI 
PDB   2EZK         pdb_00002ezk 10.2210/pdb2ezk/pdb 
WWPDB D_1000178061 ?            ?                   
# 
loop_
_pdbx_audit_revision_history.ordinal 
_pdbx_audit_revision_history.data_content_type 
_pdbx_audit_revision_history.major_revision 
_pdbx_audit_revision_history.minor_revision 
_pdbx_audit_revision_history.revision_date 
1 'Structure model' 1 0 1998-01-14 
2 'Structure model' 1 1 2008-03-24 
3 'Structure model' 1 2 2011-07-13 
4 'Structure model' 1 3 2022-03-09 
5 'Structure model' 1 4 2024-05-29 
# 
_pdbx_audit_revision_details.ordinal             1 
_pdbx_audit_revision_details.revision_ordinal    1 
_pdbx_audit_revision_details.data_content_type   'Structure model' 
_pdbx_audit_revision_details.provider            repository 
_pdbx_audit_revision_details.type                'Initial release' 
_pdbx_audit_revision_details.description         ? 
_pdbx_audit_revision_details.details             ? 
# 
loop_
_pdbx_audit_revision_group.ordinal 
_pdbx_audit_revision_group.revision_ordinal 
_pdbx_audit_revision_group.data_content_type 
_pdbx_audit_revision_group.group 
1 2 'Structure model' 'Version format compliance' 
2 3 'Structure model' 'Version format compliance' 
3 4 'Structure model' 'Database references'       
4 4 'Structure model' 'Derived calculations'      
5 4 'Structure model' Other                       
6 4 'Structure model' 'Structure summary'         
7 5 'Structure model' 'Data collection'           
# 
loop_
_pdbx_audit_revision_category.ordinal 
_pdbx_audit_revision_category.revision_ordinal 
_pdbx_audit_revision_category.data_content_type 
_pdbx_audit_revision_category.category 
1 4 'Structure model' database_2            
2 4 'Structure model' pdbx_database_status  
3 4 'Structure model' pdbx_struct_assembly  
4 4 'Structure model' pdbx_struct_oper_list 
5 4 'Structure model' struct_keywords       
6 5 'Structure model' chem_comp_atom        
7 5 'Structure model' chem_comp_bond        
# 
loop_
_pdbx_audit_revision_item.ordinal 
_pdbx_audit_revision_item.revision_ordinal 
_pdbx_audit_revision_item.data_content_type 
_pdbx_audit_revision_item.item 
1 4 'Structure model' '_database_2.pdbx_DOI'                
2 4 'Structure model' '_database_2.pdbx_database_accession' 
3 4 'Structure model' '_pdbx_database_status.process_site'  
4 4 'Structure model' '_struct_keywords.text'               
# 
_pdbx_database_status.status_code                     REL 
_pdbx_database_status.entry_id                        2EZK 
_pdbx_database_status.recvd_initial_deposition_date   1997-10-04 
_pdbx_database_status.deposit_site                    ? 
_pdbx_database_status.process_site                    BNL 
_pdbx_database_status.SG_entry                        . 
_pdbx_database_status.pdb_format_compatible           Y 
_pdbx_database_status.status_code_mr                  ? 
_pdbx_database_status.status_code_sf                  ? 
_pdbx_database_status.status_code_cs                  ? 
_pdbx_database_status.status_code_nmr_data            ? 
_pdbx_database_status.methods_development_category    ? 
# 
_pdbx_database_related.db_name        PDB 
_pdbx_database_related.db_id          2EZL 
_pdbx_database_related.details        . 
_pdbx_database_related.content_type   ensemble 
# 
loop_
_audit_author.name 
_audit_author.pdbx_ordinal 
'Clore, G.M.'      1 
'Clubb, R.T.'      2 
'Schumaker, S.'    3 
'Gronenborn, A.M.' 4 
# 
_citation.id                        primary 
_citation.title                     
;Solution structure of the Mu end DNA-binding ibeta subdomain of phage Mu transposase: modular DNA recognition by two tethered domains.
;
_citation.journal_abbrev            'EMBO J.' 
_citation.journal_volume            16 
_citation.page_first                7532 
_citation.page_last                 7541 
_citation.year                      1997 
_citation.journal_id_ASTM           EMJODG 
_citation.country                   UK 
_citation.journal_id_ISSN           0261-4189 
_citation.journal_id_CSD            0897 
_citation.book_publisher            ? 
_citation.pdbx_database_id_PubMed   9405381 
_citation.pdbx_database_id_DOI      10.1093/emboj/16.24.7532 
# 
loop_
_citation_author.citation_id 
_citation_author.name 
_citation_author.ordinal 
_citation_author.identifier_ORCID 
primary 'Schumacher, S.'   1 ? 
primary 'Clubb, R.T.'      2 ? 
primary 'Cai, M.'          3 ? 
primary 'Mizuuchi, K.'     4 ? 
primary 'Clore, G.M.'      5 ? 
primary 'Gronenborn, A.M.' 6 ? 
# 
_entity.id                         1 
_entity.type                       polymer 
_entity.src_method                 nat 
_entity.pdbx_description           TRANSPOSASE 
_entity.formula_weight             11186.460 
_entity.pdbx_number_of_molecules   1 
_entity.pdbx_ec                    ? 
_entity.pdbx_mutation              ? 
_entity.pdbx_fragment              'IBETA SUBDOMAIN, RESIDUES 77 - 174' 
_entity.details                    ? 
# 
_entity_poly.entity_id                      1 
_entity_poly.type                           'polypeptide(L)' 
_entity_poly.nstd_linkage                   no 
_entity_poly.nstd_monomer                   no 
_entity_poly.pdbx_seq_one_letter_code       
;MIARPTLEAHDYDREALWSKWDNASDSQRRLAEKWLPAVQAADEMLNQGISTKTAFATVAGHYQVSASTLRDKYYQVQKF
AKPDWAAALVDGRGASRRN
;
_entity_poly.pdbx_seq_one_letter_code_can   
;MIARPTLEAHDYDREALWSKWDNASDSQRRLAEKWLPAVQAADEMLNQGISTKTAFATVAGHYQVSASTLRDKYYQVQKF
AKPDWAAALVDGRGASRRN
;
_entity_poly.pdbx_strand_id                 A 
_entity_poly.pdbx_target_identifier         ? 
# 
loop_
_entity_poly_seq.entity_id 
_entity_poly_seq.num 
_entity_poly_seq.mon_id 
_entity_poly_seq.hetero 
1 1  MET n 
1 2  ILE n 
1 3  ALA n 
1 4  ARG n 
1 5  PRO n 
1 6  THR n 
1 7  LEU n 
1 8  GLU n 
1 9  ALA n 
1 10 HIS n 
1 11 ASP n 
1 12 TYR n 
1 13 ASP n 
1 14 ARG n 
1 15 GLU n 
1 16 ALA n 
1 17 LEU n 
1 18 TRP n 
1 19 SER n 
1 20 LYS n 
1 21 TRP n 
1 22 ASP n 
1 23 ASN n 
1 24 ALA n 
1 25 SER n 
1 26 ASP n 
1 27 SER n 
1 28 GLN n 
1 29 ARG n 
1 30 ARG n 
1 31 LEU n 
1 32 ALA n 
1 33 GLU n 
1 34 LYS n 
1 35 TRP n 
1 36 LEU n 
1 37 PRO n 
1 38 ALA n 
1 39 VAL n 
1 40 GLN n 
1 41 ALA n 
1 42 ALA n 
1 43 ASP n 
1 44 GLU n 
1 45 MET n 
1 46 LEU n 
1 47 ASN n 
1 48 GLN n 
1 49 GLY n 
1 50 ILE n 
1 51 SER n 
1 52 THR n 
1 53 LYS n 
1 54 THR n 
1 55 ALA n 
1 56 PHE n 
1 57 ALA n 
1 58 THR n 
1 59 VAL n 
1 60 ALA n 
1 61 GLY n 
1 62 HIS n 
1 63 TYR n 
1 64 GLN n 
1 65 VAL n 
1 66 SER n 
1 67 ALA n 
1 68 SER n 
1 69 THR n 
1 70 LEU n 
1 71 ARG n 
1 72 ASP n 
1 73 LYS n 
1 74 TYR n 
1 75 TYR n 
1 76 GLN n 
1 77 VAL n 
1 78 GLN n 
1 79 LYS n 
1 80 PHE n 
1 81 ALA n 
1 82 LYS n 
1 83 PRO n 
1 84 ASP n 
1 85 TRP n 
1 86 ALA n 
1 87 ALA n 
1 88 ALA n 
1 89 LEU n 
1 90 VAL n 
1 91 ASP n 
1 92 GLY n 
1 93 ARG n 
1 94 GLY n 
1 95 ALA n 
1 96 SER n 
1 97 ARG n 
1 98 ARG n 
1 99 ASN n 
# 
_entity_src_nat.entity_id                  1 
_entity_src_nat.pdbx_src_id                1 
_entity_src_nat.pdbx_alt_source_flag       sample 
_entity_src_nat.pdbx_beg_seq_num           ? 
_entity_src_nat.pdbx_end_seq_num           ? 
_entity_src_nat.common_name                ? 
_entity_src_nat.pdbx_organism_scientific   'Enterobacteria phage Mu' 
_entity_src_nat.pdbx_ncbi_taxonomy_id      10677 
_entity_src_nat.genus                      'Mu-like viruses' 
_entity_src_nat.species                    ? 
_entity_src_nat.strain                     ? 
_entity_src_nat.tissue                     ? 
_entity_src_nat.tissue_fraction            ? 
_entity_src_nat.pdbx_secretion             ? 
_entity_src_nat.pdbx_fragment              ? 
_entity_src_nat.pdbx_variant               ? 
_entity_src_nat.pdbx_cell_line             ? 
_entity_src_nat.pdbx_atcc                  ? 
_entity_src_nat.pdbx_cellular_location     ? 
_entity_src_nat.pdbx_organ                 ? 
_entity_src_nat.pdbx_organelle             ? 
_entity_src_nat.pdbx_cell                  ? 
_entity_src_nat.pdbx_plasmid_name          ? 
_entity_src_nat.pdbx_plasmid_details       ? 
_entity_src_nat.details                    ? 
# 
loop_
_chem_comp.id 
_chem_comp.type 
_chem_comp.mon_nstd_flag 
_chem_comp.name 
_chem_comp.pdbx_synonyms 
_chem_comp.formula 
_chem_comp.formula_weight 
ALA 'L-peptide linking' y ALANINE         ? 'C3 H7 N O2'     89.093  
ARG 'L-peptide linking' y ARGININE        ? 'C6 H15 N4 O2 1' 175.209 
ASN 'L-peptide linking' y ASPARAGINE      ? 'C4 H8 N2 O3'    132.118 
ASP 'L-peptide linking' y 'ASPARTIC ACID' ? 'C4 H7 N O4'     133.103 
GLN 'L-peptide linking' y GLUTAMINE       ? 'C5 H10 N2 O3'   146.144 
GLU 'L-peptide linking' y 'GLUTAMIC ACID' ? 'C5 H9 N O4'     147.129 
GLY 'peptide linking'   y GLYCINE         ? 'C2 H5 N O2'     75.067  
HIS 'L-peptide linking' y HISTIDINE       ? 'C6 H10 N3 O2 1' 156.162 
ILE 'L-peptide linking' y ISOLEUCINE      ? 'C6 H13 N O2'    131.173 
LEU 'L-peptide linking' y LEUCINE         ? 'C6 H13 N O2'    131.173 
LYS 'L-peptide linking' y LYSINE          ? 'C6 H15 N2 O2 1' 147.195 
MET 'L-peptide linking' y METHIONINE      ? 'C5 H11 N O2 S'  149.211 
PHE 'L-peptide linking' y PHENYLALANINE   ? 'C9 H11 N O2'    165.189 
PRO 'L-peptide linking' y PROLINE         ? 'C5 H9 N O2'     115.130 
SER 'L-peptide linking' y SERINE          ? 'C3 H7 N O3'     105.093 
THR 'L-peptide linking' y THREONINE       ? 'C4 H9 N O3'     119.119 
TRP 'L-peptide linking' y TRYPTOPHAN      ? 'C11 H12 N2 O2'  204.225 
TYR 'L-peptide linking' y TYROSINE        ? 'C9 H11 N O3'    181.189 
VAL 'L-peptide linking' y VALINE          ? 'C5 H11 N O2'    117.146 
# 
loop_
_pdbx_poly_seq_scheme.asym_id 
_pdbx_poly_seq_scheme.entity_id 
_pdbx_poly_seq_scheme.seq_id 
_pdbx_poly_seq_scheme.mon_id 
_pdbx_poly_seq_scheme.ndb_seq_num 
_pdbx_poly_seq_scheme.pdb_seq_num 
_pdbx_poly_seq_scheme.auth_seq_num 
_pdbx_poly_seq_scheme.pdb_mon_id 
_pdbx_poly_seq_scheme.auth_mon_id 
_pdbx_poly_seq_scheme.pdb_strand_id 
_pdbx_poly_seq_scheme.pdb_ins_code 
_pdbx_poly_seq_scheme.hetero 
A 1 1  MET 1  76  76  MET MET A . n 
A 1 2  ILE 2  77  77  ILE ILE A . n 
A 1 3  ALA 3  78  78  ALA ALA A . n 
A 1 4  ARG 4  79  79  ARG ARG A . n 
A 1 5  PRO 5  80  80  PRO PRO A . n 
A 1 6  THR 6  81  81  THR THR A . n 
A 1 7  LEU 7  82  82  LEU LEU A . n 
A 1 8  GLU 8  83  83  GLU GLU A . n 
A 1 9  ALA 9  84  84  ALA ALA A . n 
A 1 10 HIS 10 85  85  HIS HIS A . n 
A 1 11 ASP 11 86  86  ASP ASP A . n 
A 1 12 TYR 12 87  87  TYR TYR A . n 
A 1 13 ASP 13 88  88  ASP ASP A . n 
A 1 14 ARG 14 89  89  ARG ARG A . n 
A 1 15 GLU 15 90  90  GLU GLU A . n 
A 1 16 ALA 16 91  91  ALA ALA A . n 
A 1 17 LEU 17 92  92  LEU LEU A . n 
A 1 18 TRP 18 93  93  TRP TRP A . n 
A 1 19 SER 19 94  94  SER SER A . n 
A 1 20 LYS 20 95  95  LYS LYS A . n 
A 1 21 TRP 21 96  96  TRP TRP A . n 
A 1 22 ASP 22 97  97  ASP ASP A . n 
A 1 23 ASN 23 98  98  ASN ASN A . n 
A 1 24 ALA 24 99  99  ALA ALA A . n 
A 1 25 SER 25 100 100 SER SER A . n 
A 1 26 ASP 26 101 101 ASP ASP A . n 
A 1 27 SER 27 102 102 SER SER A . n 
A 1 28 GLN 28 103 103 GLN GLN A . n 
A 1 29 ARG 29 104 104 ARG ARG A . n 
A 1 30 ARG 30 105 105 ARG ARG A . n 
A 1 31 LEU 31 106 106 LEU LEU A . n 
A 1 32 ALA 32 107 107 ALA ALA A . n 
A 1 33 GLU 33 108 108 GLU GLU A . n 
A 1 34 LYS 34 109 109 LYS LYS A . n 
A 1 35 TRP 35 110 110 TRP TRP A . n 
A 1 36 LEU 36 111 111 LEU LEU A . n 
A 1 37 PRO 37 112 112 PRO PRO A . n 
A 1 38 ALA 38 113 113 ALA ALA A . n 
A 1 39 VAL 39 114 114 VAL VAL A . n 
A 1 40 GLN 40 115 115 GLN GLN A . n 
A 1 41 ALA 41 116 116 ALA ALA A . n 
A 1 42 ALA 42 117 117 ALA ALA A . n 
A 1 43 ASP 43 118 118 ASP ASP A . n 
A 1 44 GLU 44 119 119 GLU GLU A . n 
A 1 45 MET 45 120 120 MET MET A . n 
A 1 46 LEU 46 121 121 LEU LEU A . n 
A 1 47 ASN 47 122 122 ASN ASN A . n 
A 1 48 GLN 48 123 123 GLN GLN A . n 
A 1 49 GLY 49 124 124 GLY GLY A . n 
A 1 50 ILE 50 125 125 ILE ILE A . n 
A 1 51 SER 51 126 126 SER SER A . n 
A 1 52 THR 52 127 127 THR THR A . n 
A 1 53 LYS 53 128 128 LYS LYS A . n 
A 1 54 THR 54 129 129 THR THR A . n 
A 1 55 ALA 55 130 130 ALA ALA A . n 
A 1 56 PHE 56 131 131 PHE PHE A . n 
A 1 57 ALA 57 132 132 ALA ALA A . n 
A 1 58 THR 58 133 133 THR THR A . n 
A 1 59 VAL 59 134 134 VAL VAL A . n 
A 1 60 ALA 60 135 135 ALA ALA A . n 
A 1 61 GLY 61 136 136 GLY GLY A . n 
A 1 62 HIS 62 137 137 HIS HIS A . n 
A 1 63 TYR 63 138 138 TYR TYR A . n 
A 1 64 GLN 64 139 139 GLN GLN A . n 
A 1 65 VAL 65 140 140 VAL VAL A . n 
A 1 66 SER 66 141 141 SER SER A . n 
A 1 67 ALA 67 142 142 ALA ALA A . n 
A 1 68 SER 68 143 143 SER SER A . n 
A 1 69 THR 69 144 144 THR THR A . n 
A 1 70 LEU 70 145 145 LEU LEU A . n 
A 1 71 ARG 71 146 146 ARG ARG A . n 
A 1 72 ASP 72 147 147 ASP ASP A . n 
A 1 73 LYS 73 148 148 LYS LYS A . n 
A 1 74 TYR 74 149 149 TYR TYR A . n 
A 1 75 TYR 75 150 150 TYR TYR A . n 
A 1 76 GLN 76 151 151 GLN GLN A . n 
A 1 77 VAL 77 152 152 VAL VAL A . n 
A 1 78 GLN 78 153 153 GLN GLN A . n 
A 1 79 LYS 79 154 154 LYS LYS A . n 
A 1 80 PHE 80 155 155 PHE PHE A . n 
A 1 81 ALA 81 156 156 ALA ALA A . n 
A 1 82 LYS 82 157 157 LYS LYS A . n 
A 1 83 PRO 83 158 158 PRO PRO A . n 
A 1 84 ASP 84 159 159 ASP ASP A . n 
A 1 85 TRP 85 160 160 TRP TRP A . n 
A 1 86 ALA 86 161 161 ALA ALA A . n 
A 1 87 ALA 87 162 162 ALA ALA A . n 
A 1 88 ALA 88 163 163 ALA ALA A . n 
A 1 89 LEU 89 164 164 LEU LEU A . n 
A 1 90 VAL 90 165 165 VAL VAL A . n 
A 1 91 ASP 91 166 166 ASP ASP A . n 
A 1 92 GLY 92 167 167 GLY GLY A . n 
A 1 93 ARG 93 168 168 ARG ARG A . n 
A 1 94 GLY 94 169 ?   ?   ?   A . n 
A 1 95 ALA 95 170 ?   ?   ?   A . n 
A 1 96 SER 96 171 ?   ?   ?   A . n 
A 1 97 ARG 97 172 ?   ?   ?   A . n 
A 1 98 ARG 98 173 ?   ?   ?   A . n 
A 1 99 ASN 99 174 ?   ?   ?   A . n 
# 
loop_
_software.name 
_software.classification 
_software.version 
_software.citation_id 
_software.pdbx_ordinal 
X-PLOR 'model building' 3.1 ? 1 
X-PLOR refinement       3.1 ? 2 
X-PLOR phasing          3.1 ? 3 
# 
_cell.entry_id           2EZK 
_cell.length_a           1.000 
_cell.length_b           1.000 
_cell.length_c           1.000 
_cell.angle_alpha        90.00 
_cell.angle_beta         90.00 
_cell.angle_gamma        90.00 
_cell.Z_PDB              1 
_cell.pdbx_unique_axis   ? 
# 
_symmetry.entry_id                         2EZK 
_symmetry.space_group_name_H-M             'P 1' 
_symmetry.pdbx_full_space_group_name_H-M   ? 
_symmetry.cell_setting                     ? 
_symmetry.Int_Tables_number                1 
# 
_exptl.entry_id          2EZK 
_exptl.method            'SOLUTION NMR' 
_exptl.crystals_number   ? 
# 
_struct.entry_id                  2EZK 
_struct.title                     
'SOLUTION NMR STRUCTURE OF THE IBETA SUBDOMAIN OF THE MU END DNA BINDING DOMAIN OF PHAGE MU TRANSPOSASE, REGULARIZED MEAN STRUCTURE' 
_struct.pdbx_model_details        ? 
_struct.pdbx_CASP_flag            ? 
_struct.pdbx_model_type_details   ? 
# 
_struct_keywords.entry_id        2EZK 
_struct_keywords.pdbx_keywords   'DNA BINDING PROTEIN' 
_struct_keywords.text            'DNA-BINDING PROTEIN, TRANSPOSITION, TRANSPOSABLE ELEMENT, DNA BINDING PROTEIN' 
# 
_struct_asym.id                            A 
_struct_asym.pdbx_blank_PDB_chainid_flag   Y 
_struct_asym.pdbx_modified                 N 
_struct_asym.entity_id                     1 
_struct_asym.details                       ? 
# 
_struct_ref.id                         1 
_struct_ref.db_name                    UNP 
_struct_ref.db_code                    TRA_BPMU 
_struct_ref.entity_id                  1 
_struct_ref.pdbx_db_accession          P07636 
_struct_ref.pdbx_align_begin           1 
_struct_ref.pdbx_seq_one_letter_code   
;MELWVSPKECANLPGLPKTSAGVIYVAKKQGWQNRTRAGVKGGKAIEYNANSLPVEAKAALLLRQGEIETSLGYFEIARP
TLEAHDYDREALWSKWDNASDSQRRLAEKWLPAVQAADEMLNQGISTKTAFATVAGHYQVSASTLRDKYYQVQKFAKPDW
AAALVDGRGASRRNVHKSEFDEDAWQFLIADYLRPEKPAFRKCYERLELAAREHGWSIPSRATAFRRIQQLDEAMVVACR
EGEHALMHLIPAQQRTVEHLDAMQWINGDGYLHNVFVRWFNGDVIRPKTWFWQDVKTRKILGWRCDVSENIDSIRLSFMD
VVTRYGIPEDFHITIDNTRGAANKWLTGGAPNRYRFKVKEDDPKGLFLLMGAKMHWTSVVAGKGWGQAKPVERAFGVGGL
EEYVDKHPALAGAYTGPNPQAKPDNYGDRAVDAELFLKTLAEGVAMFNARTGRETEMCGGKLSFDDVFEREYARTIVRKP
TEEQKRMLLLPAEAVNVSRKGEFTLKVGGSLKGAKNVYYNMALMNAGVKKVVVRFDPQQLHSTVYCYTLDGRFICEAECL
APVAFNDAAAGREYRRRQKQLKSATKAAIKAQKQMDALEVAELLPQIAEPAAPESRIVGIFRPSGNTERVKNQERDDEYE
TERDEYLNHSLDILEQNRRKKAI
;
_struct_ref.pdbx_db_isoform            ? 
# 
_struct_ref_seq.align_id                      1 
_struct_ref_seq.ref_id                        1 
_struct_ref_seq.pdbx_PDB_id_code              2EZK 
_struct_ref_seq.pdbx_strand_id                A 
_struct_ref_seq.seq_align_beg                 2 
_struct_ref_seq.pdbx_seq_align_beg_ins_code   ? 
_struct_ref_seq.seq_align_end                 99 
_struct_ref_seq.pdbx_seq_align_end_ins_code   ? 
_struct_ref_seq.pdbx_db_accession             P07636 
_struct_ref_seq.db_align_beg                  77 
_struct_ref_seq.pdbx_db_align_beg_ins_code    ? 
_struct_ref_seq.db_align_end                  174 
_struct_ref_seq.pdbx_db_align_end_ins_code    ? 
_struct_ref_seq.pdbx_auth_seq_align_beg       77 
_struct_ref_seq.pdbx_auth_seq_align_end       174 
# 
_pdbx_struct_assembly.id                   1 
_pdbx_struct_assembly.details              author_defined_assembly 
_pdbx_struct_assembly.method_details       ? 
_pdbx_struct_assembly.oligomeric_details   monomeric 
_pdbx_struct_assembly.oligomeric_count     1 
# 
_pdbx_struct_assembly_gen.assembly_id       1 
_pdbx_struct_assembly_gen.oper_expression   1 
_pdbx_struct_assembly_gen.asym_id_list      A 
# 
_pdbx_struct_oper_list.id                   1 
_pdbx_struct_oper_list.type                 'identity operation' 
_pdbx_struct_oper_list.name                 1_555 
_pdbx_struct_oper_list.symmetry_operation   x,y,z 
_pdbx_struct_oper_list.matrix[1][1]         1.0000000000 
_pdbx_struct_oper_list.matrix[1][2]         0.0000000000 
_pdbx_struct_oper_list.matrix[1][3]         0.0000000000 
_pdbx_struct_oper_list.vector[1]            0.0000000000 
_pdbx_struct_oper_list.matrix[2][1]         0.0000000000 
_pdbx_struct_oper_list.matrix[2][2]         1.0000000000 
_pdbx_struct_oper_list.matrix[2][3]         0.0000000000 
_pdbx_struct_oper_list.vector[2]            0.0000000000 
_pdbx_struct_oper_list.matrix[3][1]         0.0000000000 
_pdbx_struct_oper_list.matrix[3][2]         0.0000000000 
_pdbx_struct_oper_list.matrix[3][3]         1.0000000000 
_pdbx_struct_oper_list.vector[3]            0.0000000000 
# 
_struct_biol.id   1 
# 
loop_
_struct_conf.conf_type_id 
_struct_conf.id 
_struct_conf.pdbx_PDB_helix_id 
_struct_conf.beg_label_comp_id 
_struct_conf.beg_label_asym_id 
_struct_conf.beg_label_seq_id 
_struct_conf.pdbx_beg_PDB_ins_code 
_struct_conf.end_label_comp_id 
_struct_conf.end_label_asym_id 
_struct_conf.end_label_seq_id 
_struct_conf.pdbx_end_PDB_ins_code 
_struct_conf.beg_auth_comp_id 
_struct_conf.beg_auth_asym_id 
_struct_conf.beg_auth_seq_id 
_struct_conf.end_auth_comp_id 
_struct_conf.end_auth_asym_id 
_struct_conf.end_auth_seq_id 
_struct_conf.pdbx_PDB_helix_class 
_struct_conf.details 
_struct_conf.pdbx_PDB_helix_length 
HELX_P HELX_P1 1 GLU A 15 ? ASN A 23 ? GLU A 90  ASN A 98  1 ? 9  
HELX_P HELX_P2 2 ASP A 26 ? ASN A 47 ? ASP A 101 ASN A 122 1 ? 22 
HELX_P HELX_P3 3 THR A 52 ? HIS A 62 ? THR A 127 HIS A 137 1 ? 11 
HELX_P HELX_P4 4 ALA A 67 ? LYS A 79 ? ALA A 142 LYS A 154 1 ? 13 
HELX_P HELX_P5 5 LYS A 82 ? VAL A 90 ? LYS A 157 VAL A 165 1 ? 9  
# 
_struct_conf_type.id          HELX_P 
_struct_conf_type.criteria    ? 
_struct_conf_type.reference   ? 
# 
loop_
_pdbx_validate_close_contact.id 
_pdbx_validate_close_contact.PDB_model_num 
_pdbx_validate_close_contact.auth_atom_id_1 
_pdbx_validate_close_contact.auth_asym_id_1 
_pdbx_validate_close_contact.auth_comp_id_1 
_pdbx_validate_close_contact.auth_seq_id_1 
_pdbx_validate_close_contact.PDB_ins_code_1 
_pdbx_validate_close_contact.label_alt_id_1 
_pdbx_validate_close_contact.auth_atom_id_2 
_pdbx_validate_close_contact.auth_asym_id_2 
_pdbx_validate_close_contact.auth_comp_id_2 
_pdbx_validate_close_contact.auth_seq_id_2 
_pdbx_validate_close_contact.PDB_ins_code_2 
_pdbx_validate_close_contact.label_alt_id_2 
_pdbx_validate_close_contact.dist 
1 1 O A ARG 89 ? ? H    A TRP 93 ? ? 1.53 
2 1 O A GLU 90 ? ? H    A SER 94 ? ? 1.58 
3 1 O A TYR 87 ? ? HH21 A ARG 89 ? ? 1.59 
# 
loop_
_pdbx_validate_torsion.id 
_pdbx_validate_torsion.PDB_model_num 
_pdbx_validate_torsion.auth_comp_id 
_pdbx_validate_torsion.auth_asym_id 
_pdbx_validate_torsion.auth_seq_id 
_pdbx_validate_torsion.PDB_ins_code 
_pdbx_validate_torsion.label_alt_id 
_pdbx_validate_torsion.phi 
_pdbx_validate_torsion.psi 
1 1 ALA A 78 ? ? -51.29  -116.53 
2 1 PRO A 80 ? ? -105.06 -167.04 
3 1 HIS A 85 ? ? -176.59 128.62  
# 
loop_
_pdbx_validate_planes.id 
_pdbx_validate_planes.PDB_model_num 
_pdbx_validate_planes.auth_comp_id 
_pdbx_validate_planes.auth_asym_id 
_pdbx_validate_planes.auth_seq_id 
_pdbx_validate_planes.PDB_ins_code 
_pdbx_validate_planes.label_alt_id 
_pdbx_validate_planes.rmsd 
_pdbx_validate_planes.type 
1 1 ARG A 146 ? ? 0.091 'SIDE CHAIN' 
2 1 ARG A 168 ? ? 0.141 'SIDE CHAIN' 
# 
_pdbx_nmr_ensemble.entry_id                             2EZK 
_pdbx_nmr_ensemble.conformers_calculated_total_number   29 
_pdbx_nmr_ensemble.conformers_submitted_total_number    1 
_pdbx_nmr_ensemble.conformer_selection_criteria         'REGULARIZED MEAN STRUCTURE' 
# 
_pdbx_nmr_exptl_sample_conditions.conditions_id       1 
_pdbx_nmr_exptl_sample_conditions.temperature         303 
_pdbx_nmr_exptl_sample_conditions.pressure            ? 
_pdbx_nmr_exptl_sample_conditions.pH                  6.3 
_pdbx_nmr_exptl_sample_conditions.ionic_strength      ? 
_pdbx_nmr_exptl_sample_conditions.pressure_units      . 
_pdbx_nmr_exptl_sample_conditions.temperature_units   K 
# 
loop_
_pdbx_nmr_exptl.experiment_id 
_pdbx_nmr_exptl.conditions_id 
_pdbx_nmr_exptl.type 
_pdbx_nmr_exptl.solution_id 
1  1 'TRIPLE RESONANCE FOR ASSIGNMENT OF PROTEIN: CBCA(CO)NH'                                        1 
2  1 CBCANH                                                                                          1 
3  1 'HBHA(CO)NH'                                                                                    1 
4  1 'C(CO)NH'                                                                                       1 
5  1 'H(CCO)NH'                                                                                      1 
6  1 HCCH-COSY                                                                                       1 
7  1 HCCH-TOCSY                                                                                      1 
8  1 HNHA                                                                                            1 
9  1 '15N-SEPARATED HOHAHA; QUANTITATIVE J CORRELATION FOR COUPLING CONSTANTS; 3D 15N-SEPARATED NOE' 1 
10 1 '3D 13C-SEPARATED NOE AND ROE'                                                                  1 
11 1 '4D 15N/13C-SEPARATED NOE'                                                                      1 
12 1 '4D 13C/13C-SEPARATED NOE EXPERIMENTS'                                                          1 
# 
_pdbx_nmr_refine.entry_id           2EZK 
_pdbx_nmr_refine.method             'simulated annealing' 
_pdbx_nmr_refine.details            
;THE 3D STRUCTURE OF THE IBETA SUBDOMAIN OF MU A TRANSPOSASE
WAS SOLVED BY MULTI-DIMENSIONAL HETERONUCLEAR  NMR  AND
IS BASED ON 1446 EXPERIMENTAL NMR RESTRAINTS:
255 SEQUENTIAL (|I- J|=1), 220 MEDIUM RANGE (1 < |I-J| <=5)
AND 252 LONG RANGE (|I-J| >5) INTERRESIDUES AND 234
INTRARESIDUE APPROXIMATE INTERPROTON DISTANCE RESTRAINTS;
52 DISTANCE RESTRAINTS FOR 26 BACKBONE H-BONDS;.
153 TORSION ANGLE  RESTRAINTS
(94 PHI, 8 PSI, 36 CHI1 AND 15 CHI2);
58 THREE-BOND HN-HA COUPLING CONSTANT RESTRAINTS; AND 180
(92 CALPHA AND 88 CBETA) 13C SHIFT RESTRAINTS.

THE STRUCTURES WERE CALCULATED USING THE SIMULATED
ANNEALING PROTOCOL OF NILGES ET AL. (1988) FEBS LETT. 229,
129-136 USING THE PROGRAM X-PLOR 3.1 (BRUNGER) MODIFIED TO
INCORPORATE COUPLING CONSTANT (GARRETT ET AL. (1984) J.
MAGN. RESON. SERIES B 104, 99-103) AND CARBON CHEMICAL
SHIFT (KUSZEWSKI ET AL. (1995) J. MAGN. RESON. SERIES B
106, 92-96) RESTRAINTS, AND A CONFORMATIONAL DATABASE
POTENTIAL (KUSZEWSKI ET AL.(1996) PROTEIN SCI. 5,
1067-1080; KUSZEWSKI ET AL. (1997) J. MAGN. RESON 125,
171-177).

THE RESTRAINED REGULARIZED MEAN STRUCTURE IS PRESENTED IN
ENTRY 2EZK AND 29 STRUCTURES ARE PRESENTED IN ENTRY 2EZL,
AND THE EXPERIMENTAL RESTRAINTS IN R2EZKMR.  IN THE
RESTRAINED REGULARIZED MEAN COORDINATES (2EZK) THE LAST
COLUMN REPRESENTS THE AVERAGE RMS DIFFERENCE BETWEEN THE
INDIVIDUAL SIMULATED ANNEALING STRUCTURES AND THE MEAN
COORDINATE POSITIONS.  THE LAST COLUMN IN THE INDIVIDUAL SA
THE STRUCTURES (2EZI) HAS NO MEANING.  BEST FITTING TO
GENERATE AVERAGE STRUCTURE IS WITH RESPECT TO RESIDUES 89 -
166.  RESIDUES 76 - 88 AND 167 - 174 AT THE N- AND
C-TERMINI ARE POORLY DEFINED BY THE EXPERIMENTAL DATA.
NOTE THE OCCUPANCY FIELD HAS NO MEANING.

RMSD IN BONDS,ANGLES,IMPROPERS,CDIH,NOE,COUP:
2808E-03,0.871524,1.02906,0.295155,2.337017E-02,0.902726

SHIFTS RMS A, B: 1.04343, 1.11143
;
_pdbx_nmr_refine.software_ordinal   1 
# 
loop_
_pdbx_nmr_software.classification 
_pdbx_nmr_software.name 
_pdbx_nmr_software.version 
_pdbx_nmr_software.authors 
_pdbx_nmr_software.ordinal 
'structure solution' 'X-PLOR (SEE ABOVE)' 'ABOVE)' ? 1 
refinement           'X-PLOR (SEE ABOVE)' 'ABOVE)' ? 2 
# 
loop_
_pdbx_unobs_or_zero_occ_residues.id 
_pdbx_unobs_or_zero_occ_residues.PDB_model_num 
_pdbx_unobs_or_zero_occ_residues.polymer_flag 
_pdbx_unobs_or_zero_occ_residues.occupancy_flag 
_pdbx_unobs_or_zero_occ_residues.auth_asym_id 
_pdbx_unobs_or_zero_occ_residues.auth_comp_id 
_pdbx_unobs_or_zero_occ_residues.auth_seq_id 
_pdbx_unobs_or_zero_occ_residues.PDB_ins_code 
_pdbx_unobs_or_zero_occ_residues.label_asym_id 
_pdbx_unobs_or_zero_occ_residues.label_comp_id 
_pdbx_unobs_or_zero_occ_residues.label_seq_id 
1 1 Y 1 A GLY 169 ? A GLY 94 
2 1 Y 1 A ALA 170 ? A ALA 95 
3 1 Y 1 A SER 171 ? A SER 96 
4 1 Y 1 A ARG 172 ? A ARG 97 
5 1 Y 1 A ARG 173 ? A ARG 98 
6 1 Y 1 A ASN 174 ? A ASN 99 
# 
loop_
_chem_comp_atom.comp_id 
_chem_comp_atom.atom_id 
_chem_comp_atom.type_symbol 
_chem_comp_atom.pdbx_aromatic_flag 
_chem_comp_atom.pdbx_stereo_config 
_chem_comp_atom.pdbx_ordinal 
ALA N    N N N 1   
ALA CA   C N S 2   
ALA C    C N N 3   
ALA O    O N N 4   
ALA CB   C N N 5   
ALA OXT  O N N 6   
ALA H    H N N 7   
ALA H2   H N N 8   
ALA HA   H N N 9   
ALA HB1  H N N 10  
ALA HB2  H N N 11  
ALA HB3  H N N 12  
ALA HXT  H N N 13  
ARG N    N N N 14  
ARG CA   C N S 15  
ARG C    C N N 16  
ARG O    O N N 17  
ARG CB   C N N 18  
ARG CG   C N N 19  
ARG CD   C N N 20  
ARG NE   N N N 21  
ARG CZ   C N N 22  
ARG NH1  N N N 23  
ARG NH2  N N N 24  
ARG OXT  O N N 25  
ARG H    H N N 26  
ARG H2   H N N 27  
ARG HA   H N N 28  
ARG HB2  H N N 29  
ARG HB3  H N N 30  
ARG HG2  H N N 31  
ARG HG3  H N N 32  
ARG HD2  H N N 33  
ARG HD3  H N N 34  
ARG HE   H N N 35  
ARG HH11 H N N 36  
ARG HH12 H N N 37  
ARG HH21 H N N 38  
ARG HH22 H N N 39  
ARG HXT  H N N 40  
ASN N    N N N 41  
ASN CA   C N S 42  
ASN C    C N N 43  
ASN O    O N N 44  
ASN CB   C N N 45  
ASN CG   C N N 46  
ASN OD1  O N N 47  
ASN ND2  N N N 48  
ASN OXT  O N N 49  
ASN H    H N N 50  
ASN H2   H N N 51  
ASN HA   H N N 52  
ASN HB2  H N N 53  
ASN HB3  H N N 54  
ASN HD21 H N N 55  
ASN HD22 H N N 56  
ASN HXT  H N N 57  
ASP N    N N N 58  
ASP CA   C N S 59  
ASP C    C N N 60  
ASP O    O N N 61  
ASP CB   C N N 62  
ASP CG   C N N 63  
ASP OD1  O N N 64  
ASP OD2  O N N 65  
ASP OXT  O N N 66  
ASP H    H N N 67  
ASP H2   H N N 68  
ASP HA   H N N 69  
ASP HB2  H N N 70  
ASP HB3  H N N 71  
ASP HD2  H N N 72  
ASP HXT  H N N 73  
GLN N    N N N 74  
GLN CA   C N S 75  
GLN C    C N N 76  
GLN O    O N N 77  
GLN CB   C N N 78  
GLN CG   C N N 79  
GLN CD   C N N 80  
GLN OE1  O N N 81  
GLN NE2  N N N 82  
GLN OXT  O N N 83  
GLN H    H N N 84  
GLN H2   H N N 85  
GLN HA   H N N 86  
GLN HB2  H N N 87  
GLN HB3  H N N 88  
GLN HG2  H N N 89  
GLN HG3  H N N 90  
GLN HE21 H N N 91  
GLN HE22 H N N 92  
GLN HXT  H N N 93  
GLU N    N N N 94  
GLU CA   C N S 95  
GLU C    C N N 96  
GLU O    O N N 97  
GLU CB   C N N 98  
GLU CG   C N N 99  
GLU CD   C N N 100 
GLU OE1  O N N 101 
GLU OE2  O N N 102 
GLU OXT  O N N 103 
GLU H    H N N 104 
GLU H2   H N N 105 
GLU HA   H N N 106 
GLU HB2  H N N 107 
GLU HB3  H N N 108 
GLU HG2  H N N 109 
GLU HG3  H N N 110 
GLU HE2  H N N 111 
GLU HXT  H N N 112 
GLY N    N N N 113 
GLY CA   C N N 114 
GLY C    C N N 115 
GLY O    O N N 116 
GLY OXT  O N N 117 
GLY H    H N N 118 
GLY H2   H N N 119 
GLY HA2  H N N 120 
GLY HA3  H N N 121 
GLY HXT  H N N 122 
HIS N    N N N 123 
HIS CA   C N S 124 
HIS C    C N N 125 
HIS O    O N N 126 
HIS CB   C N N 127 
HIS CG   C Y N 128 
HIS ND1  N Y N 129 
HIS CD2  C Y N 130 
HIS CE1  C Y N 131 
HIS NE2  N Y N 132 
HIS OXT  O N N 133 
HIS H    H N N 134 
HIS H2   H N N 135 
HIS HA   H N N 136 
HIS HB2  H N N 137 
HIS HB3  H N N 138 
HIS HD1  H N N 139 
HIS HD2  H N N 140 
HIS HE1  H N N 141 
HIS HE2  H N N 142 
HIS HXT  H N N 143 
ILE N    N N N 144 
ILE CA   C N S 145 
ILE C    C N N 146 
ILE O    O N N 147 
ILE CB   C N S 148 
ILE CG1  C N N 149 
ILE CG2  C N N 150 
ILE CD1  C N N 151 
ILE OXT  O N N 152 
ILE H    H N N 153 
ILE H2   H N N 154 
ILE HA   H N N 155 
ILE HB   H N N 156 
ILE HG12 H N N 157 
ILE HG13 H N N 158 
ILE HG21 H N N 159 
ILE HG22 H N N 160 
ILE HG23 H N N 161 
ILE HD11 H N N 162 
ILE HD12 H N N 163 
ILE HD13 H N N 164 
ILE HXT  H N N 165 
LEU N    N N N 166 
LEU CA   C N S 167 
LEU C    C N N 168 
LEU O    O N N 169 
LEU CB   C N N 170 
LEU CG   C N N 171 
LEU CD1  C N N 172 
LEU CD2  C N N 173 
LEU OXT  O N N 174 
LEU H    H N N 175 
LEU H2   H N N 176 
LEU HA   H N N 177 
LEU HB2  H N N 178 
LEU HB3  H N N 179 
LEU HG   H N N 180 
LEU HD11 H N N 181 
LEU HD12 H N N 182 
LEU HD13 H N N 183 
LEU HD21 H N N 184 
LEU HD22 H N N 185 
LEU HD23 H N N 186 
LEU HXT  H N N 187 
LYS N    N N N 188 
LYS CA   C N S 189 
LYS C    C N N 190 
LYS O    O N N 191 
LYS CB   C N N 192 
LYS CG   C N N 193 
LYS CD   C N N 194 
LYS CE   C N N 195 
LYS NZ   N N N 196 
LYS OXT  O N N 197 
LYS H    H N N 198 
LYS H2   H N N 199 
LYS HA   H N N 200 
LYS HB2  H N N 201 
LYS HB3  H N N 202 
LYS HG2  H N N 203 
LYS HG3  H N N 204 
LYS HD2  H N N 205 
LYS HD3  H N N 206 
LYS HE2  H N N 207 
LYS HE3  H N N 208 
LYS HZ1  H N N 209 
LYS HZ2  H N N 210 
LYS HZ3  H N N 211 
LYS HXT  H N N 212 
MET N    N N N 213 
MET CA   C N S 214 
MET C    C N N 215 
MET O    O N N 216 
MET CB   C N N 217 
MET CG   C N N 218 
MET SD   S N N 219 
MET CE   C N N 220 
MET OXT  O N N 221 
MET H    H N N 222 
MET H2   H N N 223 
MET HA   H N N 224 
MET HB2  H N N 225 
MET HB3  H N N 226 
MET HG2  H N N 227 
MET HG3  H N N 228 
MET HE1  H N N 229 
MET HE2  H N N 230 
MET HE3  H N N 231 
MET HXT  H N N 232 
PHE N    N N N 233 
PHE CA   C N S 234 
PHE C    C N N 235 
PHE O    O N N 236 
PHE CB   C N N 237 
PHE CG   C Y N 238 
PHE CD1  C Y N 239 
PHE CD2  C Y N 240 
PHE CE1  C Y N 241 
PHE CE2  C Y N 242 
PHE CZ   C Y N 243 
PHE OXT  O N N 244 
PHE H    H N N 245 
PHE H2   H N N 246 
PHE HA   H N N 247 
PHE HB2  H N N 248 
PHE HB3  H N N 249 
PHE HD1  H N N 250 
PHE HD2  H N N 251 
PHE HE1  H N N 252 
PHE HE2  H N N 253 
PHE HZ   H N N 254 
PHE HXT  H N N 255 
PRO N    N N N 256 
PRO CA   C N S 257 
PRO C    C N N 258 
PRO O    O N N 259 
PRO CB   C N N 260 
PRO CG   C N N 261 
PRO CD   C N N 262 
PRO OXT  O N N 263 
PRO H    H N N 264 
PRO HA   H N N 265 
PRO HB2  H N N 266 
PRO HB3  H N N 267 
PRO HG2  H N N 268 
PRO HG3  H N N 269 
PRO HD2  H N N 270 
PRO HD3  H N N 271 
PRO HXT  H N N 272 
SER N    N N N 273 
SER CA   C N S 274 
SER C    C N N 275 
SER O    O N N 276 
SER CB   C N N 277 
SER OG   O N N 278 
SER OXT  O N N 279 
SER H    H N N 280 
SER H2   H N N 281 
SER HA   H N N 282 
SER HB2  H N N 283 
SER HB3  H N N 284 
SER HG   H N N 285 
SER HXT  H N N 286 
THR N    N N N 287 
THR CA   C N S 288 
THR C    C N N 289 
THR O    O N N 290 
THR CB   C N R 291 
THR OG1  O N N 292 
THR CG2  C N N 293 
THR OXT  O N N 294 
THR H    H N N 295 
THR H2   H N N 296 
THR HA   H N N 297 
THR HB   H N N 298 
THR HG1  H N N 299 
THR HG21 H N N 300 
THR HG22 H N N 301 
THR HG23 H N N 302 
THR HXT  H N N 303 
TRP N    N N N 304 
TRP CA   C N S 305 
TRP C    C N N 306 
TRP O    O N N 307 
TRP CB   C N N 308 
TRP CG   C Y N 309 
TRP CD1  C Y N 310 
TRP CD2  C Y N 311 
TRP NE1  N Y N 312 
TRP CE2  C Y N 313 
TRP CE3  C Y N 314 
TRP CZ2  C Y N 315 
TRP CZ3  C Y N 316 
TRP CH2  C Y N 317 
TRP OXT  O N N 318 
TRP H    H N N 319 
TRP H2   H N N 320 
TRP HA   H N N 321 
TRP HB2  H N N 322 
TRP HB3  H N N 323 
TRP HD1  H N N 324 
TRP HE1  H N N 325 
TRP HE3  H N N 326 
TRP HZ2  H N N 327 
TRP HZ3  H N N 328 
TRP HH2  H N N 329 
TRP HXT  H N N 330 
TYR N    N N N 331 
TYR CA   C N S 332 
TYR C    C N N 333 
TYR O    O N N 334 
TYR CB   C N N 335 
TYR CG   C Y N 336 
TYR CD1  C Y N 337 
TYR CD2  C Y N 338 
TYR CE1  C Y N 339 
TYR CE2  C Y N 340 
TYR CZ   C Y N 341 
TYR OH   O N N 342 
TYR OXT  O N N 343 
TYR H    H N N 344 
TYR H2   H N N 345 
TYR HA   H N N 346 
TYR HB2  H N N 347 
TYR HB3  H N N 348 
TYR HD1  H N N 349 
TYR HD2  H N N 350 
TYR HE1  H N N 351 
TYR HE2  H N N 352 
TYR HH   H N N 353 
TYR HXT  H N N 354 
VAL N    N N N 355 
VAL CA   C N S 356 
VAL C    C N N 357 
VAL O    O N N 358 
VAL CB   C N N 359 
VAL CG1  C N N 360 
VAL CG2  C N N 361 
VAL OXT  O N N 362 
VAL H    H N N 363 
VAL H2   H N N 364 
VAL HA   H N N 365 
VAL HB   H N N 366 
VAL HG11 H N N 367 
VAL HG12 H N N 368 
VAL HG13 H N N 369 
VAL HG21 H N N 370 
VAL HG22 H N N 371 
VAL HG23 H N N 372 
VAL HXT  H N N 373 
# 
loop_
_chem_comp_bond.comp_id 
_chem_comp_bond.atom_id_1 
_chem_comp_bond.atom_id_2 
_chem_comp_bond.value_order 
_chem_comp_bond.pdbx_aromatic_flag 
_chem_comp_bond.pdbx_stereo_config 
_chem_comp_bond.pdbx_ordinal 
ALA N   CA   sing N N 1   
ALA N   H    sing N N 2   
ALA N   H2   sing N N 3   
ALA CA  C    sing N N 4   
ALA CA  CB   sing N N 5   
ALA CA  HA   sing N N 6   
ALA C   O    doub N N 7   
ALA C   OXT  sing N N 8   
ALA CB  HB1  sing N N 9   
ALA CB  HB2  sing N N 10  
ALA CB  HB3  sing N N 11  
ALA OXT HXT  sing N N 12  
ARG N   CA   sing N N 13  
ARG N   H    sing N N 14  
ARG N   H2   sing N N 15  
ARG CA  C    sing N N 16  
ARG CA  CB   sing N N 17  
ARG CA  HA   sing N N 18  
ARG C   O    doub N N 19  
ARG C   OXT  sing N N 20  
ARG CB  CG   sing N N 21  
ARG CB  HB2  sing N N 22  
ARG CB  HB3  sing N N 23  
ARG CG  CD   sing N N 24  
ARG CG  HG2  sing N N 25  
ARG CG  HG3  sing N N 26  
ARG CD  NE   sing N N 27  
ARG CD  HD2  sing N N 28  
ARG CD  HD3  sing N N 29  
ARG NE  CZ   sing N N 30  
ARG NE  HE   sing N N 31  
ARG CZ  NH1  sing N N 32  
ARG CZ  NH2  doub N N 33  
ARG NH1 HH11 sing N N 34  
ARG NH1 HH12 sing N N 35  
ARG NH2 HH21 sing N N 36  
ARG NH2 HH22 sing N N 37  
ARG OXT HXT  sing N N 38  
ASN N   CA   sing N N 39  
ASN N   H    sing N N 40  
ASN N   H2   sing N N 41  
ASN CA  C    sing N N 42  
ASN CA  CB   sing N N 43  
ASN CA  HA   sing N N 44  
ASN C   O    doub N N 45  
ASN C   OXT  sing N N 46  
ASN CB  CG   sing N N 47  
ASN CB  HB2  sing N N 48  
ASN CB  HB3  sing N N 49  
ASN CG  OD1  doub N N 50  
ASN CG  ND2  sing N N 51  
ASN ND2 HD21 sing N N 52  
ASN ND2 HD22 sing N N 53  
ASN OXT HXT  sing N N 54  
ASP N   CA   sing N N 55  
ASP N   H    sing N N 56  
ASP N   H2   sing N N 57  
ASP CA  C    sing N N 58  
ASP CA  CB   sing N N 59  
ASP CA  HA   sing N N 60  
ASP C   O    doub N N 61  
ASP C   OXT  sing N N 62  
ASP CB  CG   sing N N 63  
ASP CB  HB2  sing N N 64  
ASP CB  HB3  sing N N 65  
ASP CG  OD1  doub N N 66  
ASP CG  OD2  sing N N 67  
ASP OD2 HD2  sing N N 68  
ASP OXT HXT  sing N N 69  
GLN N   CA   sing N N 70  
GLN N   H    sing N N 71  
GLN N   H2   sing N N 72  
GLN CA  C    sing N N 73  
GLN CA  CB   sing N N 74  
GLN CA  HA   sing N N 75  
GLN C   O    doub N N 76  
GLN C   OXT  sing N N 77  
GLN CB  CG   sing N N 78  
GLN CB  HB2  sing N N 79  
GLN CB  HB3  sing N N 80  
GLN CG  CD   sing N N 81  
GLN CG  HG2  sing N N 82  
GLN CG  HG3  sing N N 83  
GLN CD  OE1  doub N N 84  
GLN CD  NE2  sing N N 85  
GLN NE2 HE21 sing N N 86  
GLN NE2 HE22 sing N N 87  
GLN OXT HXT  sing N N 88  
GLU N   CA   sing N N 89  
GLU N   H    sing N N 90  
GLU N   H2   sing N N 91  
GLU CA  C    sing N N 92  
GLU CA  CB   sing N N 93  
GLU CA  HA   sing N N 94  
GLU C   O    doub N N 95  
GLU C   OXT  sing N N 96  
GLU CB  CG   sing N N 97  
GLU CB  HB2  sing N N 98  
GLU CB  HB3  sing N N 99  
GLU CG  CD   sing N N 100 
GLU CG  HG2  sing N N 101 
GLU CG  HG3  sing N N 102 
GLU CD  OE1  doub N N 103 
GLU CD  OE2  sing N N 104 
GLU OE2 HE2  sing N N 105 
GLU OXT HXT  sing N N 106 
GLY N   CA   sing N N 107 
GLY N   H    sing N N 108 
GLY N   H2   sing N N 109 
GLY CA  C    sing N N 110 
GLY CA  HA2  sing N N 111 
GLY CA  HA3  sing N N 112 
GLY C   O    doub N N 113 
GLY C   OXT  sing N N 114 
GLY OXT HXT  sing N N 115 
HIS N   CA   sing N N 116 
HIS N   H    sing N N 117 
HIS N   H2   sing N N 118 
HIS CA  C    sing N N 119 
HIS CA  CB   sing N N 120 
HIS CA  HA   sing N N 121 
HIS C   O    doub N N 122 
HIS C   OXT  sing N N 123 
HIS CB  CG   sing N N 124 
HIS CB  HB2  sing N N 125 
HIS CB  HB3  sing N N 126 
HIS CG  ND1  sing Y N 127 
HIS CG  CD2  doub Y N 128 
HIS ND1 CE1  doub Y N 129 
HIS ND1 HD1  sing N N 130 
HIS CD2 NE2  sing Y N 131 
HIS CD2 HD2  sing N N 132 
HIS CE1 NE2  sing Y N 133 
HIS CE1 HE1  sing N N 134 
HIS NE2 HE2  sing N N 135 
HIS OXT HXT  sing N N 136 
ILE N   CA   sing N N 137 
ILE N   H    sing N N 138 
ILE N   H2   sing N N 139 
ILE CA  C    sing N N 140 
ILE CA  CB   sing N N 141 
ILE CA  HA   sing N N 142 
ILE C   O    doub N N 143 
ILE C   OXT  sing N N 144 
ILE CB  CG1  sing N N 145 
ILE CB  CG2  sing N N 146 
ILE CB  HB   sing N N 147 
ILE CG1 CD1  sing N N 148 
ILE CG1 HG12 sing N N 149 
ILE CG1 HG13 sing N N 150 
ILE CG2 HG21 sing N N 151 
ILE CG2 HG22 sing N N 152 
ILE CG2 HG23 sing N N 153 
ILE CD1 HD11 sing N N 154 
ILE CD1 HD12 sing N N 155 
ILE CD1 HD13 sing N N 156 
ILE OXT HXT  sing N N 157 
LEU N   CA   sing N N 158 
LEU N   H    sing N N 159 
LEU N   H2   sing N N 160 
LEU CA  C    sing N N 161 
LEU CA  CB   sing N N 162 
LEU CA  HA   sing N N 163 
LEU C   O    doub N N 164 
LEU C   OXT  sing N N 165 
LEU CB  CG   sing N N 166 
LEU CB  HB2  sing N N 167 
LEU CB  HB3  sing N N 168 
LEU CG  CD1  sing N N 169 
LEU CG  CD2  sing N N 170 
LEU CG  HG   sing N N 171 
LEU CD1 HD11 sing N N 172 
LEU CD1 HD12 sing N N 173 
LEU CD1 HD13 sing N N 174 
LEU CD2 HD21 sing N N 175 
LEU CD2 HD22 sing N N 176 
LEU CD2 HD23 sing N N 177 
LEU OXT HXT  sing N N 178 
LYS N   CA   sing N N 179 
LYS N   H    sing N N 180 
LYS N   H2   sing N N 181 
LYS CA  C    sing N N 182 
LYS CA  CB   sing N N 183 
LYS CA  HA   sing N N 184 
LYS C   O    doub N N 185 
LYS C   OXT  sing N N 186 
LYS CB  CG   sing N N 187 
LYS CB  HB2  sing N N 188 
LYS CB  HB3  sing N N 189 
LYS CG  CD   sing N N 190 
LYS CG  HG2  sing N N 191 
LYS CG  HG3  sing N N 192 
LYS CD  CE   sing N N 193 
LYS CD  HD2  sing N N 194 
LYS CD  HD3  sing N N 195 
LYS CE  NZ   sing N N 196 
LYS CE  HE2  sing N N 197 
LYS CE  HE3  sing N N 198 
LYS NZ  HZ1  sing N N 199 
LYS NZ  HZ2  sing N N 200 
LYS NZ  HZ3  sing N N 201 
LYS OXT HXT  sing N N 202 
MET N   CA   sing N N 203 
MET N   H    sing N N 204 
MET N   H2   sing N N 205 
MET CA  C    sing N N 206 
MET CA  CB   sing N N 207 
MET CA  HA   sing N N 208 
MET C   O    doub N N 209 
MET C   OXT  sing N N 210 
MET CB  CG   sing N N 211 
MET CB  HB2  sing N N 212 
MET CB  HB3  sing N N 213 
MET CG  SD   sing N N 214 
MET CG  HG2  sing N N 215 
MET CG  HG3  sing N N 216 
MET SD  CE   sing N N 217 
MET CE  HE1  sing N N 218 
MET CE  HE2  sing N N 219 
MET CE  HE3  sing N N 220 
MET OXT HXT  sing N N 221 
PHE N   CA   sing N N 222 
PHE N   H    sing N N 223 
PHE N   H2   sing N N 224 
PHE CA  C    sing N N 225 
PHE CA  CB   sing N N 226 
PHE CA  HA   sing N N 227 
PHE C   O    doub N N 228 
PHE C   OXT  sing N N 229 
PHE CB  CG   sing N N 230 
PHE CB  HB2  sing N N 231 
PHE CB  HB3  sing N N 232 
PHE CG  CD1  doub Y N 233 
PHE CG  CD2  sing Y N 234 
PHE CD1 CE1  sing Y N 235 
PHE CD1 HD1  sing N N 236 
PHE CD2 CE2  doub Y N 237 
PHE CD2 HD2  sing N N 238 
PHE CE1 CZ   doub Y N 239 
PHE CE1 HE1  sing N N 240 
PHE CE2 CZ   sing Y N 241 
PHE CE2 HE2  sing N N 242 
PHE CZ  HZ   sing N N 243 
PHE OXT HXT  sing N N 244 
PRO N   CA   sing N N 245 
PRO N   CD   sing N N 246 
PRO N   H    sing N N 247 
PRO CA  C    sing N N 248 
PRO CA  CB   sing N N 249 
PRO CA  HA   sing N N 250 
PRO C   O    doub N N 251 
PRO C   OXT  sing N N 252 
PRO CB  CG   sing N N 253 
PRO CB  HB2  sing N N 254 
PRO CB  HB3  sing N N 255 
PRO CG  CD   sing N N 256 
PRO CG  HG2  sing N N 257 
PRO CG  HG3  sing N N 258 
PRO CD  HD2  sing N N 259 
PRO CD  HD3  sing N N 260 
PRO OXT HXT  sing N N 261 
SER N   CA   sing N N 262 
SER N   H    sing N N 263 
SER N   H2   sing N N 264 
SER CA  C    sing N N 265 
SER CA  CB   sing N N 266 
SER CA  HA   sing N N 267 
SER C   O    doub N N 268 
SER C   OXT  sing N N 269 
SER CB  OG   sing N N 270 
SER CB  HB2  sing N N 271 
SER CB  HB3  sing N N 272 
SER OG  HG   sing N N 273 
SER OXT HXT  sing N N 274 
THR N   CA   sing N N 275 
THR N   H    sing N N 276 
THR N   H2   sing N N 277 
THR CA  C    sing N N 278 
THR CA  CB   sing N N 279 
THR CA  HA   sing N N 280 
THR C   O    doub N N 281 
THR C   OXT  sing N N 282 
THR CB  OG1  sing N N 283 
THR CB  CG2  sing N N 284 
THR CB  HB   sing N N 285 
THR OG1 HG1  sing N N 286 
THR CG2 HG21 sing N N 287 
THR CG2 HG22 sing N N 288 
THR CG2 HG23 sing N N 289 
THR OXT HXT  sing N N 290 
TRP N   CA   sing N N 291 
TRP N   H    sing N N 292 
TRP N   H2   sing N N 293 
TRP CA  C    sing N N 294 
TRP CA  CB   sing N N 295 
TRP CA  HA   sing N N 296 
TRP C   O    doub N N 297 
TRP C   OXT  sing N N 298 
TRP CB  CG   sing N N 299 
TRP CB  HB2  sing N N 300 
TRP CB  HB3  sing N N 301 
TRP CG  CD1  doub Y N 302 
TRP CG  CD2  sing Y N 303 
TRP CD1 NE1  sing Y N 304 
TRP CD1 HD1  sing N N 305 
TRP CD2 CE2  doub Y N 306 
TRP CD2 CE3  sing Y N 307 
TRP NE1 CE2  sing Y N 308 
TRP NE1 HE1  sing N N 309 
TRP CE2 CZ2  sing Y N 310 
TRP CE3 CZ3  doub Y N 311 
TRP CE3 HE3  sing N N 312 
TRP CZ2 CH2  doub Y N 313 
TRP CZ2 HZ2  sing N N 314 
TRP CZ3 CH2  sing Y N 315 
TRP CZ3 HZ3  sing N N 316 
TRP CH2 HH2  sing N N 317 
TRP OXT HXT  sing N N 318 
TYR N   CA   sing N N 319 
TYR N   H    sing N N 320 
TYR N   H2   sing N N 321 
TYR CA  C    sing N N 322 
TYR CA  CB   sing N N 323 
TYR CA  HA   sing N N 324 
TYR C   O    doub N N 325 
TYR C   OXT  sing N N 326 
TYR CB  CG   sing N N 327 
TYR CB  HB2  sing N N 328 
TYR CB  HB3  sing N N 329 
TYR CG  CD1  doub Y N 330 
TYR CG  CD2  sing Y N 331 
TYR CD1 CE1  sing Y N 332 
TYR CD1 HD1  sing N N 333 
TYR CD2 CE2  doub Y N 334 
TYR CD2 HD2  sing N N 335 
TYR CE1 CZ   doub Y N 336 
TYR CE1 HE1  sing N N 337 
TYR CE2 CZ   sing Y N 338 
TYR CE2 HE2  sing N N 339 
TYR CZ  OH   sing N N 340 
TYR OH  HH   sing N N 341 
TYR OXT HXT  sing N N 342 
VAL N   CA   sing N N 343 
VAL N   H    sing N N 344 
VAL N   H2   sing N N 345 
VAL CA  C    sing N N 346 
VAL CA  CB   sing N N 347 
VAL CA  HA   sing N N 348 
VAL C   O    doub N N 349 
VAL C   OXT  sing N N 350 
VAL CB  CG1  sing N N 351 
VAL CB  CG2  sing N N 352 
VAL CB  HB   sing N N 353 
VAL CG1 HG11 sing N N 354 
VAL CG1 HG12 sing N N 355 
VAL CG1 HG13 sing N N 356 
VAL CG2 HG21 sing N N 357 
VAL CG2 HG22 sing N N 358 
VAL CG2 HG23 sing N N 359 
VAL OXT HXT  sing N N 360 
# 
loop_
_pdbx_nmr_spectrometer.spectrometer_id 
_pdbx_nmr_spectrometer.model 
_pdbx_nmr_spectrometer.manufacturer 
_pdbx_nmr_spectrometer.field_strength 
1 AMX500 Bruker 500 
2 AMX600 Bruker 600 
# 
_atom_sites.entry_id                    2EZK 
_atom_sites.fract_transf_matrix[1][1]   1.000000 
_atom_sites.fract_transf_matrix[1][2]   0.000000 
_atom_sites.fract_transf_matrix[1][3]   0.000000 
_atom_sites.fract_transf_matrix[2][1]   0.000000 
_atom_sites.fract_transf_matrix[2][2]   1.000000 
_atom_sites.fract_transf_matrix[2][3]   0.000000 
_atom_sites.fract_transf_matrix[3][1]   0.000000 
_atom_sites.fract_transf_matrix[3][2]   0.000000 
_atom_sites.fract_transf_matrix[3][3]   1.000000 
_atom_sites.fract_transf_vector[1]      0.00000 
_atom_sites.fract_transf_vector[2]      0.00000 
_atom_sites.fract_transf_vector[3]      0.00000 
# 
loop_
_atom_type.symbol 
C 
H 
N 
O 
S 
# 
loop_
_atom_site.group_PDB 
_atom_site.id 
_atom_site.type_symbol 
_atom_site.label_atom_id 
_atom_site.label_alt_id 
_atom_site.label_comp_id 
_atom_site.label_asym_id 
_atom_site.label_entity_id 
_atom_site.label_seq_id 
_atom_site.pdbx_PDB_ins_code 
_atom_site.Cartn_x 
_atom_site.Cartn_y 
_atom_site.Cartn_z 
_atom_site.occupancy 
_atom_site.B_iso_or_equiv 
_atom_site.pdbx_formal_charge 
_atom_site.auth_seq_id 
_atom_site.auth_comp_id 
_atom_site.auth_asym_id 
_atom_site.auth_atom_id 
_atom_site.pdbx_PDB_model_num 
ATOM 1    N N    . MET A 1 1  ? -9.498  3.910   -8.183  1.00 7.26 ? 76  MET A N    1 
ATOM 2    C CA   . MET A 1 1  ? -9.143  2.742   -9.036  1.00 6.69 ? 76  MET A CA   1 
ATOM 3    C C    . MET A 1 1  ? -7.638  2.579   -9.097  1.00 5.84 ? 76  MET A C    1 
ATOM 4    O O    . MET A 1 1  ? -6.934  3.527   -9.388  1.00 5.56 ? 76  MET A O    1 
ATOM 5    C CB   . MET A 1 1  ? -9.575  3.014   -10.509 1.00 6.94 ? 76  MET A CB   1 
ATOM 6    C CG   . MET A 1 1  ? -10.964 2.469   -10.810 1.00 7.58 ? 76  MET A CG   1 
ATOM 7    S SD   . MET A 1 1  ? -12.203 3.523   -10.023 1.00 8.13 ? 76  MET A SD   1 
ATOM 8    C CE   . MET A 1 1  ? -12.717 2.349   -8.753  1.00 8.90 ? 76  MET A CE   1 
ATOM 9    H H1   . MET A 1 1  ? -8.890  4.716   -8.430  1.00 7.44 ? 76  MET A H1   1 
ATOM 10   H H2   . MET A 1 1  ? -10.492 4.166   -8.347  1.00 7.50 ? 76  MET A H2   1 
ATOM 11   H H3   . MET A 1 1  ? -9.362  3.663   -7.183  1.00 7.54 ? 76  MET A H3   1 
ATOM 12   H HA   . MET A 1 1  ? -9.608  1.843   -8.671  1.00 7.00 ? 76  MET A HA   1 
ATOM 13   H HB2  . MET A 1 1  ? -9.569  4.076   -10.688 1.00 7.09 ? 76  MET A HB2  1 
ATOM 14   H HB3  . MET A 1 1  ? -8.872  2.545   -11.195 1.00 6.86 ? 76  MET A HB3  1 
ATOM 15   H HG2  . MET A 1 1  ? -11.116 2.476   -11.882 1.00 7.75 ? 76  MET A HG2  1 
ATOM 16   H HG3  . MET A 1 1  ? -11.045 1.456   -10.448 1.00 7.84 ? 76  MET A HG3  1 
ATOM 17   H HE1  . MET A 1 1  ? -13.058 1.439   -9.228  1.00 9.11 ? 76  MET A HE1  1 
ATOM 18   H HE2  . MET A 1 1  ? -11.876 2.131   -8.108  1.00 9.09 ? 76  MET A HE2  1 
ATOM 19   H HE3  . MET A 1 1  ? -13.517 2.773   -8.172  1.00 9.24 ? 76  MET A HE3  1 
ATOM 20   N N    . ILE A 1 2  ? -7.143  1.366   -9.041  1.00 5.60 ? 77  ILE A N    1 
ATOM 21   C CA   . ILE A 1 2  ? -5.714  1.225   -9.364  1.00 5.02 ? 77  ILE A CA   1 
ATOM 22   C C    . ILE A 1 2  ? -5.877  1.375   -10.851 1.00 5.07 ? 77  ILE A C    1 
ATOM 23   O O    . ILE A 1 2  ? -6.092  0.414   -11.550 1.00 5.54 ? 77  ILE A O    1 
ATOM 24   C CB   . ILE A 1 2  ? -5.138  -0.172  -9.078  1.00 5.00 ? 77  ILE A CB   1 
ATOM 25   C CG1  . ILE A 1 2  ? -5.452  -0.580  -7.643  1.00 5.18 ? 77  ILE A CG1  1 
ATOM 26   C CG2  . ILE A 1 2  ? -3.603  -0.173  -9.319  1.00 4.75 ? 77  ILE A CG2  1 
ATOM 27   C CD1  . ILE A 1 2  ? -5.209  -2.077  -7.512  1.00 5.43 ? 77  ILE A CD1  1 
ATOM 28   H H    . ILE A 1 2  ? -7.726  0.583   -8.966  1.00 5.93 ? 77  ILE A H    1 
ATOM 29   H HA   . ILE A 1 2  ? -5.114  2.025   -8.943  1.00 4.89 ? 77  ILE A HA   1 
ATOM 30   H HB   . ILE A 1 2  ? -5.595  -0.891  -9.752  1.00 5.38 ? 77  ILE A HB   1 
ATOM 31   H HG12 . ILE A 1 2  ? -4.823  -0.039  -6.952  1.00 5.33 ? 77  ILE A HG12 1 
ATOM 32   H HG13 . ILE A 1 2  ? -6.488  -0.368  -7.428  1.00 5.32 ? 77  ILE A HG13 1 
ATOM 33   H HG21 . ILE A 1 2  ? -3.344  0.586   -10.047 1.00 4.67 ? 77  ILE A HG21 1 
ATOM 34   H HG22 . ILE A 1 2  ? -3.075  0.027   -8.398  1.00 4.94 ? 77  ILE A HG22 1 
ATOM 35   H HG23 . ILE A 1 2  ? -3.297  -1.138  -9.697  1.00 4.91 ? 77  ILE A HG23 1 
ATOM 36   H HD11 . ILE A 1 2  ? -4.188  -2.303  -7.788  1.00 5.45 ? 77  ILE A HD11 1 
ATOM 37   H HD12 . ILE A 1 2  ? -5.391  -2.381  -6.498  1.00 5.73 ? 77  ILE A HD12 1 
ATOM 38   H HD13 . ILE A 1 2  ? -5.880  -2.602  -8.173  1.00 5.64 ? 77  ILE A HD13 1 
ATOM 39   N N    . ALA A 1 3  ? -5.942  2.576   -11.313 1.00 4.90 ? 78  ALA A N    1 
ATOM 40   C CA   . ALA A 1 3  ? -6.264  2.785   -12.735 1.00 5.22 ? 78  ALA A CA   1 
ATOM 41   C C    . ALA A 1 3  ? -5.324  1.917   -13.567 1.00 4.94 ? 78  ALA A C    1 
ATOM 42   O O    . ALA A 1 3  ? -5.288  0.711   -13.477 1.00 4.97 ? 78  ALA A O    1 
ATOM 43   C CB   . ALA A 1 3  ? -6.075  4.296   -13.022 1.00 5.79 ? 78  ALA A CB   1 
ATOM 44   H H    . ALA A 1 3  ? -5.886  3.343   -10.702 1.00 4.80 ? 78  ALA A H    1 
ATOM 45   H HA   . ALA A 1 3  ? -7.288  2.507   -12.923 1.00 5.55 ? 78  ALA A HA   1 
ATOM 46   H HB1  . ALA A 1 3  ? -6.411  4.860   -12.161 1.00 5.91 ? 78  ALA A HB1  1 
ATOM 47   H HB2  . ALA A 1 3  ? -5.033  4.520   -13.195 1.00 5.89 ? 78  ALA A HB2  1 
ATOM 48   H HB3  . ALA A 1 3  ? -6.657  4.583   -13.882 1.00 6.31 ? 78  ALA A HB3  1 
ATOM 49   N N    . ARG A 1 4  ? -4.546  2.522   -14.320 1.00 5.04 ? 79  ARG A N    1 
ATOM 50   C CA   . ARG A 1 4  ? -3.532  1.841   -15.115 1.00 5.06 ? 79  ARG A CA   1 
ATOM 51   C C    . ARG A 1 4  ? -2.725  3.050   -15.427 1.00 4.66 ? 79  ARG A C    1 
ATOM 52   O O    . ARG A 1 4  ? -3.294  4.116   -15.583 1.00 4.87 ? 79  ARG A O    1 
ATOM 53   C CB   . ARG A 1 4  ? -4.046  1.085   -16.365 1.00 5.79 ? 79  ARG A CB   1 
ATOM 54   C CG   . ARG A 1 4  ? -5.485  1.466   -16.717 1.00 6.37 ? 79  ARG A CG   1 
ATOM 55   C CD   . ARG A 1 4  ? -5.535  2.862   -17.382 1.00 6.91 ? 79  ARG A CD   1 
ATOM 56   N NE   . ARG A 1 4  ? -6.497  3.751   -16.655 1.00 7.52 ? 79  ARG A NE   1 
ATOM 57   C CZ   . ARG A 1 4  ? -7.684  3.325   -16.302 1.00 8.14 ? 79  ARG A CZ   1 
ATOM 58   N NH1  . ARG A 1 4  ? -8.097  2.140   -16.668 1.00 8.30 ? 79  ARG A NH1  1 
ATOM 59   N NH2  . ARG A 1 4  ? -8.462  4.094   -15.595 1.00 8.85 ? 79  ARG A NH2  1 
ATOM 60   H H    . ARG A 1 4  ? -4.572  3.496   -14.342 1.00 5.33 ? 79  ARG A H    1 
ATOM 61   H HA   . ARG A 1 4  ? -2.984  1.182   -14.460 1.00 5.20 ? 79  ARG A HA   1 
ATOM 62   H HB2  . ARG A 1 4  ? -3.405  1.301   -17.203 1.00 5.79 ? 79  ARG A HB2  1 
ATOM 63   H HB3  . ARG A 1 4  ? -4.009  0.021   -16.164 1.00 6.24 ? 79  ARG A HB3  1 
ATOM 64   H HG2  . ARG A 1 4  ? -5.880  0.724   -17.398 1.00 6.64 ? 79  ARG A HG2  1 
ATOM 65   H HG3  . ARG A 1 4  ? -6.071  1.458   -15.828 1.00 6.47 ? 79  ARG A HG3  1 
ATOM 66   H HD2  . ARG A 1 4  ? -4.564  3.325   -17.348 1.00 6.96 ? 79  ARG A HD2  1 
ATOM 67   H HD3  . ARG A 1 4  ? -5.830  2.756   -18.421 1.00 7.14 ? 79  ARG A HD3  1 
ATOM 68   H HE   . ARG A 1 4  ? -6.220  4.658   -16.412 1.00 7.64 ? 79  ARG A HE   1 
ATOM 69   H HH11 . ARG A 1 4  ? -7.506  1.553   -17.222 1.00 7.95 ? 79  ARG A HH11 1 
ATOM 70   H HH12 . ARG A 1 4  ? -9.000  1.817   -16.386 1.00 8.92 ? 79  ARG A HH12 1 
ATOM 71   H HH21 . ARG A 1 4  ? -8.151  5.006   -15.327 1.00 8.94 ? 79  ARG A HH21 1 
ATOM 72   H HH22 . ARG A 1 4  ? -9.364  3.770   -15.316 1.00 9.42 ? 79  ARG A HH22 1 
ATOM 73   N N    . PRO A 1 5  ? -1.457  3.009   -15.336 1.00 4.50 ? 80  PRO A N    1 
ATOM 74   C CA   . PRO A 1 5  ? -0.692  4.232   -15.417 1.00 4.45 ? 80  PRO A CA   1 
ATOM 75   C C    . PRO A 1 5  ? 0.026   4.450   -16.694 1.00 4.08 ? 80  PRO A C    1 
ATOM 76   O O    . PRO A 1 5  ? -0.126  3.781   -17.699 1.00 4.01 ? 80  PRO A O    1 
ATOM 77   C CB   . PRO A 1 5  ? 0.313   3.945   -14.321 1.00 4.85 ? 80  PRO A CB   1 
ATOM 78   C CG   . PRO A 1 5  ? 0.734   2.552   -14.646 1.00 5.14 ? 80  PRO A CG   1 
ATOM 79   C CD   . PRO A 1 5  ? -0.538  1.861   -15.187 1.00 4.87 ? 80  PRO A CD   1 
ATOM 80   H HA   . PRO A 1 5  ? -1.267  5.100   -15.141 1.00 4.87 ? 80  PRO A HA   1 
ATOM 81   H HB2  . PRO A 1 5  ? 1.149   4.632   -14.361 1.00 4.76 ? 80  PRO A HB2  1 
ATOM 82   H HB3  . PRO A 1 5  ? -0.162  3.973   -13.354 1.00 5.42 ? 80  PRO A HB3  1 
ATOM 83   H HG2  . PRO A 1 5  ? 1.503   2.583   -15.406 1.00 5.28 ? 80  PRO A HG2  1 
ATOM 84   H HG3  . PRO A 1 5  ? 1.088   2.042   -13.764 1.00 5.74 ? 80  PRO A HG3  1 
ATOM 85   H HD2  . PRO A 1 5  ? -0.340  1.400   -16.152 1.00 5.00 ? 80  PRO A HD2  1 
ATOM 86   H HD3  . PRO A 1 5  ? -0.908  1.143   -14.486 1.00 5.22 ? 80  PRO A HD3  1 
ATOM 87   N N    . THR A 1 6  ? 0.856   5.383   -16.573 1.00 4.30 ? 81  THR A N    1 
ATOM 88   C CA   . THR A 1 6  ? 1.740   5.783   -17.620 1.00 4.31 ? 81  THR A CA   1 
ATOM 89   C C    . THR A 1 6  ? 2.905   4.793   -17.526 1.00 3.90 ? 81  THR A C    1 
ATOM 90   O O    . THR A 1 6  ? 3.875   5.028   -16.835 1.00 3.90 ? 81  THR A O    1 
ATOM 91   C CB   . THR A 1 6  ? 2.102   7.221   -17.218 1.00 5.07 ? 81  THR A CB   1 
ATOM 92   O OG1  . THR A 1 6  ? 0.986   8.056   -17.477 1.00 5.61 ? 81  THR A OG1  1 
ATOM 93   C CG2  . THR A 1 6  ? 3.310   7.752   -17.958 1.00 5.43 ? 81  THR A CG2  1 
ATOM 94   H H    . THR A 1 6  ? 0.928   5.830   -15.706 1.00 4.72 ? 81  THR A H    1 
ATOM 95   H HA   . THR A 1 6  ? 1.258   5.749   -18.586 1.00 4.41 ? 81  THR A HA   1 
ATOM 96   H HB   . THR A 1 6  ? 2.309   7.239   -16.156 1.00 5.21 ? 81  THR A HB   1 
ATOM 97   H HG1  . THR A 1 6  ? 0.192   7.569   -17.238 1.00 5.82 ? 81  THR A HG1  1 
ATOM 98   H HG21 . THR A 1 6  ? 4.091   7.038   -17.895 1.00 5.44 ? 81  THR A HG21 1 
ATOM 99   H HG22 . THR A 1 6  ? 3.055   7.938   -18.989 1.00 5.82 ? 81  THR A HG22 1 
ATOM 100  H HG23 . THR A 1 6  ? 3.631   8.672   -17.494 1.00 5.64 ? 81  THR A HG23 1 
ATOM 101  N N    . LEU A 1 7  ? 2.815   3.655   -18.187 1.00 3.85 ? 82  LEU A N    1 
ATOM 102  C CA   . LEU A 1 7  ? 3.937   2.687   -18.074 1.00 3.69 ? 82  LEU A CA   1 
ATOM 103  C C    . LEU A 1 7  ? 5.022   3.256   -18.977 1.00 3.54 ? 82  LEU A C    1 
ATOM 104  O O    . LEU A 1 7  ? 5.218   2.843   -20.103 1.00 3.74 ? 82  LEU A O    1 
ATOM 105  C CB   . LEU A 1 7  ? 3.520   1.268   -18.534 1.00 4.08 ? 82  LEU A CB   1 
ATOM 106  C CG   . LEU A 1 7  ? 2.440   0.672   -17.598 1.00 4.10 ? 82  LEU A CG   1 
ATOM 107  C CD1  . LEU A 1 7  ? 1.810   -0.555  -18.279 1.00 4.19 ? 82  LEU A CD1  1 
ATOM 108  C CD2  . LEU A 1 7  ? 3.053   0.227   -16.239 1.00 4.57 ? 82  LEU A CD2  1 
ATOM 109  H H    . LEU A 1 7  ? 2.023   3.446   -18.727 1.00 4.12 ? 82  LEU A H    1 
ATOM 110  H HA   . LEU A 1 7  ? 4.280   2.665   -17.053 1.00 3.73 ? 82  LEU A HA   1 
ATOM 111  H HB2  . LEU A 1 7  ? 3.131   1.318   -19.540 1.00 4.34 ? 82  LEU A HB2  1 
ATOM 112  H HB3  . LEU A 1 7  ? 4.389   0.624   -18.524 1.00 4.45 ? 82  LEU A HB3  1 
ATOM 113  H HG   . LEU A 1 7  ? 1.671   1.414   -17.428 1.00 4.27 ? 82  LEU A HG   1 
ATOM 114  H HD11 . LEU A 1 7  ? 2.581   -1.281  -18.493 1.00 4.32 ? 82  LEU A HD11 1 
ATOM 115  H HD12 . LEU A 1 7  ? 1.078   -0.996  -17.618 1.00 4.40 ? 82  LEU A HD12 1 
ATOM 116  H HD13 . LEU A 1 7  ? 1.333   -0.256  -19.199 1.00 4.45 ? 82  LEU A HD13 1 
ATOM 117  H HD21 . LEU A 1 7  ? 4.047   0.629   -16.130 1.00 4.90 ? 82  LEU A HD21 1 
ATOM 118  H HD22 . LEU A 1 7  ? 2.441   0.577   -15.426 1.00 4.61 ? 82  LEU A HD22 1 
ATOM 119  H HD23 . LEU A 1 7  ? 3.099   -0.851  -16.189 1.00 5.01 ? 82  LEU A HD23 1 
ATOM 120  N N    . GLU A 1 8  ? 5.666   4.281   -18.477 1.00 3.46 ? 83  GLU A N    1 
ATOM 121  C CA   . GLU A 1 8  ? 6.697   5.024   -19.255 1.00 3.51 ? 83  GLU A CA   1 
ATOM 122  C C    . GLU A 1 8  ? 7.998   5.176   -18.446 1.00 3.57 ? 83  GLU A C    1 
ATOM 123  O O    . GLU A 1 8  ? 9.081   4.940   -18.941 1.00 3.89 ? 83  GLU A O    1 
ATOM 124  C CB   . GLU A 1 8  ? 6.087   6.406   -19.483 1.00 3.80 ? 83  GLU A CB   1 
ATOM 125  C CG   . GLU A 1 8  ? 6.797   7.201   -20.566 1.00 4.01 ? 83  GLU A CG   1 
ATOM 126  C CD   . GLU A 1 8  ? 6.135   8.584   -20.633 1.00 4.27 ? 83  GLU A CD   1 
ATOM 127  O OE1  . GLU A 1 8  ? 5.373   8.898   -19.728 1.00 4.64 ? 83  GLU A OE1  1 
ATOM 128  O OE2  . GLU A 1 8  ? 6.388   9.300   -21.585 1.00 4.49 ? 83  GLU A OE2  1 
ATOM 129  H H    . GLU A 1 8  ? 5.420   4.605   -17.587 1.00 3.56 ? 83  GLU A H    1 
ATOM 130  H HA   . GLU A 1 8  ? 6.889   4.547   -20.201 1.00 3.58 ? 83  GLU A HA   1 
ATOM 131  H HB2  . GLU A 1 8  ? 5.055   6.285   -19.771 1.00 4.27 ? 83  GLU A HB2  1 
ATOM 132  H HB3  . GLU A 1 8  ? 6.142   6.962   -18.560 1.00 3.82 ? 83  GLU A HB3  1 
ATOM 133  H HG2  . GLU A 1 8  ? 7.843   7.304   -20.318 1.00 4.18 ? 83  GLU A HG2  1 
ATOM 134  H HG3  . GLU A 1 8  ? 6.687   6.704   -21.515 1.00 4.32 ? 83  GLU A HG3  1 
ATOM 135  N N    . ALA A 1 9  ? 7.891   5.624   -17.216 1.00 3.66 ? 84  ALA A N    1 
ATOM 136  C CA   . ALA A 1 9  ? 9.113   5.858   -16.374 1.00 3.98 ? 84  ALA A CA   1 
ATOM 137  C C    . ALA A 1 9  ? 9.420   4.662   -15.472 1.00 3.55 ? 84  ALA A C    1 
ATOM 138  O O    . ALA A 1 9  ? 8.874   4.538   -14.394 1.00 3.76 ? 84  ALA A O    1 
ATOM 139  C CB   . ALA A 1 9  ? 8.865   7.079   -15.479 1.00 4.77 ? 84  ALA A CB   1 
ATOM 140  H H    . ALA A 1 9  ? 7.006   5.841   -16.858 1.00 3.78 ? 84  ALA A H    1 
ATOM 141  H HA   . ALA A 1 9  ? 9.962   6.055   -17.011 1.00 4.32 ? 84  ALA A HA   1 
ATOM 142  H HB1  . ALA A 1 9  ? 7.842   7.063   -15.133 1.00 5.08 ? 84  ALA A HB1  1 
ATOM 143  H HB2  . ALA A 1 9  ? 9.532   7.051   -14.625 1.00 5.05 ? 84  ALA A HB2  1 
ATOM 144  H HB3  . ALA A 1 9  ? 9.040   7.982   -16.043 1.00 5.13 ? 84  ALA A HB3  1 
ATOM 145  N N    . HIS A 1 10 ? 10.314  3.800   -15.870 1.00 3.44 ? 85  HIS A N    1 
ATOM 146  C CA   . HIS A 1 10 ? 10.662  2.650   -14.983 1.00 3.41 ? 85  HIS A CA   1 
ATOM 147  C C    . HIS A 1 10 ? 11.785  1.823   -15.613 1.00 3.41 ? 85  HIS A C    1 
ATOM 148  O O    . HIS A 1 10 ? 11.713  1.403   -16.751 1.00 3.77 ? 85  HIS A O    1 
ATOM 149  C CB   . HIS A 1 10 ? 9.417   1.773   -14.723 1.00 3.59 ? 85  HIS A CB   1 
ATOM 150  C CG   . HIS A 1 10 ? 8.380   2.067   -15.757 1.00 3.30 ? 85  HIS A CG   1 
ATOM 151  N ND1  . HIS A 1 10 ? 8.598   1.842   -17.104 1.00 3.14 ? 85  HIS A ND1  1 
ATOM 152  C CD2  . HIS A 1 10 ? 7.117   2.575   -15.657 1.00 3.60 ? 85  HIS A CD2  1 
ATOM 153  C CE1  . HIS A 1 10 ? 7.488   2.205   -17.755 1.00 3.23 ? 85  HIS A CE1  1 
ATOM 154  N NE2  . HIS A 1 10 ? 6.558   2.659   -16.918 1.00 3.40 ? 85  HIS A NE2  1 
ATOM 155  H H    . HIS A 1 10 ? 10.772  3.921   -16.728 1.00 3.73 ? 85  HIS A H    1 
ATOM 156  H HA   . HIS A 1 10 ? 11.018  3.043   -14.040 1.00 3.73 ? 85  HIS A HA   1 
ATOM 157  H HB2  . HIS A 1 10 ? 9.679   0.724   -14.767 1.00 3.80 ? 85  HIS A HB2  1 
ATOM 158  H HB3  . HIS A 1 10 ? 9.012   1.996   -13.745 1.00 4.08 ? 85  HIS A HB3  1 
ATOM 159  H HD1  . HIS A 1 10 ? 9.410   1.471   -17.506 1.00 3.30 ? 85  HIS A HD1  1 
ATOM 160  H HD2  . HIS A 1 10 ? 6.636   2.877   -14.739 1.00 4.21 ? 85  HIS A HD2  1 
ATOM 161  H HE1  . HIS A 1 10 ? 7.358   2.123   -18.824 1.00 3.52 ? 85  HIS A HE1  1 
ATOM 162  N N    . ASP A 1 11 ? 12.809  1.576   -14.854 1.00 3.25 ? 86  ASP A N    1 
ATOM 163  C CA   . ASP A 1 11 ? 13.954  0.766   -15.347 1.00 3.46 ? 86  ASP A CA   1 
ATOM 164  C C    . ASP A 1 11 ? 13.558  -0.713  -15.354 1.00 3.21 ? 86  ASP A C    1 
ATOM 165  O O    . ASP A 1 11 ? 14.297  -1.565  -15.804 1.00 3.50 ? 86  ASP A O    1 
ATOM 166  C CB   . ASP A 1 11 ? 15.129  0.964   -14.385 1.00 3.78 ? 86  ASP A CB   1 
ATOM 167  C CG   . ASP A 1 11 ? 15.750  2.345   -14.603 1.00 4.08 ? 86  ASP A CG   1 
ATOM 168  O OD1  . ASP A 1 11 ? 16.056  2.661   -15.740 1.00 4.48 ? 86  ASP A OD1  1 
ATOM 169  O OD2  . ASP A 1 11 ? 15.916  3.059   -13.628 1.00 4.37 ? 86  ASP A OD2  1 
ATOM 170  H H    . ASP A 1 11 ? 12.822  1.921   -13.937 1.00 3.17 ? 86  ASP A H    1 
ATOM 171  H HA   . ASP A 1 11 ? 14.235  1.083   -16.339 1.00 3.71 ? 86  ASP A HA   1 
ATOM 172  H HB2  . ASP A 1 11 ? 14.770  0.892   -13.367 1.00 3.95 ? 86  ASP A HB2  1 
ATOM 173  H HB3  . ASP A 1 11 ? 15.873  0.203   -14.559 1.00 4.08 ? 86  ASP A HB3  1 
ATOM 174  N N    . TYR A 1 12 ? 12.408  -1.015  -14.812 1.00 2.78 ? 87  TYR A N    1 
ATOM 175  C CA   . TYR A 1 12 ? 11.935  -2.432  -14.715 1.00 2.57 ? 87  TYR A CA   1 
ATOM 176  C C    . TYR A 1 12 ? 10.558  -2.579  -15.372 1.00 2.25 ? 87  TYR A C    1 
ATOM 177  O O    . TYR A 1 12 ? 9.677   -1.770  -15.168 1.00 2.41 ? 87  TYR A O    1 
ATOM 178  C CB   . TYR A 1 12 ? 11.827  -2.780  -13.228 1.00 2.57 ? 87  TYR A CB   1 
ATOM 179  C CG   . TYR A 1 12 ? 10.809  -1.862  -12.575 1.00 2.35 ? 87  TYR A CG   1 
ATOM 180  C CD1  . TYR A 1 12 ? 11.083  -0.481  -12.416 1.00 2.63 ? 87  TYR A CD1  1 
ATOM 181  C CD2  . TYR A 1 12 ? 9.574   -2.381  -12.138 1.00 2.04 ? 87  TYR A CD2  1 
ATOM 182  C CE1  . TYR A 1 12 ? 10.124  0.368   -11.831 1.00 2.60 ? 87  TYR A CE1  1 
ATOM 183  C CE2  . TYR A 1 12 ? 8.617   -1.527  -11.552 1.00 2.08 ? 87  TYR A CE2  1 
ATOM 184  C CZ   . TYR A 1 12 ? 8.891   -0.156  -11.404 1.00 2.35 ? 87  TYR A CZ   1 
ATOM 185  O OH   . TYR A 1 12 ? 7.949   0.677   -10.835 1.00 2.56 ? 87  TYR A OH   1 
ATOM 186  H H    . TYR A 1 12 ? 11.854  -0.301  -14.436 1.00 2.69 ? 87  TYR A H    1 
ATOM 187  H HA   . TYR A 1 12 ? 12.639  -3.099  -15.192 1.00 2.79 ? 87  TYR A HA   1 
ATOM 188  H HB2  . TYR A 1 12 ? 11.512  -3.809  -13.121 1.00 2.51 ? 87  TYR A HB2  1 
ATOM 189  H HB3  . TYR A 1 12 ? 12.788  -2.647  -12.755 1.00 2.95 ? 87  TYR A HB3  1 
ATOM 190  H HD1  . TYR A 1 12 ? 12.032  -0.076  -12.726 1.00 2.97 ? 87  TYR A HD1  1 
ATOM 191  H HD2  . TYR A 1 12 ? 9.358   -3.433  -12.258 1.00 1.95 ? 87  TYR A HD2  1 
ATOM 192  H HE1  . TYR A 1 12 ? 10.329  1.429   -11.724 1.00 2.90 ? 87  TYR A HE1  1 
ATOM 193  H HE2  . TYR A 1 12 ? 7.675   -1.926  -11.211 1.00 2.07 ? 87  TYR A HE2  1 
ATOM 194  H HH   . TYR A 1 12 ? 7.910   0.482   -9.897  1.00 2.79 ? 87  TYR A HH   1 
ATOM 195  N N    . ASP A 1 13 ? 10.361  -3.615  -16.147 1.00 2.09 ? 88  ASP A N    1 
ATOM 196  C CA   . ASP A 1 13 ? 9.036   -3.819  -16.808 1.00 1.87 ? 88  ASP A CA   1 
ATOM 197  C C    . ASP A 1 13 ? 8.056   -4.464  -15.813 1.00 1.30 ? 88  ASP A C    1 
ATOM 198  O O    . ASP A 1 13 ? 8.285   -5.549  -15.316 1.00 1.57 ? 88  ASP A O    1 
ATOM 199  C CB   . ASP A 1 13 ? 9.221   -4.729  -18.026 1.00 2.43 ? 88  ASP A CB   1 
ATOM 200  C CG   . ASP A 1 13 ? 10.166  -5.880  -17.675 1.00 2.82 ? 88  ASP A CG   1 
ATOM 201  O OD1  . ASP A 1 13 ? 11.262  -5.602  -17.217 1.00 3.25 ? 88  ASP A OD1  1 
ATOM 202  O OD2  . ASP A 1 13 ? 9.777   -7.019  -17.871 1.00 3.33 ? 88  ASP A OD2  1 
ATOM 203  H H    . ASP A 1 13 ? 11.083  -4.263  -16.291 1.00 2.33 ? 88  ASP A H    1 
ATOM 204  H HA   . ASP A 1 13 ? 8.644   -2.866  -17.129 1.00 2.03 ? 88  ASP A HA   1 
ATOM 205  H HB2  . ASP A 1 13 ? 8.269   -5.126  -18.324 1.00 2.72 ? 88  ASP A HB2  1 
ATOM 206  H HB3  . ASP A 1 13 ? 9.642   -4.158  -18.840 1.00 2.94 ? 88  ASP A HB3  1 
ATOM 207  N N    . ARG A 1 14 ? 6.972   -3.790  -15.507 1.00 1.15 ? 89  ARG A N    1 
ATOM 208  C CA   . ARG A 1 14 ? 5.980   -4.344  -14.531 1.00 1.26 ? 89  ARG A CA   1 
ATOM 209  C C    . ARG A 1 14 ? 5.044   -5.347  -15.186 1.00 0.98 ? 89  ARG A C    1 
ATOM 210  O O    . ARG A 1 14 ? 4.304   -6.006  -14.482 1.00 0.84 ? 89  ARG A O    1 
ATOM 211  C CB   . ARG A 1 14 ? 5.070   -3.241  -13.989 1.00 2.06 ? 89  ARG A CB   1 
ATOM 212  C CG   . ARG A 1 14 ? 5.874   -2.021  -13.495 1.00 2.69 ? 89  ARG A CG   1 
ATOM 213  C CD   . ARG A 1 14 ? 5.876   -0.915  -14.570 1.00 3.62 ? 89  ARG A CD   1 
ATOM 214  N NE   . ARG A 1 14 ? 7.231   -0.799  -15.132 1.00 4.47 ? 89  ARG A NE   1 
ATOM 215  C CZ   . ARG A 1 14 ? 7.403   -0.511  -16.385 1.00 5.31 ? 89  ARG A CZ   1 
ATOM 216  N NH1  . ARG A 1 14 ? 6.380   -0.276  -17.169 1.00 5.51 ? 89  ARG A NH1  1 
ATOM 217  N NH2  . ARG A 1 14 ? 8.608   -0.464  -16.856 1.00 6.25 ? 89  ARG A NH2  1 
ATOM 218  H H    . ARG A 1 14 ? 6.817   -2.912  -15.913 1.00 1.51 ? 89  ARG A H    1 
ATOM 219  H HA   . ARG A 1 14 ? 6.499   -4.814  -13.710 1.00 1.49 ? 89  ARG A HA   1 
ATOM 220  H HB2  . ARG A 1 14 ? 4.410   -2.950  -14.778 1.00 2.33 ? 89  ARG A HB2  1 
ATOM 221  H HB3  . ARG A 1 14 ? 4.479   -3.633  -13.178 1.00 2.58 ? 89  ARG A HB3  1 
ATOM 222  H HG2  . ARG A 1 14 ? 5.435   -1.641  -12.580 1.00 3.07 ? 89  ARG A HG2  1 
ATOM 223  H HG3  . ARG A 1 14 ? 6.890   -2.320  -13.303 1.00 2.74 ? 89  ARG A HG3  1 
ATOM 224  H HD2  . ARG A 1 14 ? 5.159   -1.168  -15.351 1.00 3.77 ? 89  ARG A HD2  1 
ATOM 225  H HD3  . ARG A 1 14 ? 5.636   0.033   -14.140 1.00 4.01 ? 89  ARG A HD3  1 
ATOM 226  H HE   . ARG A 1 14 ? 8.007   -0.948  -14.555 1.00 4.68 ? 89  ARG A HE   1 
ATOM 227  H HH11 . ARG A 1 14 ? 5.449   -0.315  -16.808 1.00 5.06 ? 89  ARG A HH11 1 
ATOM 228  H HH12 . ARG A 1 14 ? 6.530   -0.067  -18.134 1.00 6.31 ? 89  ARG A HH12 1 
ATOM 229  H HH21 . ARG A 1 14 ? 9.385   -0.645  -16.253 1.00 6.40 ? 89  ARG A HH21 1 
ATOM 230  H HH22 . ARG A 1 14 ? 8.761   -0.245  -17.817 1.00 6.97 ? 89  ARG A HH22 1 
ATOM 231  N N    . GLU A 1 15 ? 4.982   -5.437  -16.507 1.00 1.03 ? 90  GLU A N    1 
ATOM 232  C CA   . GLU A 1 15 ? 3.984   -6.385  -17.105 1.00 0.96 ? 90  GLU A CA   1 
ATOM 233  C C    . GLU A 1 15 ? 4.060   -7.661  -16.287 1.00 0.77 ? 90  GLU A C    1 
ATOM 234  O O    . GLU A 1 15 ? 3.066   -8.176  -15.855 1.00 0.78 ? 90  GLU A O    1 
ATOM 235  C CB   . GLU A 1 15 ? 4.264   -6.685  -18.603 1.00 1.16 ? 90  GLU A CB   1 
ATOM 236  C CG   . GLU A 1 15 ? 5.244   -5.665  -19.180 1.00 1.62 ? 90  GLU A CG   1 
ATOM 237  C CD   . GLU A 1 15 ? 5.157   -5.675  -20.711 1.00 2.25 ? 90  GLU A CD   1 
ATOM 238  O OE1  . GLU A 1 15 ? 5.013   -6.751  -21.270 1.00 2.77 ? 90  GLU A OE1  1 
ATOM 239  O OE2  . GLU A 1 15 ? 5.241   -4.609  -21.298 1.00 2.84 ? 90  GLU A OE2  1 
ATOM 240  H H    . GLU A 1 15 ? 5.534   -4.861  -17.076 1.00 1.20 ? 90  GLU A H    1 
ATOM 241  H HA   . GLU A 1 15 ? 2.993   -5.959  -16.995 1.00 1.05 ? 90  GLU A HA   1 
ATOM 242  H HB2  . GLU A 1 15 ? 4.681   -7.676  -18.716 1.00 1.64 ? 90  GLU A HB2  1 
ATOM 243  H HB3  . GLU A 1 15 ? 3.334   -6.631  -19.155 1.00 1.54 ? 90  GLU A HB3  1 
ATOM 244  H HG2  . GLU A 1 15 ? 5.007   -4.679  -18.810 1.00 2.00 ? 90  GLU A HG2  1 
ATOM 245  H HG3  . GLU A 1 15 ? 6.240   -5.935  -18.884 1.00 2.15 ? 90  GLU A HG3  1 
ATOM 246  N N    . ALA A 1 16 ? 5.251   -8.095  -15.995 1.00 0.76 ? 91  ALA A N    1 
ATOM 247  C CA   . ALA A 1 16 ? 5.422   -9.284  -15.128 1.00 0.79 ? 91  ALA A CA   1 
ATOM 248  C C    . ALA A 1 16 ? 4.780   -8.999  -13.762 1.00 0.67 ? 91  ALA A C    1 
ATOM 249  O O    . ALA A 1 16 ? 4.011   -9.787  -13.251 1.00 0.73 ? 91  ALA A O    1 
ATOM 250  C CB   . ALA A 1 16 ? 6.919   -9.546  -14.942 1.00 0.97 ? 91  ALA A CB   1 
ATOM 251  H H    . ALA A 1 16 ? 6.038   -7.599  -16.303 1.00 0.84 ? 91  ALA A H    1 
ATOM 252  H HA   . ALA A 1 16 ? 4.953   -10.143 -15.583 1.00 0.90 ? 91  ALA A HA   1 
ATOM 253  H HB1  . ALA A 1 16 ? 7.416   -8.618  -14.698 1.00 1.42 ? 91  ALA A HB1  1 
ATOM 254  H HB2  . ALA A 1 16 ? 7.065   -10.254 -14.139 1.00 1.42 ? 91  ALA A HB2  1 
ATOM 255  H HB3  . ALA A 1 16 ? 7.332   -9.945  -15.855 1.00 1.46 ? 91  ALA A HB3  1 
ATOM 256  N N    . LEU A 1 17 ? 5.096   -7.874  -13.166 1.00 0.60 ? 92  LEU A N    1 
ATOM 257  C CA   . LEU A 1 17 ? 4.507   -7.537  -11.835 1.00 0.53 ? 92  LEU A CA   1 
ATOM 258  C C    . LEU A 1 17 ? 2.982   -7.350  -11.973 1.00 0.44 ? 92  LEU A C    1 
ATOM 259  O O    . LEU A 1 17 ? 2.219   -7.947  -11.239 1.00 0.43 ? 92  LEU A O    1 
ATOM 260  C CB   . LEU A 1 17 ? 5.162   -6.250  -11.309 1.00 0.56 ? 92  LEU A CB   1 
ATOM 261  C CG   . LEU A 1 17 ? 4.690   -5.930  -9.877  1.00 0.59 ? 92  LEU A CG   1 
ATOM 262  C CD1  . LEU A 1 17 ? 5.354   -6.884  -8.868  1.00 0.80 ? 92  LEU A CD1  1 
ATOM 263  C CD2  . LEU A 1 17 ? 5.065   -4.481  -9.529  1.00 0.65 ? 92  LEU A CD2  1 
ATOM 264  H H    . LEU A 1 17 ? 5.720   -7.251  -13.595 1.00 0.66 ? 92  LEU A H    1 
ATOM 265  H HA   . LEU A 1 17 ? 4.705   -8.345  -11.146 1.00 0.60 ? 92  LEU A HA   1 
ATOM 266  H HB2  . LEU A 1 17 ? 6.236   -6.366  -11.319 1.00 0.65 ? 92  LEU A HB2  1 
ATOM 267  H HB3  . LEU A 1 17 ? 4.895   -5.441  -11.955 1.00 0.56 ? 92  LEU A HB3  1 
ATOM 268  H HG   . LEU A 1 17 ? 3.618   -6.044  -9.819  1.00 0.64 ? 92  LEU A HG   1 
ATOM 269  H HD11 . LEU A 1 17 ? 6.385   -7.049  -9.141  1.00 1.35 ? 92  LEU A HD11 1 
ATOM 270  H HD12 . LEU A 1 17 ? 5.313   -6.449  -7.878  1.00 1.32 ? 92  LEU A HD12 1 
ATOM 271  H HD13 . LEU A 1 17 ? 4.828   -7.826  -8.864  1.00 1.32 ? 92  LEU A HD13 1 
ATOM 272  H HD21 . LEU A 1 17 ? 4.717   -3.818  -10.307 1.00 1.19 ? 92  LEU A HD21 1 
ATOM 273  H HD22 . LEU A 1 17 ? 4.603   -4.205  -8.591  1.00 1.27 ? 92  LEU A HD22 1 
ATOM 274  H HD23 . LEU A 1 17 ? 6.139   -4.397  -9.437  1.00 1.22 ? 92  LEU A HD23 1 
ATOM 275  N N    . TRP A 1 18 ? 2.517   -6.541  -12.908 1.00 0.43 ? 93  TRP A N    1 
ATOM 276  C CA   . TRP A 1 18 ? 1.031   -6.369  -13.051 1.00 0.42 ? 93  TRP A CA   1 
ATOM 277  C C    . TRP A 1 18 ? 0.390   -7.659  -13.608 1.00 0.45 ? 93  TRP A C    1 
ATOM 278  O O    . TRP A 1 18 ? -0.734  -7.973  -13.272 1.00 0.45 ? 93  TRP A O    1 
ATOM 279  C CB   . TRP A 1 18 ? 0.655   -5.160  -13.934 1.00 0.49 ? 93  TRP A CB   1 
ATOM 280  C CG   . TRP A 1 18 ? 0.876   -3.870  -13.180 1.00 0.50 ? 93  TRP A CG   1 
ATOM 281  C CD1  . TRP A 1 18 ? 1.814   -2.962  -13.494 1.00 0.56 ? 93  TRP A CD1  1 
ATOM 282  C CD2  . TRP A 1 18 ? 0.182   -3.336  -12.006 1.00 0.52 ? 93  TRP A CD2  1 
ATOM 283  N NE1  . TRP A 1 18 ? 1.769   -1.913  -12.590 1.00 0.57 ? 93  TRP A NE1  1 
ATOM 284  C CE2  . TRP A 1 18 ? 0.782   -2.092  -11.657 1.00 0.54 ? 93  TRP A CE2  1 
ATOM 285  C CE3  . TRP A 1 18 ? -0.890  -3.798  -11.211 1.00 0.61 ? 93  TRP A CE3  1 
ATOM 286  C CZ2  . TRP A 1 18 ? 0.337   -1.339  -10.564 1.00 0.59 ? 93  TRP A CZ2  1 
ATOM 287  C CZ3  . TRP A 1 18 ? -1.344  -3.039  -10.109 1.00 0.69 ? 93  TRP A CZ3  1 
ATOM 288  C CH2  . TRP A 1 18 ? -0.729  -1.812  -9.787  1.00 0.66 ? 93  TRP A CH2  1 
ATOM 289  H H    . TRP A 1 18 ? 3.133   -6.066  -13.504 1.00 0.47 ? 93  TRP A H    1 
ATOM 290  H HA   . TRP A 1 18 ? 0.625   -6.205  -12.061 1.00 0.39 ? 93  TRP A HA   1 
ATOM 291  H HB2  . TRP A 1 18 ? 1.269   -5.162  -14.822 1.00 0.54 ? 93  TRP A HB2  1 
ATOM 292  H HB3  . TRP A 1 18 ? -0.383  -5.234  -14.219 1.00 0.55 ? 93  TRP A HB3  1 
ATOM 293  H HD1  . TRP A 1 18 ? 2.479   -3.041  -14.317 1.00 0.64 ? 93  TRP A HD1  1 
ATOM 294  H HE1  . TRP A 1 18 ? 2.360   -1.129  -12.594 1.00 0.65 ? 93  TRP A HE1  1 
ATOM 295  H HE3  . TRP A 1 18 ? -1.369  -4.730  -11.452 1.00 0.66 ? 93  TRP A HE3  1 
ATOM 296  H HZ2  . TRP A 1 18 ? 0.812   -0.399  -10.322 1.00 0.62 ? 93  TRP A HZ2  1 
ATOM 297  H HZ3  . TRP A 1 18 ? -2.165  -3.401  -9.509  1.00 0.82 ? 93  TRP A HZ3  1 
ATOM 298  H HH2  . TRP A 1 18 ? -1.080  -1.236  -8.943  1.00 0.74 ? 93  TRP A HH2  1 
ATOM 299  N N    . SER A 1 19 ? 1.075   -8.434  -14.434 1.00 0.51 ? 94  SER A N    1 
ATOM 300  C CA   . SER A 1 19 ? 0.425   -9.698  -14.932 1.00 0.58 ? 94  SER A CA   1 
ATOM 301  C C    . SER A 1 19 ? 0.096   -10.517 -13.697 1.00 0.57 ? 94  SER A C    1 
ATOM 302  O O    . SER A 1 19 ? -0.930  -11.160 -13.598 1.00 0.60 ? 94  SER A O    1 
ATOM 303  C CB   . SER A 1 19 ? 1.361   -10.530 -15.853 1.00 0.67 ? 94  SER A CB   1 
ATOM 304  O OG   . SER A 1 19 ? 0.810   -10.582 -17.159 1.00 1.55 ? 94  SER A OG   1 
ATOM 305  H H    . SER A 1 19 ? 1.990   -8.201  -14.700 1.00 0.54 ? 94  SER A H    1 
ATOM 306  H HA   . SER A 1 19 ? -0.486  -9.452  -15.459 1.00 0.60 ? 94  SER A HA   1 
ATOM 307  H HB2  . SER A 1 19 ? 2.327   -10.091 -15.899 1.00 1.15 ? 94  SER A HB2  1 
ATOM 308  H HB3  . SER A 1 19 ? 1.467   -11.539 -15.468 1.00 1.05 ? 94  SER A HB3  1 
ATOM 309  H HG   . SER A 1 19 ? 0.674   -11.507 -17.382 1.00 1.96 ? 94  SER A HG   1 
ATOM 310  N N    . LYS A 1 20 ? 0.986   -10.480 -12.757 1.00 0.55 ? 95  LYS A N    1 
ATOM 311  C CA   . LYS A 1 20 ? 0.797   -11.229 -11.499 1.00 0.56 ? 95  LYS A CA   1 
ATOM 312  C C    . LYS A 1 20 ? -0.490  -10.720 -10.840 1.00 0.50 ? 95  LYS A C    1 
ATOM 313  O O    . LYS A 1 20 ? -1.321  -11.485 -10.392 1.00 0.53 ? 95  LYS A O    1 
ATOM 314  C CB   . LYS A 1 20 ? 2.019   -10.913 -10.624 1.00 0.59 ? 95  LYS A CB   1 
ATOM 315  C CG   . LYS A 1 20 ? 2.391   -12.089 -9.727  1.00 1.33 ? 95  LYS A CG   1 
ATOM 316  C CD   . LYS A 1 20 ? 3.671   -11.713 -8.976  1.00 1.48 ? 95  LYS A CD   1 
ATOM 317  C CE   . LYS A 1 20 ? 4.099   -12.843 -8.030  1.00 2.24 ? 95  LYS A CE   1 
ATOM 318  N NZ   . LYS A 1 20 ? 3.669   -14.158 -8.583  1.00 3.03 ? 95  LYS A NZ   1 
ATOM 319  H H    . LYS A 1 20 ? 1.798   -9.947  -12.883 1.00 0.54 ? 95  LYS A H    1 
ATOM 320  H HA   . LYS A 1 20 ? 0.731   -12.289 -11.696 1.00 0.64 ? 95  LYS A HA   1 
ATOM 321  H HB2  . LYS A 1 20 ? 2.858   -10.689 -11.266 1.00 1.02 ? 95  LYS A HB2  1 
ATOM 322  H HB3  . LYS A 1 20 ? 1.813   -10.049 -10.007 1.00 1.00 ? 95  LYS A HB3  1 
ATOM 323  H HG2  . LYS A 1 20 ? 1.590   -12.282 -9.025  1.00 1.94 ? 95  LYS A HG2  1 
ATOM 324  H HG3  . LYS A 1 20 ? 2.568   -12.962 -10.334 1.00 2.01 ? 95  LYS A HG3  1 
ATOM 325  H HD2  . LYS A 1 20 ? 4.458   -11.527 -9.695  1.00 1.82 ? 95  LYS A HD2  1 
ATOM 326  H HD3  . LYS A 1 20 ? 3.496   -10.812 -8.405  1.00 1.87 ? 95  LYS A HD3  1 
ATOM 327  H HE2  . LYS A 1 20 ? 5.173   -12.835 -7.923  1.00 2.60 ? 95  LYS A HE2  1 
ATOM 328  H HE3  . LYS A 1 20 ? 3.642   -12.695 -7.061  1.00 2.68 ? 95  LYS A HE3  1 
ATOM 329  H HZ1  . LYS A 1 20 ? 2.701   -14.081 -8.951  1.00 3.45 ? 95  LYS A HZ1  1 
ATOM 330  H HZ2  . LYS A 1 20 ? 4.313   -14.438 -9.350  1.00 3.33 ? 95  LYS A HZ2  1 
ATOM 331  H HZ3  . LYS A 1 20 ? 3.695   -14.873 -7.829  1.00 3.46 ? 95  LYS A HZ3  1 
ATOM 332  N N    . TRP A 1 21 ? -0.667  -9.426  -10.813 1.00 0.42 ? 96  TRP A N    1 
ATOM 333  C CA   . TRP A 1 21 ? -1.905  -8.849  -10.222 1.00 0.37 ? 96  TRP A CA   1 
ATOM 334  C C    . TRP A 1 21 ? -3.120  -9.317  -11.041 1.00 0.42 ? 96  TRP A C    1 
ATOM 335  O O    . TRP A 1 21 ? -4.126  -9.733  -10.507 1.00 0.44 ? 96  TRP A O    1 
ATOM 336  C CB   . TRP A 1 21 ? -1.808  -7.312  -10.258 1.00 0.33 ? 96  TRP A CB   1 
ATOM 337  C CG   . TRP A 1 21 ? -3.171  -6.725  -10.065 1.00 0.34 ? 96  TRP A CG   1 
ATOM 338  C CD1  . TRP A 1 21 ? -4.120  -6.670  -11.025 1.00 0.42 ? 96  TRP A CD1  1 
ATOM 339  C CD2  . TRP A 1 21 ? -3.758  -6.140  -8.870  1.00 0.33 ? 96  TRP A CD2  1 
ATOM 340  N NE1  . TRP A 1 21 ? -5.267  -6.110  -10.492 1.00 0.45 ? 96  TRP A NE1  1 
ATOM 341  C CE2  . TRP A 1 21 ? -5.095  -5.764  -9.166  1.00 0.40 ? 96  TRP A CE2  1 
ATOM 342  C CE3  . TRP A 1 21 ? -3.269  -5.907  -7.567  1.00 0.31 ? 96  TRP A CE3  1 
ATOM 343  C CZ2  . TRP A 1 21 ? -5.922  -5.183  -8.196  1.00 0.44 ? 96  TRP A CZ2  1 
ATOM 344  C CZ3  . TRP A 1 21 ? -4.098  -5.321  -6.587  1.00 0.36 ? 96  TRP A CZ3  1 
ATOM 345  C CH2  . TRP A 1 21 ? -5.424  -4.964  -6.901  1.00 0.42 ? 96  TRP A CH2  1 
ATOM 346  H H    . TRP A 1 21 ? 0.009   -8.834  -11.203 1.00 0.41 ? 96  TRP A H    1 
ATOM 347  H HA   . TRP A 1 21 ? -2.007  -9.183  -9.200  1.00 0.37 ? 96  TRP A HA   1 
ATOM 348  H HB2  . TRP A 1 21 ? -1.153  -6.973  -9.468  1.00 0.31 ? 96  TRP A HB2  1 
ATOM 349  H HB3  . TRP A 1 21 ? -1.412  -7.005  -11.213 1.00 0.35 ? 96  TRP A HB3  1 
ATOM 350  H HD1  . TRP A 1 21 ? -4.001  -7.026  -12.042 1.00 0.46 ? 96  TRP A HD1  1 
ATOM 351  H HE1  . TRP A 1 21 ? -6.105  -5.966  -10.978 1.00 0.52 ? 96  TRP A HE1  1 
ATOM 352  H HE3  . TRP A 1 21 ? -2.252  -6.164  -7.326  1.00 0.30 ? 96  TRP A HE3  1 
ATOM 353  H HZ2  . TRP A 1 21 ? -6.938  -4.910  -8.441  1.00 0.52 ? 96  TRP A HZ2  1 
ATOM 354  H HZ3  . TRP A 1 21 ? -3.717  -5.151  -5.590  1.00 0.38 ? 96  TRP A HZ3  1 
ATOM 355  H HH2  . TRP A 1 21 ? -6.059  -4.525  -6.146  1.00 0.47 ? 96  TRP A HH2  1 
ATOM 356  N N    . ASP A 1 22 ? -3.040  -9.220  -12.335 1.00 0.47 ? 97  ASP A N    1 
ATOM 357  C CA   . ASP A 1 22 ? -4.190  -9.629  -13.188 1.00 0.54 ? 97  ASP A CA   1 
ATOM 358  C C    . ASP A 1 22 ? -4.525  -11.098 -12.921 1.00 0.58 ? 97  ASP A C    1 
ATOM 359  O O    . ASP A 1 22 ? -5.676  -11.482 -12.877 1.00 0.62 ? 97  ASP A O    1 
ATOM 360  C CB   . ASP A 1 22 ? -3.820  -9.447  -14.662 1.00 0.60 ? 97  ASP A CB   1 
ATOM 361  C CG   . ASP A 1 22 ? -4.999  -9.866  -15.541 1.00 0.69 ? 97  ASP A CG   1 
ATOM 362  O OD1  . ASP A 1 22 ? -6.098  -9.957  -15.019 1.00 1.19 ? 97  ASP A OD1  1 
ATOM 363  O OD2  . ASP A 1 22 ? -4.786  -10.079 -16.723 1.00 1.39 ? 97  ASP A OD2  1 
ATOM 364  H H    . ASP A 1 22 ? -2.235  -8.853  -12.746 1.00 0.46 ? 97  ASP A H    1 
ATOM 365  H HA   . ASP A 1 22 ? -5.047  -9.015  -12.955 1.00 0.54 ? 97  ASP A HA   1 
ATOM 366  H HB2  . ASP A 1 22 ? -3.581  -8.409  -14.848 1.00 0.59 ? 97  ASP A HB2  1 
ATOM 367  H HB3  . ASP A 1 22 ? -2.963  -10.061 -14.896 1.00 0.63 ? 97  ASP A HB3  1 
ATOM 368  N N    . ASN A 1 23 ? -3.528  -11.925 -12.758 1.00 0.60 ? 98  ASN A N    1 
ATOM 369  C CA   . ASN A 1 23 ? -3.791  -13.374 -12.511 1.00 0.66 ? 98  ASN A CA   1 
ATOM 370  C C    . ASN A 1 23 ? -4.049  -13.628 -11.018 1.00 0.60 ? 98  ASN A C    1 
ATOM 371  O O    . ASN A 1 23 ? -4.375  -14.731 -10.624 1.00 0.64 ? 98  ASN A O    1 
ATOM 372  C CB   . ASN A 1 23 ? -2.575  -14.188 -12.958 1.00 0.75 ? 98  ASN A CB   1 
ATOM 373  C CG   . ASN A 1 23 ? -2.426  -14.089 -14.478 1.00 0.85 ? 98  ASN A CG   1 
ATOM 374  O OD1  . ASN A 1 23 ? -3.374  -14.303 -15.208 1.00 1.36 ? 98  ASN A OD1  1 
ATOM 375  N ND2  . ASN A 1 23 ? -1.267  -13.775 -14.991 1.00 1.00 ? 98  ASN A ND2  1 
ATOM 376  H H    . ASN A 1 23 ? -2.606  -11.597 -12.808 1.00 0.58 ? 98  ASN A H    1 
ATOM 377  H HA   . ASN A 1 23 ? -4.654  -13.685 -13.081 1.00 0.71 ? 98  ASN A HA   1 
ATOM 378  H HB2  . ASN A 1 23 ? -1.686  -13.797 -12.483 1.00 0.73 ? 98  ASN A HB2  1 
ATOM 379  H HB3  . ASN A 1 23 ? -2.709  -15.222 -12.678 1.00 0.80 ? 98  ASN A HB3  1 
ATOM 380  H HD21 . ASN A 1 23 ? -0.502  -13.604 -14.403 1.00 1.42 ? 98  ASN A HD21 1 
ATOM 381  H HD22 . ASN A 1 23 ? -1.162  -13.711 -15.963 1.00 1.05 ? 98  ASN A HD22 1 
ATOM 382  N N    . ALA A 1 24 ? -3.917  -12.631 -10.184 1.00 0.51 ? 99  ALA A N    1 
ATOM 383  C CA   . ALA A 1 24 ? -4.167  -12.853 -8.726  1.00 0.47 ? 99  ALA A CA   1 
ATOM 384  C C    . ALA A 1 24 ? -5.665  -13.099 -8.498  1.00 0.46 ? 99  ALA A C    1 
ATOM 385  O O    . ALA A 1 24 ? -6.499  -12.700 -9.287  1.00 0.49 ? 99  ALA A O    1 
ATOM 386  C CB   . ALA A 1 24 ? -3.707  -11.635 -7.912  1.00 0.41 ? 99  ALA A CB   1 
ATOM 387  H H    . ALA A 1 24 ? -3.657  -11.744 -10.510 1.00 0.48 ? 99  ALA A H    1 
ATOM 388  H HA   . ALA A 1 24 ? -3.616  -13.726 -8.403  1.00 0.53 ? 99  ALA A HA   1 
ATOM 389  H HB1  . ALA A 1 24 ? -3.935  -10.733 -8.451  1.00 1.08 ? 99  ALA A HB1  1 
ATOM 390  H HB2  . ALA A 1 24 ? -4.215  -11.621 -6.958  1.00 1.11 ? 99  ALA A HB2  1 
ATOM 391  H HB3  . ALA A 1 24 ? -2.641  -11.697 -7.747  1.00 1.08 ? 99  ALA A HB3  1 
ATOM 392  N N    . SER A 1 25 ? -6.004  -13.765 -7.428  1.00 0.48 ? 100 SER A N    1 
ATOM 393  C CA   . SER A 1 25 ? -7.438  -14.058 -7.141  1.00 0.49 ? 100 SER A CA   1 
ATOM 394  C C    . SER A 1 25 ? -8.156  -12.780 -6.693  1.00 0.42 ? 100 SER A C    1 
ATOM 395  O O    . SER A 1 25 ? -7.539  -11.817 -6.285  1.00 0.37 ? 100 SER A O    1 
ATOM 396  C CB   . SER A 1 25 ? -7.520  -15.112 -6.033  1.00 0.57 ? 100 SER A CB   1 
ATOM 397  O OG   . SER A 1 25 ? -8.804  -15.720 -6.057  1.00 1.33 ? 100 SER A OG   1 
ATOM 398  H H    . SER A 1 25 ? -5.310  -14.084 -6.813  1.00 0.51 ? 100 SER A H    1 
ATOM 399  H HA   . SER A 1 25 ? -7.910  -14.441 -8.033  1.00 0.56 ? 100 SER A HA   1 
ATOM 400  H HB2  . SER A 1 25 ? -6.769  -15.866 -6.196  1.00 1.17 ? 100 SER A HB2  1 
ATOM 401  H HB3  . SER A 1 25 ? -7.351  -14.641 -5.073  1.00 1.22 ? 100 SER A HB3  1 
ATOM 402  H HG   . SER A 1 25 ? -8.729  -16.588 -5.652  1.00 1.83 ? 100 SER A HG   1 
ATOM 403  N N    . ASP A 1 26 ? -9.461  -12.766 -6.778  1.00 0.46 ? 101 ASP A N    1 
ATOM 404  C CA   . ASP A 1 26 ? -10.229 -11.553 -6.370  1.00 0.48 ? 101 ASP A CA   1 
ATOM 405  C C    . ASP A 1 26 ? -9.956  -11.249 -4.898  1.00 0.44 ? 101 ASP A C    1 
ATOM 406  O O    . ASP A 1 26 ? -9.831  -10.108 -4.498  1.00 0.46 ? 101 ASP A O    1 
ATOM 407  C CB   . ASP A 1 26 ? -11.727 -11.827 -6.534  1.00 0.59 ? 101 ASP A CB   1 
ATOM 408  C CG   . ASP A 1 26 ? -12.009 -12.352 -7.942  1.00 1.50 ? 101 ASP A CG   1 
ATOM 409  O OD1  . ASP A 1 26 ? -11.971 -13.559 -8.118  1.00 2.35 ? 101 ASP A OD1  1 
ATOM 410  O OD2  . ASP A 1 26 ? -12.269 -11.542 -8.815  1.00 2.17 ? 101 ASP A OD2  1 
ATOM 411  H H    . ASP A 1 26 ? -9.937  -13.553 -7.117  1.00 0.51 ? 101 ASP A H    1 
ATOM 412  H HA   . ASP A 1 26 ? -9.943  -10.712 -6.981  1.00 0.49 ? 101 ASP A HA   1 
ATOM 413  H HB2  . ASP A 1 26 ? -12.040 -12.561 -5.805  1.00 1.22 ? 101 ASP A HB2  1 
ATOM 414  H HB3  . ASP A 1 26 ? -12.278 -10.911 -6.378  1.00 1.21 ? 101 ASP A HB3  1 
ATOM 415  N N    . SER A 1 27 ? -9.886  -12.265 -4.086  1.00 0.46 ? 102 SER A N    1 
ATOM 416  C CA   . SER A 1 27 ? -9.647  -12.051 -2.633  1.00 0.51 ? 102 SER A CA   1 
ATOM 417  C C    . SER A 1 27 ? -8.306  -11.335 -2.410  1.00 0.47 ? 102 SER A C    1 
ATOM 418  O O    . SER A 1 27 ? -8.189  -10.482 -1.552  1.00 0.50 ? 102 SER A O    1 
ATOM 419  C CB   . SER A 1 27 ? -9.642  -13.420 -1.922  1.00 0.60 ? 102 SER A CB   1 
ATOM 420  O OG   . SER A 1 27 ? -8.347  -13.693 -1.399  1.00 1.44 ? 102 SER A OG   1 
ATOM 421  H H    . SER A 1 27 ? -10.007 -13.174 -4.431  1.00 0.47 ? 102 SER A H    1 
ATOM 422  H HA   . SER A 1 27 ? -10.443 -11.440 -2.232  1.00 0.57 ? 102 SER A HA   1 
ATOM 423  H HB2  . SER A 1 27 ? -10.355 -13.421 -1.113  1.00 1.15 ? 102 SER A HB2  1 
ATOM 424  H HB3  . SER A 1 27 ? -9.917  -14.188 -2.634  1.00 1.25 ? 102 SER A HB3  1 
ATOM 425  H HG   . SER A 1 27 ? -8.418  -13.736 -0.441  1.00 1.92 ? 102 SER A HG   1 
ATOM 426  N N    . GLN A 1 28 ? -7.289  -11.686 -3.152  1.00 0.43 ? 103 GLN A N    1 
ATOM 427  C CA   . GLN A 1 28 ? -5.961  -11.032 -2.945  1.00 0.43 ? 103 GLN A CA   1 
ATOM 428  C C    . GLN A 1 28 ? -6.004  -9.556  -3.362  1.00 0.37 ? 103 GLN A C    1 
ATOM 429  O O    . GLN A 1 28 ? -5.491  -8.699  -2.669  1.00 0.39 ? 103 GLN A O    1 
ATOM 430  C CB   . GLN A 1 28 ? -4.898  -11.765 -3.762  1.00 0.47 ? 103 GLN A CB   1 
ATOM 431  C CG   . GLN A 1 28 ? -4.792  -13.210 -3.271  1.00 0.59 ? 103 GLN A CG   1 
ATOM 432  C CD   . GLN A 1 28 ? -3.519  -13.848 -3.826  1.00 1.45 ? 103 GLN A CD   1 
ATOM 433  O OE1  . GLN A 1 28 ? -3.130  -13.588 -4.947  1.00 2.37 ? 103 GLN A OE1  1 
ATOM 434  N NE2  . GLN A 1 28 ? -2.846  -14.681 -3.078  1.00 1.99 ? 103 GLN A NE2  1 
ATOM 435  H H    . GLN A 1 28 ? -7.391  -12.389 -3.828  1.00 0.43 ? 103 GLN A H    1 
ATOM 436  H HA   . GLN A 1 28 ? -5.702  -11.093 -1.898  1.00 0.49 ? 103 GLN A HA   1 
ATOM 437  H HB2  . GLN A 1 28 ? -5.176  -11.757 -4.806  1.00 0.43 ? 103 GLN A HB2  1 
ATOM 438  H HB3  . GLN A 1 28 ? -3.946  -11.273 -3.638  1.00 0.49 ? 103 GLN A HB3  1 
ATOM 439  H HG2  . GLN A 1 28 ? -4.762  -13.224 -2.191  1.00 1.18 ? 103 GLN A HG2  1 
ATOM 440  H HG3  . GLN A 1 28 ? -5.649  -13.769 -3.614  1.00 1.12 ? 103 GLN A HG3  1 
ATOM 441  H HE21 . GLN A 1 28 ? -3.160  -14.889 -2.173  1.00 2.06 ? 103 GLN A HE21 1 
ATOM 442  H HE22 . GLN A 1 28 ? -2.027  -15.096 -3.420  1.00 2.76 ? 103 GLN A HE22 1 
ATOM 443  N N    . ARG A 1 29 ? -6.612  -9.241  -4.475  1.00 0.34 ? 104 ARG A N    1 
ATOM 444  C CA   . ARG A 1 29 ? -6.677  -7.811  -4.900  1.00 0.35 ? 104 ARG A CA   1 
ATOM 445  C C    . ARG A 1 29 ? -7.517  -7.051  -3.879  1.00 0.36 ? 104 ARG A C    1 
ATOM 446  O O    . ARG A 1 29 ? -7.219  -5.936  -3.499  1.00 0.38 ? 104 ARG A O    1 
ATOM 447  C CB   . ARG A 1 29 ? -7.334  -7.703  -6.280  1.00 0.41 ? 104 ARG A CB   1 
ATOM 448  C CG   . ARG A 1 29 ? -6.392  -8.277  -7.339  1.00 0.47 ? 104 ARG A CG   1 
ATOM 449  C CD   . ARG A 1 29 ? -7.026  -8.151  -8.730  1.00 0.72 ? 104 ARG A CD   1 
ATOM 450  N NE   . ARG A 1 29 ? -8.114  -9.159  -8.881  1.00 1.43 ? 104 ARG A NE   1 
ATOM 451  C CZ   . ARG A 1 29 ? -8.920  -9.098  -9.906  1.00 1.81 ? 104 ARG A CZ   1 
ATOM 452  N NH1  . ARG A 1 29 ? -8.751  -8.173  -10.813 1.00 1.78 ? 104 ARG A NH1  1 
ATOM 453  N NH2  . ARG A 1 29 ? -9.887  -9.965  -10.033 1.00 2.77 ? 104 ARG A NH2  1 
ATOM 454  H H    . ARG A 1 29 ? -7.028  -9.939  -5.024  1.00 0.34 ? 104 ARG A H    1 
ATOM 455  H HA   . ARG A 1 29 ? -5.680  -7.395  -4.935  1.00 0.36 ? 104 ARG A HA   1 
ATOM 456  H HB2  . ARG A 1 29 ? -8.262  -8.256  -6.281  1.00 0.44 ? 104 ARG A HB2  1 
ATOM 457  H HB3  . ARG A 1 29 ? -7.533  -6.666  -6.503  1.00 0.45 ? 104 ARG A HB3  1 
ATOM 458  H HG2  . ARG A 1 29 ? -5.458  -7.736  -7.320  1.00 0.73 ? 104 ARG A HG2  1 
ATOM 459  H HG3  . ARG A 1 29 ? -6.208  -9.319  -7.127  1.00 0.63 ? 104 ARG A HG3  1 
ATOM 460  H HD2  . ARG A 1 29 ? -7.446  -7.168  -8.849  1.00 1.24 ? 104 ARG A HD2  1 
ATOM 461  H HD3  . ARG A 1 29 ? -6.266  -8.306  -9.485  1.00 1.24 ? 104 ARG A HD3  1 
ATOM 462  H HE   . ARG A 1 29 ? -8.230  -9.861  -8.207  1.00 2.06 ? 104 ARG A HE   1 
ATOM 463  H HH11 . ARG A 1 29 ? -8.005  -7.513  -10.720 1.00 1.63 ? 104 ARG A HH11 1 
ATOM 464  H HH12 . ARG A 1 29 ? -9.365  -8.126  -11.601 1.00 2.35 ? 104 ARG A HH12 1 
ATOM 465  H HH21 . ARG A 1 29 ? -10.013 -10.678 -9.343  1.00 3.27 ? 104 ARG A HH21 1 
ATOM 466  H HH22 . ARG A 1 29 ? -10.502 -9.917  -10.820 1.00 3.14 ? 104 ARG A HH22 1 
ATOM 467  N N    . ARG A 1 30 ? -8.567  -7.676  -3.437  1.00 0.38 ? 105 ARG A N    1 
ATOM 468  C CA   . ARG A 1 30 ? -9.475  -7.062  -2.435  1.00 0.43 ? 105 ARG A CA   1 
ATOM 469  C C    . ARG A 1 30 ? -8.672  -6.759  -1.159  1.00 0.40 ? 105 ARG A C    1 
ATOM 470  O O    . ARG A 1 30 ? -8.773  -5.692  -0.586  1.00 0.43 ? 105 ARG A O    1 
ATOM 471  C CB   . ARG A 1 30 ? -10.558 -8.107  -2.145  1.00 0.50 ? 105 ARG A CB   1 
ATOM 472  C CG   . ARG A 1 30 ? -11.764 -7.509  -1.380  1.00 1.30 ? 105 ARG A CG   1 
ATOM 473  C CD   . ARG A 1 30 ? -12.505 -8.623  -0.585  1.00 1.74 ? 105 ARG A CD   1 
ATOM 474  N NE   . ARG A 1 30 ? -13.877 -8.887  -1.148  1.00 2.33 ? 105 ARG A NE   1 
ATOM 475  C CZ   . ARG A 1 30 ? -14.835 -8.005  -1.099  1.00 3.12 ? 105 ARG A CZ   1 
ATOM 476  N NH1  . ARG A 1 30 ? -14.579 -6.756  -0.830  1.00 3.54 ? 105 ARG A NH1  1 
ATOM 477  N NH2  . ARG A 1 30 ? -16.061 -8.376  -1.362  1.00 3.96 ? 105 ARG A NH2  1 
ATOM 478  H H    . ARG A 1 30 ? -8.762  -8.576  -3.772  1.00 0.38 ? 105 ARG A H    1 
ATOM 479  H HA   . ARG A 1 30 ? -9.919  -6.159  -2.827  1.00 0.47 ? 105 ARG A HA   1 
ATOM 480  H HB2  . ARG A 1 30 ? -10.905 -8.519  -3.082  1.00 0.83 ? 105 ARG A HB2  1 
ATOM 481  H HB3  . ARG A 1 30 ? -10.109 -8.894  -1.560  1.00 1.07 ? 105 ARG A HB3  1 
ATOM 482  H HG2  . ARG A 1 30 ? -11.408 -6.748  -0.698  1.00 1.99 ? 105 ARG A HG2  1 
ATOM 483  H HG3  . ARG A 1 30 ? -12.446 -7.061  -2.087  1.00 1.76 ? 105 ARG A HG3  1 
ATOM 484  H HD2  . ARG A 1 30 ? -11.984 -9.553  -0.659  1.00 2.14 ? 105 ARG A HD2  1 
ATOM 485  H HD3  . ARG A 1 30 ? -12.544 -8.343  0.471   1.00 2.21 ? 105 ARG A HD3  1 
ATOM 486  H HE   . ARG A 1 30 ? -14.081 -9.785  -1.483  1.00 2.62 ? 105 ARG A HE   1 
ATOM 487  H HH11 . ARG A 1 30 ? -13.639 -6.461  -0.664  1.00 3.33 ? 105 ARG A HH11 1 
ATOM 488  H HH12 . ARG A 1 30 ? -15.327 -6.093  -0.784  1.00 4.35 ? 105 ARG A HH12 1 
ATOM 489  H HH21 . ARG A 1 30 ? -16.254 -9.329  -1.601  1.00 4.14 ? 105 ARG A HH21 1 
ATOM 490  H HH22 . ARG A 1 30 ? -16.808 -7.715  -1.303  1.00 4.66 ? 105 ARG A HH22 1 
ATOM 491  N N    . LEU A 1 31 ? -7.862  -7.692  -0.722  1.00 0.38 ? 106 LEU A N    1 
ATOM 492  C CA   . LEU A 1 31 ? -7.037  -7.462  0.502   1.00 0.39 ? 106 LEU A CA   1 
ATOM 493  C C    . LEU A 1 31 ? -6.126  -6.256  0.260   1.00 0.35 ? 106 LEU A C    1 
ATOM 494  O O    . LEU A 1 31 ? -6.019  -5.368  1.081   1.00 0.35 ? 106 LEU A O    1 
ATOM 495  C CB   . LEU A 1 31 ? -6.186  -8.711  0.784   1.00 0.42 ? 106 LEU A CB   1 
ATOM 496  C CG   . LEU A 1 31 ? -5.321  -8.510  2.041   1.00 0.46 ? 106 LEU A CG   1 
ATOM 497  C CD1  . LEU A 1 31 ? -6.219  -8.352  3.284   1.00 0.53 ? 106 LEU A CD1  1 
ATOM 498  C CD2  . LEU A 1 31 ? -4.410  -9.733  2.215   1.00 0.54 ? 106 LEU A CD2  1 
ATOM 499  H H    . LEU A 1 31 ? -7.787  -8.540  -1.207  1.00 0.38 ? 106 LEU A H    1 
ATOM 500  H HA   . LEU A 1 31 ? -7.683  -7.265  1.345   1.00 0.44 ? 106 LEU A HA   1 
ATOM 501  H HB2  . LEU A 1 31 ? -6.838  -9.560  0.929   1.00 0.46 ? 106 LEU A HB2  1 
ATOM 502  H HB3  . LEU A 1 31 ? -5.543  -8.899  -0.062  1.00 0.40 ? 106 LEU A HB3  1 
ATOM 503  H HG   . LEU A 1 31 ? -4.711  -7.626  1.924   1.00 0.43 ? 106 LEU A HG   1 
ATOM 504  H HD11 . LEU A 1 31 ? -7.110  -8.955  3.173   1.00 1.16 ? 106 LEU A HD11 1 
ATOM 505  H HD12 . LEU A 1 31 ? -5.682  -8.669  4.167   1.00 1.06 ? 106 LEU A HD12 1 
ATOM 506  H HD13 . LEU A 1 31 ? -6.502  -7.315  3.392   1.00 1.18 ? 106 LEU A HD13 1 
ATOM 507  H HD21 . LEU A 1 31 ? -3.777  -9.837  1.347   1.00 1.12 ? 106 LEU A HD21 1 
ATOM 508  H HD22 . LEU A 1 31 ? -3.798  -9.603  3.096   1.00 1.20 ? 106 LEU A HD22 1 
ATOM 509  H HD23 . LEU A 1 31 ? -5.015  -10.620 2.326   1.00 1.15 ? 106 LEU A HD23 1 
ATOM 510  N N    . ALA A 1 32 ? -5.470  -6.219  -0.869  1.00 0.34 ? 107 ALA A N    1 
ATOM 511  C CA   . ALA A 1 32 ? -4.568  -5.073  -1.170  1.00 0.33 ? 107 ALA A CA   1 
ATOM 512  C C    . ALA A 1 32 ? -5.380  -3.778  -1.166  1.00 0.32 ? 107 ALA A C    1 
ATOM 513  O O    . ALA A 1 32 ? -4.949  -2.765  -0.654  1.00 0.33 ? 107 ALA A O    1 
ATOM 514  C CB   . ALA A 1 32 ? -3.933  -5.275  -2.548  1.00 0.35 ? 107 ALA A CB   1 
ATOM 515  H H    . ALA A 1 32 ? -5.573  -6.944  -1.519  1.00 0.35 ? 107 ALA A H    1 
ATOM 516  H HA   . ALA A 1 32 ? -3.792  -5.016  -0.419  1.00 0.34 ? 107 ALA A HA   1 
ATOM 517  H HB1  . ALA A 1 32 ? -4.704  -5.506  -3.269  1.00 1.06 ? 107 ALA A HB1  1 
ATOM 518  H HB2  . ALA A 1 32 ? -3.423  -4.371  -2.845  1.00 1.06 ? 107 ALA A HB2  1 
ATOM 519  H HB3  . ALA A 1 32 ? -3.227  -6.090  -2.504  1.00 1.05 ? 107 ALA A HB3  1 
ATOM 520  N N    . GLU A 1 33 ? -6.554  -3.805  -1.734  1.00 0.33 ? 108 GLU A N    1 
ATOM 521  C CA   . GLU A 1 33 ? -7.393  -2.576  -1.761  1.00 0.35 ? 108 GLU A CA   1 
ATOM 522  C C    . GLU A 1 33 ? -7.705  -2.133  -0.330  1.00 0.36 ? 108 GLU A C    1 
ATOM 523  O O    . GLU A 1 33 ? -7.722  -0.962  -0.031  1.00 0.39 ? 108 GLU A O    1 
ATOM 524  C CB   . GLU A 1 33 ? -8.706  -2.859  -2.500  1.00 0.39 ? 108 GLU A CB   1 
ATOM 525  C CG   . GLU A 1 33 ? -9.540  -1.573  -2.580  1.00 0.44 ? 108 GLU A CG   1 
ATOM 526  C CD   . GLU A 1 33 ? -10.850 -1.854  -3.316  1.00 1.22 ? 108 GLU A CD   1 
ATOM 527  O OE1  . GLU A 1 33 ? -11.139 -3.016  -3.547  1.00 1.99 ? 108 GLU A OE1  1 
ATOM 528  O OE2  . GLU A 1 33 ? -11.546 -0.902  -3.629  1.00 1.92 ? 108 GLU A OE2  1 
ATOM 529  H H    . GLU A 1 33 ? -6.883  -4.633  -2.141  1.00 0.33 ? 108 GLU A H    1 
ATOM 530  H HA   . GLU A 1 33 ? -6.858  -1.787  -2.271  1.00 0.37 ? 108 GLU A HA   1 
ATOM 531  H HB2  . GLU A 1 33 ? -8.488  -3.210  -3.498  1.00 0.43 ? 108 GLU A HB2  1 
ATOM 532  H HB3  . GLU A 1 33 ? -9.263  -3.613  -1.965  1.00 0.39 ? 108 GLU A HB3  1 
ATOM 533  H HG2  . GLU A 1 33 ? -9.761  -1.220  -1.583  1.00 0.98 ? 108 GLU A HG2  1 
ATOM 534  H HG3  . GLU A 1 33 ? -8.984  -0.817  -3.114  1.00 1.02 ? 108 GLU A HG3  1 
ATOM 535  N N    . LYS A 1 34 ? -7.980  -3.060  0.548   1.00 0.35 ? 109 LYS A N    1 
ATOM 536  C CA   . LYS A 1 34 ? -8.317  -2.676  1.952   1.00 0.39 ? 109 LYS A CA   1 
ATOM 537  C C    . LYS A 1 34 ? -7.120  -2.008  2.636   1.00 0.36 ? 109 LYS A C    1 
ATOM 538  O O    . LYS A 1 34 ? -7.275  -1.072  3.397   1.00 0.40 ? 109 LYS A O    1 
ATOM 539  C CB   . LYS A 1 34 ? -8.724  -3.917  2.752   1.00 0.44 ? 109 LYS A CB   1 
ATOM 540  C CG   . LYS A 1 34 ? -9.079  -3.485  4.177   1.00 0.51 ? 109 LYS A CG   1 
ATOM 541  C CD   . LYS A 1 34 ? -9.721  -4.644  4.943   1.00 0.81 ? 109 LYS A CD   1 
ATOM 542  C CE   . LYS A 1 34 ? -10.384 -4.096  6.211   1.00 1.16 ? 109 LYS A CE   1 
ATOM 543  N NZ   . LYS A 1 34 ? -10.802 -5.223  7.090   1.00 1.87 ? 109 LYS A NZ   1 
ATOM 544  H H    . LYS A 1 34 ? -7.981  -4.004  0.283   1.00 0.35 ? 109 LYS A H    1 
ATOM 545  H HA   . LYS A 1 34 ? -9.145  -1.982  1.935   1.00 0.43 ? 109 LYS A HA   1 
ATOM 546  H HB2  . LYS A 1 34 ? -9.581  -4.383  2.286   1.00 0.47 ? 109 LYS A HB2  1 
ATOM 547  H HB3  . LYS A 1 34 ? -7.901  -4.615  2.782   1.00 0.44 ? 109 LYS A HB3  1 
ATOM 548  H HG2  . LYS A 1 34 ? -8.180  -3.175  4.692   1.00 0.82 ? 109 LYS A HG2  1 
ATOM 549  H HG3  . LYS A 1 34 ? -9.770  -2.656  4.136   1.00 0.76 ? 109 LYS A HG3  1 
ATOM 550  H HD2  . LYS A 1 34 ? -10.464 -5.122  4.322   1.00 1.31 ? 109 LYS A HD2  1 
ATOM 551  H HD3  . LYS A 1 34 ? -8.961  -5.361  5.217   1.00 1.32 ? 109 LYS A HD3  1 
ATOM 552  H HE2  . LYS A 1 34 ? -9.683  -3.468  6.739   1.00 1.75 ? 109 LYS A HE2  1 
ATOM 553  H HE3  . LYS A 1 34 ? -11.251 -3.513  5.936   1.00 1.66 ? 109 LYS A HE3  1 
ATOM 554  H HZ1  . LYS A 1 34 ? -10.758 -6.114  6.555   1.00 2.36 ? 109 LYS A HZ1  1 
ATOM 555  H HZ2  . LYS A 1 34 ? -10.165 -5.277  7.910   1.00 2.32 ? 109 LYS A HZ2  1 
ATOM 556  H HZ3  . LYS A 1 34 ? -11.774 -5.062  7.420   1.00 2.34 ? 109 LYS A HZ3  1 
ATOM 557  N N    . TRP A 1 35 ? -5.936  -2.500  2.407   1.00 0.32 ? 110 TRP A N    1 
ATOM 558  C CA   . TRP A 1 35 ? -4.733  -1.913  3.071   1.00 0.31 ? 110 TRP A CA   1 
ATOM 559  C C    . TRP A 1 35 ? -4.241  -0.661  2.331   1.00 0.30 ? 110 TRP A C    1 
ATOM 560  O O    . TRP A 1 35 ? -3.365  0.031   2.806   1.00 0.32 ? 110 TRP A O    1 
ATOM 561  C CB   . TRP A 1 35 ? -3.616  -2.968  3.113   1.00 0.32 ? 110 TRP A CB   1 
ATOM 562  C CG   . TRP A 1 35 ? -3.880  -3.940  4.224   1.00 0.34 ? 110 TRP A CG   1 
ATOM 563  C CD1  . TRP A 1 35 ? -4.599  -5.081  4.112   1.00 0.41 ? 110 TRP A CD1  1 
ATOM 564  C CD2  . TRP A 1 35 ? -3.440  -3.869  5.609   1.00 0.32 ? 110 TRP A CD2  1 
ATOM 565  N NE1  . TRP A 1 35 ? -4.632  -5.714  5.342   1.00 0.42 ? 110 TRP A NE1  1 
ATOM 566  C CE2  . TRP A 1 35 ? -3.932  -5.009  6.298   1.00 0.36 ? 110 TRP A CE2  1 
ATOM 567  C CE3  . TRP A 1 35 ? -2.666  -2.932  6.330   1.00 0.31 ? 110 TRP A CE3  1 
ATOM 568  C CZ2  . TRP A 1 35 ? -3.667  -5.213  7.660   1.00 0.36 ? 110 TRP A CZ2  1 
ATOM 569  C CZ3  . TRP A 1 35 ? -2.397  -3.135  7.699   1.00 0.33 ? 110 TRP A CZ3  1 
ATOM 570  C CH2  . TRP A 1 35 ? -2.896  -4.272  8.363   1.00 0.34 ? 110 TRP A CH2  1 
ATOM 571  H H    . TRP A 1 35 ? -5.837  -3.273  1.812   1.00 0.32 ? 110 TRP A H    1 
ATOM 572  H HA   . TRP A 1 35 ? -4.993  -1.632  4.082   1.00 0.33 ? 110 TRP A HA   1 
ATOM 573  H HB2  . TRP A 1 35 ? -3.586  -3.497  2.172   1.00 0.33 ? 110 TRP A HB2  1 
ATOM 574  H HB3  . TRP A 1 35 ? -2.665  -2.482  3.281   1.00 0.33 ? 110 TRP A HB3  1 
ATOM 575  H HD1  . TRP A 1 35 ? -5.072  -5.439  3.211   1.00 0.46 ? 110 TRP A HD1  1 
ATOM 576  H HE1  . TRP A 1 35 ? -5.090  -6.561  5.531   1.00 0.47 ? 110 TRP A HE1  1 
ATOM 577  H HE3  . TRP A 1 35 ? -2.280  -2.056  5.831   1.00 0.32 ? 110 TRP A HE3  1 
ATOM 578  H HZ2  . TRP A 1 35 ? -4.052  -6.086  8.165   1.00 0.40 ? 110 TRP A HZ2  1 
ATOM 579  H HZ3  . TRP A 1 35 ? -1.805  -2.417  8.238   1.00 0.37 ? 110 TRP A HZ3  1 
ATOM 580  H HH2  . TRP A 1 35 ? -2.686  -4.419  9.411   1.00 0.37 ? 110 TRP A HH2  1 
ATOM 581  N N    . LEU A 1 36 ? -4.762  -0.366  1.171   1.00 0.31 ? 111 LEU A N    1 
ATOM 582  C CA   . LEU A 1 36 ? -4.264  0.835   0.434   1.00 0.33 ? 111 LEU A CA   1 
ATOM 583  C C    . LEU A 1 36 ? -4.745  2.155   1.088   1.00 0.35 ? 111 LEU A C    1 
ATOM 584  O O    . LEU A 1 36 ? -3.943  3.049   1.274   1.00 0.37 ? 111 LEU A O    1 
ATOM 585  C CB   . LEU A 1 36 ? -4.700  0.767   -1.040  1.00 0.37 ? 111 LEU A CB   1 
ATOM 586  C CG   . LEU A 1 36 ? -3.961  1.842   -1.863  1.00 0.39 ? 111 LEU A CG   1 
ATOM 587  C CD1  . LEU A 1 36 ? -2.506  1.414   -2.134  1.00 0.58 ? 111 LEU A CD1  1 
ATOM 588  C CD2  . LEU A 1 36 ? -4.681  2.044   -3.204  1.00 0.51 ? 111 LEU A CD2  1 
ATOM 589  H H    . LEU A 1 36 ? -5.457  -0.935  0.779   1.00 0.31 ? 111 LEU A H    1 
ATOM 590  H HA   . LEU A 1 36 ? -3.187  0.820   0.471   1.00 0.34 ? 111 LEU A HA   1 
ATOM 591  H HB2  . LEU A 1 36 ? -4.474  -0.213  -1.433  1.00 0.43 ? 111 LEU A HB2  1 
ATOM 592  H HB3  . LEU A 1 36 ? -5.759  0.935   -1.108  1.00 0.43 ? 111 LEU A HB3  1 
ATOM 593  H HG   . LEU A 1 36 ? -3.960  2.773   -1.316  1.00 0.51 ? 111 LEU A HG   1 
ATOM 594  H HD11 . LEU A 1 36 ? -2.472  0.365   -2.386  1.00 1.26 ? 111 LEU A HD11 1 
ATOM 595  H HD12 . LEU A 1 36 ? -2.109  1.991   -2.957  1.00 1.20 ? 111 LEU A HD12 1 
ATOM 596  H HD13 . LEU A 1 36 ? -1.905  1.594   -1.256  1.00 1.16 ? 111 LEU A HD13 1 
ATOM 597  H HD21 . LEU A 1 36 ? -5.731  2.220   -3.031  1.00 1.08 ? 111 LEU A HD21 1 
ATOM 598  H HD22 . LEU A 1 36 ? -4.254  2.895   -3.714  1.00 1.17 ? 111 LEU A HD22 1 
ATOM 599  H HD23 . LEU A 1 36 ? -4.558  1.161   -3.815  1.00 1.17 ? 111 LEU A HD23 1 
ATOM 600  N N    . PRO A 1 37 ? -6.009  2.318   1.447   1.00 0.38 ? 112 PRO A N    1 
ATOM 601  C CA   . PRO A 1 37 ? -6.472  3.592   2.084   1.00 0.42 ? 112 PRO A CA   1 
ATOM 602  C C    . PRO A 1 37 ? -5.839  3.822   3.467   1.00 0.38 ? 112 PRO A C    1 
ATOM 603  O O    . PRO A 1 37 ? -5.716  4.944   3.917   1.00 0.39 ? 112 PRO A O    1 
ATOM 604  C CB   . PRO A 1 37 ? -7.999  3.422   2.199   1.00 0.51 ? 112 PRO A CB   1 
ATOM 605  C CG   . PRO A 1 37 ? -8.220  1.947   2.197   1.00 0.46 ? 112 PRO A CG   1 
ATOM 606  C CD   . PRO A 1 37 ? -7.127  1.362   1.302   1.00 0.40 ? 112 PRO A CD   1 
ATOM 607  H HA   . PRO A 1 37 ? -6.252  4.427   1.438   1.00 0.45 ? 112 PRO A HA   1 
ATOM 608  H HB2  . PRO A 1 37 ? -8.368  3.864   3.118   1.00 0.70 ? 112 PRO A HB2  1 
ATOM 609  H HB3  . PRO A 1 37 ? -8.492  3.869   1.347   1.00 0.68 ? 112 PRO A HB3  1 
ATOM 610  H HG2  . PRO A 1 37 ? -8.131  1.556   3.204   1.00 0.74 ? 112 PRO A HG2  1 
ATOM 611  H HG3  . PRO A 1 37 ? -9.192  1.710   1.790   1.00 0.71 ? 112 PRO A HG3  1 
ATOM 612  H HD2  . PRO A 1 37 ? -6.853  0.385   1.646   1.00 0.47 ? 112 PRO A HD2  1 
ATOM 613  H HD3  . PRO A 1 37 ? -7.464  1.333   0.281   1.00 0.55 ? 112 PRO A HD3  1 
ATOM 614  N N    . ALA A 1 38 ? -5.443  2.778   4.148   1.00 0.35 ? 113 ALA A N    1 
ATOM 615  C CA   . ALA A 1 38 ? -4.833  2.969   5.498   1.00 0.34 ? 113 ALA A CA   1 
ATOM 616  C C    . ALA A 1 38 ? -3.389  3.455   5.353   1.00 0.29 ? 113 ALA A C    1 
ATOM 617  O O    . ALA A 1 38 ? -2.952  4.345   6.056   1.00 0.29 ? 113 ALA A O    1 
ATOM 618  C CB   . ALA A 1 38 ? -4.848  1.641   6.258   1.00 0.37 ? 113 ALA A CB   1 
ATOM 619  H H    . ALA A 1 38 ? -5.552  1.875   3.778   1.00 0.35 ? 113 ALA A H    1 
ATOM 620  H HA   . ALA A 1 38 ? -5.404  3.703   6.047   1.00 0.37 ? 113 ALA A HA   1 
ATOM 621  H HB1  . ALA A 1 38 ? -5.820  1.180   6.157   1.00 0.97 ? 113 ALA A HB1  1 
ATOM 622  H HB2  . ALA A 1 38 ? -4.094  0.985   5.850   1.00 1.03 ? 113 ALA A HB2  1 
ATOM 623  H HB3  . ALA A 1 38 ? -4.642  1.823   7.303   1.00 1.07 ? 113 ALA A HB3  1 
ATOM 624  N N    . VAL A 1 39 ? -2.645  2.887   4.444   1.00 0.28 ? 114 VAL A N    1 
ATOM 625  C CA   . VAL A 1 39 ? -1.233  3.328   4.257   1.00 0.27 ? 114 VAL A CA   1 
ATOM 626  C C    . VAL A 1 39 ? -1.236  4.744   3.679   1.00 0.28 ? 114 VAL A C    1 
ATOM 627  O O    . VAL A 1 39 ? -0.427  5.577   4.036   1.00 0.30 ? 114 VAL A O    1 
ATOM 628  C CB   . VAL A 1 39 ? -0.538  2.375   3.263   1.00 0.29 ? 114 VAL A CB   1 
ATOM 629  C CG1  . VAL A 1 39 ? 0.930   2.795   3.051   1.00 0.54 ? 114 VAL A CG1  1 
ATOM 630  C CG2  . VAL A 1 39 ? -0.615  0.905   3.774   1.00 0.45 ? 114 VAL A CG2  1 
ATOM 631  H H    . VAL A 1 39 ? -3.015  2.175   3.882   1.00 0.29 ? 114 VAL A H    1 
ATOM 632  H HA   . VAL A 1 39 ? -0.713  3.315   5.203   1.00 0.28 ? 114 VAL A HA   1 
ATOM 633  H HB   . VAL A 1 39 ? -1.049  2.451   2.314   1.00 0.43 ? 114 VAL A HB   1 
ATOM 634  H HG11 . VAL A 1 39 ? 0.995   3.860   2.893   1.00 1.09 ? 114 VAL A HG11 1 
ATOM 635  H HG12 . VAL A 1 39 ? 1.514   2.527   3.915   1.00 1.24 ? 114 VAL A HG12 1 
ATOM 636  H HG13 . VAL A 1 39 ? 1.319   2.286   2.185   1.00 1.23 ? 114 VAL A HG13 1 
ATOM 637  H HG21 . VAL A 1 39 ? -1.235  0.848   4.659   1.00 1.03 ? 114 VAL A HG21 1 
ATOM 638  H HG22 . VAL A 1 39 ? -1.043  0.277   3.006   1.00 1.13 ? 114 VAL A HG22 1 
ATOM 639  H HG23 . VAL A 1 39 ? 0.373   0.537   4.017   1.00 1.21 ? 114 VAL A HG23 1 
ATOM 640  N N    . GLN A 1 40 ? -2.130  5.007   2.767   1.00 0.31 ? 115 GLN A N    1 
ATOM 641  C CA   . GLN A 1 40 ? -2.181  6.352   2.135   1.00 0.37 ? 115 GLN A CA   1 
ATOM 642  C C    . GLN A 1 40 ? -2.606  7.402   3.171   1.00 0.35 ? 115 GLN A C    1 
ATOM 643  O O    . GLN A 1 40 ? -2.041  8.475   3.248   1.00 0.38 ? 115 GLN A O    1 
ATOM 644  C CB   . GLN A 1 40 ? -3.191  6.299   0.970   1.00 0.45 ? 115 GLN A CB   1 
ATOM 645  C CG   . GLN A 1 40 ? -2.744  7.213   -0.179  1.00 1.15 ? 115 GLN A CG   1 
ATOM 646  C CD   . GLN A 1 40 ? -3.681  7.011   -1.371  1.00 1.50 ? 115 GLN A CD   1 
ATOM 647  O OE1  . GLN A 1 40 ? -4.805  7.471   -1.362  1.00 2.13 ? 115 GLN A OE1  1 
ATOM 648  N NE2  . GLN A 1 40 ? -3.265  6.329   -2.404  1.00 1.99 ? 115 GLN A NE2  1 
ATOM 649  H H    . GLN A 1 40 ? -2.758  4.311   2.484   1.00 0.33 ? 115 GLN A H    1 
ATOM 650  H HA   . GLN A 1 40 ? -1.199  6.602   1.759   1.00 0.41 ? 115 GLN A HA   1 
ATOM 651  H HB2  . GLN A 1 40 ? -3.257  5.284   0.607   1.00 1.10 ? 115 GLN A HB2  1 
ATOM 652  H HB3  . GLN A 1 40 ? -4.167  6.614   1.315   1.00 1.11 ? 115 GLN A HB3  1 
ATOM 653  H HG2  . GLN A 1 40 ? -2.782  8.243   0.142   1.00 1.88 ? 115 GLN A HG2  1 
ATOM 654  H HG3  . GLN A 1 40 ? -1.737  6.960   -0.472  1.00 1.83 ? 115 GLN A HG3  1 
ATOM 655  H HE21 . GLN A 1 40 ? -2.360  5.952   -2.409  1.00 2.28 ? 115 GLN A HE21 1 
ATOM 656  H HE22 . GLN A 1 40 ? -3.857  6.192   -3.173  1.00 2.45 ? 115 GLN A HE22 1 
ATOM 657  N N    . ALA A 1 41 ? -3.595  7.102   3.972   1.00 0.33 ? 116 ALA A N    1 
ATOM 658  C CA   . ALA A 1 41 ? -4.043  8.087   4.997   1.00 0.34 ? 116 ALA A CA   1 
ATOM 659  C C    . ALA A 1 41 ? -2.905  8.345   5.988   1.00 0.31 ? 116 ALA A C    1 
ATOM 660  O O    . ALA A 1 41 ? -2.674  9.460   6.411   1.00 0.32 ? 116 ALA A O    1 
ATOM 661  C CB   . ALA A 1 41 ? -5.260  7.529   5.743   1.00 0.38 ? 116 ALA A CB   1 
ATOM 662  H H    . ALA A 1 41 ? -4.039  6.232   3.900   1.00 0.32 ? 116 ALA A H    1 
ATOM 663  H HA   . ALA A 1 41 ? -4.313  9.013   4.512   1.00 0.36 ? 116 ALA A HA   1 
ATOM 664  H HB1  . ALA A 1 41 ? -5.921  7.044   5.040   1.00 1.10 ? 116 ALA A HB1  1 
ATOM 665  H HB2  . ALA A 1 41 ? -4.937  6.813   6.485   1.00 1.04 ? 116 ALA A HB2  1 
ATOM 666  H HB3  . ALA A 1 41 ? -5.785  8.338   6.230   1.00 1.05 ? 116 ALA A HB3  1 
ATOM 667  N N    . ALA A 1 42 ? -2.194  7.317   6.359   1.00 0.30 ? 117 ALA A N    1 
ATOM 668  C CA   . ALA A 1 42 ? -1.069  7.489   7.320   1.00 0.29 ? 117 ALA A CA   1 
ATOM 669  C C    . ALA A 1 42 ? -0.030  8.452   6.738   1.00 0.29 ? 117 ALA A C    1 
ATOM 670  O O    . ALA A 1 42 ? 0.531   9.270   7.440   1.00 0.30 ? 117 ALA A O    1 
ATOM 671  C CB   . ALA A 1 42 ? -0.417  6.129   7.589   1.00 0.31 ? 117 ALA A CB   1 
ATOM 672  H H    . ALA A 1 42 ? -2.400  6.427   6.003   1.00 0.30 ? 117 ALA A H    1 
ATOM 673  H HA   . ALA A 1 42 ? -1.450  7.891   8.247   1.00 0.32 ? 117 ALA A HA   1 
ATOM 674  H HB1  . ALA A 1 42 ? -0.310  5.592   6.659   1.00 1.11 ? 117 ALA A HB1  1 
ATOM 675  H HB2  . ALA A 1 42 ? 0.556   6.276   8.034   1.00 1.01 ? 117 ALA A HB2  1 
ATOM 676  H HB3  . ALA A 1 42 ? -1.040  5.560   8.263   1.00 1.07 ? 117 ALA A HB3  1 
ATOM 677  N N    . ASP A 1 43 ? 0.243   8.354   5.465   1.00 0.29 ? 118 ASP A N    1 
ATOM 678  C CA   . ASP A 1 43 ? 1.259   9.257   4.855   1.00 0.32 ? 118 ASP A CA   1 
ATOM 679  C C    . ASP A 1 43 ? 0.821   10.714  5.031   1.00 0.33 ? 118 ASP A C    1 
ATOM 680  O O    . ASP A 1 43 ? 1.620   11.577  5.338   1.00 0.35 ? 118 ASP A O    1 
ATOM 681  C CB   . ASP A 1 43 ? 1.390   8.940   3.363   1.00 0.36 ? 118 ASP A CB   1 
ATOM 682  C CG   . ASP A 1 43 ? 2.433   9.866   2.734   1.00 0.42 ? 118 ASP A CG   1 
ATOM 683  O OD1  . ASP A 1 43 ? 3.119   10.546  3.477   1.00 1.13 ? 118 ASP A OD1  1 
ATOM 684  O OD2  . ASP A 1 43 ? 2.525   9.881   1.516   1.00 1.18 ? 118 ASP A OD2  1 
ATOM 685  H H    . ASP A 1 43 ? -0.211  7.682   4.914   1.00 0.30 ? 118 ASP A H    1 
ATOM 686  H HA   . ASP A 1 43 ? 2.212   9.107   5.339   1.00 0.33 ? 118 ASP A HA   1 
ATOM 687  H HB2  . ASP A 1 43 ? 1.699   7.912   3.240   1.00 0.37 ? 118 ASP A HB2  1 
ATOM 688  H HB3  . ASP A 1 43 ? 0.437   9.091   2.878   1.00 0.37 ? 118 ASP A HB3  1 
ATOM 689  N N    . GLU A 1 44 ? -0.442  10.997  4.852   1.00 0.36 ? 119 GLU A N    1 
ATOM 690  C CA   . GLU A 1 44 ? -0.916  12.401  5.027   1.00 0.39 ? 119 GLU A CA   1 
ATOM 691  C C    . GLU A 1 44 ? -0.679  12.847  6.477   1.00 0.37 ? 119 GLU A C    1 
ATOM 692  O O    . GLU A 1 44 ? -0.310  13.976  6.733   1.00 0.40 ? 119 GLU A O    1 
ATOM 693  C CB   . GLU A 1 44 ? -2.424  12.491  4.690   1.00 0.46 ? 119 GLU A CB   1 
ATOM 694  C CG   . GLU A 1 44 ? -2.628  12.961  3.242   1.00 1.23 ? 119 GLU A CG   1 
ATOM 695  C CD   . GLU A 1 44 ? -4.127  13.090  2.959   1.00 1.60 ? 119 GLU A CD   1 
ATOM 696  O OE1  . GLU A 1 44 ? -4.907  12.647  3.786   1.00 1.99 ? 119 GLU A OE1  1 
ATOM 697  O OE2  . GLU A 1 44 ? -4.469  13.641  1.926   1.00 2.22 ? 119 GLU A OE2  1 
ATOM 698  H H    . GLU A 1 44 ? -1.075  10.289  4.614   1.00 0.36 ? 119 GLU A H    1 
ATOM 699  H HA   . GLU A 1 44 ? -0.355  13.047  4.367   1.00 0.42 ? 119 GLU A HA   1 
ATOM 700  H HB2  . GLU A 1 44 ? -2.870  11.514  4.807   1.00 0.94 ? 119 GLU A HB2  1 
ATOM 701  H HB3  . GLU A 1 44 ? -2.915  13.186  5.359   1.00 0.91 ? 119 GLU A HB3  1 
ATOM 702  H HG2  . GLU A 1 44 ? -2.151  13.921  3.107   1.00 1.80 ? 119 GLU A HG2  1 
ATOM 703  H HG3  . GLU A 1 44 ? -2.195  12.244  2.563   1.00 1.83 ? 119 GLU A HG3  1 
ATOM 704  N N    . MET A 1 45 ? -0.913  11.982  7.428   1.00 0.37 ? 120 MET A N    1 
ATOM 705  C CA   . MET A 1 45 ? -0.725  12.385  8.851   1.00 0.39 ? 120 MET A CA   1 
ATOM 706  C C    . MET A 1 45 ? 0.757   12.611  9.157   1.00 0.38 ? 120 MET A C    1 
ATOM 707  O O    . MET A 1 45 ? 1.117   13.541  9.854   1.00 0.42 ? 120 MET A O    1 
ATOM 708  C CB   . MET A 1 45 ? -1.279  11.290  9.771   1.00 0.44 ? 120 MET A CB   1 
ATOM 709  C CG   . MET A 1 45 ? -2.800  11.125  9.550   1.00 0.53 ? 120 MET A CG   1 
ATOM 710  S SD   . MET A 1 45 ? -3.618  10.815  11.140  1.00 1.37 ? 120 MET A SD   1 
ATOM 711  C CE   . MET A 1 45 ? -5.306  11.258  10.646  1.00 1.76 ? 120 MET A CE   1 
ATOM 712  H H    . MET A 1 45 ? -1.230  11.081  7.207   1.00 0.37 ? 120 MET A H    1 
ATOM 713  H HA   . MET A 1 45 ? -1.264  13.302  9.032   1.00 0.45 ? 120 MET A HA   1 
ATOM 714  H HB2  . MET A 1 45 ? -0.777  10.356  9.553   1.00 0.44 ? 120 MET A HB2  1 
ATOM 715  H HB3  . MET A 1 45 ? -1.090  11.562  10.799  1.00 0.47 ? 120 MET A HB3  1 
ATOM 716  H HG2  . MET A 1 45 ? -3.209  12.021  9.105   1.00 0.99 ? 120 MET A HG2  1 
ATOM 717  H HG3  . MET A 1 45 ? -2.981  10.288  8.889   1.00 1.22 ? 120 MET A HG3  1 
ATOM 718  H HE1  . MET A 1 45 ? -5.288  12.150  10.036  1.00 2.16 ? 120 MET A HE1  1 
ATOM 719  H HE2  . MET A 1 45 ? -5.741  10.449  10.083  1.00 2.28 ? 120 MET A HE2  1 
ATOM 720  H HE3  . MET A 1 45 ? -5.901  11.437  11.530  1.00 2.21 ? 120 MET A HE3  1 
ATOM 721  N N    . LEU A 1 46 ? 1.624   11.787  8.640   1.00 0.36 ? 121 LEU A N    1 
ATOM 722  C CA   . LEU A 1 46 ? 3.078   11.985  8.907   1.00 0.42 ? 121 LEU A CA   1 
ATOM 723  C C    . LEU A 1 46 ? 3.518   13.292  8.249   1.00 0.47 ? 121 LEU A C    1 
ATOM 724  O O    . LEU A 1 46 ? 4.333   14.025  8.774   1.00 0.54 ? 121 LEU A O    1 
ATOM 725  C CB   . LEU A 1 46 ? 3.883   10.811  8.336   1.00 0.48 ? 121 LEU A CB   1 
ATOM 726  C CG   . LEU A 1 46 ? 3.443   9.488   8.989   1.00 0.50 ? 121 LEU A CG   1 
ATOM 727  C CD1  . LEU A 1 46 ? 3.937   8.303   8.130   1.00 0.60 ? 121 LEU A CD1  1 
ATOM 728  C CD2  . LEU A 1 46 ? 4.033   9.378   10.409  1.00 0.54 ? 121 LEU A CD2  1 
ATOM 729  H H    . LEU A 1 46 ? 1.323   11.046  8.073   1.00 0.35 ? 121 LEU A H    1 
ATOM 730  H HA   . LEU A 1 46 ? 3.239   12.059  9.968   1.00 0.46 ? 121 LEU A HA   1 
ATOM 731  H HB2  . LEU A 1 46 ? 3.723   10.756  7.269   1.00 0.48 ? 121 LEU A HB2  1 
ATOM 732  H HB3  . LEU A 1 46 ? 4.934   10.973  8.530   1.00 0.54 ? 121 LEU A HB3  1 
ATOM 733  H HG   . LEU A 1 46 ? 2.363   9.461   9.045   1.00 0.48 ? 121 LEU A HG   1 
ATOM 734  H HD11 . LEU A 1 46 ? 4.890   8.548   7.682   1.00 1.25 ? 121 LEU A HD11 1 
ATOM 735  H HD12 . LEU A 1 46 ? 4.049   7.420   8.743   1.00 1.16 ? 121 LEU A HD12 1 
ATOM 736  H HD13 . LEU A 1 46 ? 3.218   8.103   7.350   1.00 1.17 ? 121 LEU A HD13 1 
ATOM 737  H HD21 . LEU A 1 46 ? 5.099   9.541   10.373  1.00 1.08 ? 121 LEU A HD21 1 
ATOM 738  H HD22 . LEU A 1 46 ? 3.580   10.116  11.052  1.00 1.22 ? 121 LEU A HD22 1 
ATOM 739  H HD23 . LEU A 1 46 ? 3.834   8.395   10.809  1.00 1.12 ? 121 LEU A HD23 1 
ATOM 740  N N    . ASN A 1 47 ? 2.972   13.588  7.106   1.00 0.48 ? 122 ASN A N    1 
ATOM 741  C CA   . ASN A 1 47 ? 3.335   14.845  6.397   1.00 0.58 ? 122 ASN A CA   1 
ATOM 742  C C    . ASN A 1 47 ? 2.989   16.040  7.285   1.00 0.57 ? 122 ASN A C    1 
ATOM 743  O O    . ASN A 1 47 ? 3.704   17.022  7.331   1.00 0.63 ? 122 ASN A O    1 
ATOM 744  C CB   . ASN A 1 47 ? 2.545   14.927  5.088   1.00 0.67 ? 122 ASN A CB   1 
ATOM 745  C CG   . ASN A 1 47 ? 2.906   16.215  4.347   1.00 1.33 ? 122 ASN A CG   1 
ATOM 746  O OD1  . ASN A 1 47 ? 3.044   17.259  4.951   1.00 2.18 ? 122 ASN A OD1  1 
ATOM 747  N ND2  . ASN A 1 47 ? 3.073   16.182  3.053   1.00 1.89 ? 122 ASN A ND2  1 
ATOM 748  H H    . ASN A 1 47 ? 2.313   12.980  6.710   1.00 0.45 ? 122 ASN A H    1 
ATOM 749  H HA   . ASN A 1 47 ? 4.391   14.848  6.184   1.00 0.67 ? 122 ASN A HA   1 
ATOM 750  H HB2  . ASN A 1 47 ? 2.788   14.076  4.468   1.00 1.14 ? 122 ASN A HB2  1 
ATOM 751  H HB3  . ASN A 1 47 ? 1.487   14.924  5.305   1.00 1.30 ? 122 ASN A HB3  1 
ATOM 752  H HD21 . ASN A 1 47 ? 2.967   15.338  2.567   1.00 2.04 ? 122 ASN A HD21 1 
ATOM 753  H HD22 . ASN A 1 47 ? 3.303   17.002  2.567   1.00 2.60 ? 122 ASN A HD22 1 
ATOM 754  N N    . GLN A 1 48 ? 1.892   15.968  7.981   1.00 0.55 ? 123 GLN A N    1 
ATOM 755  C CA   . GLN A 1 48 ? 1.484   17.100  8.860   1.00 0.59 ? 123 GLN A CA   1 
ATOM 756  C C    . GLN A 1 48 ? 2.358   17.125  10.122  1.00 0.57 ? 123 GLN A C    1 
ATOM 757  O O    . GLN A 1 48 ? 2.205   17.974  10.977  1.00 0.63 ? 123 GLN A O    1 
ATOM 758  C CB   . GLN A 1 48 ? 0.008   16.940  9.233   1.00 0.62 ? 123 GLN A CB   1 
ATOM 759  C CG   . GLN A 1 48 ? -0.460  18.149  10.056  1.00 0.74 ? 123 GLN A CG   1 
ATOM 760  C CD   . GLN A 1 48 ? -1.983  18.283  9.955   1.00 1.35 ? 123 GLN A CD   1 
ATOM 761  O OE1  . GLN A 1 48 ? -2.649  17.405  9.442   1.00 1.92 ? 123 GLN A OE1  1 
ATOM 762  N NE2  . GLN A 1 48 ? -2.563  19.356  10.416  1.00 2.06 ? 123 GLN A NE2  1 
ATOM 763  H H    . GLN A 1 48 ? 1.328   15.169  7.922   1.00 0.56 ? 123 GLN A H    1 
ATOM 764  H HA   . GLN A 1 48 ? 1.616   18.028  8.322   1.00 0.66 ? 123 GLN A HA   1 
ATOM 765  H HB2  . GLN A 1 48 ? -0.579  16.865  8.326   1.00 0.70 ? 123 GLN A HB2  1 
ATOM 766  H HB3  . GLN A 1 48 ? -0.120  16.039  9.814   1.00 0.59 ? 123 GLN A HB3  1 
ATOM 767  H HG2  . GLN A 1 48 ? -0.181  18.007  11.090  1.00 1.06 ? 123 GLN A HG2  1 
ATOM 768  H HG3  . GLN A 1 48 ? 0.002   19.050  9.679   1.00 0.99 ? 123 GLN A HG3  1 
ATOM 769  H HE21 . GLN A 1 48 ? -2.026  20.068  10.823  1.00 2.38 ? 123 GLN A HE21 1 
ATOM 770  H HE22 . GLN A 1 48 ? -3.536  19.455  10.351  1.00 2.59 ? 123 GLN A HE22 1 
ATOM 771  N N    . GLY A 1 49 ? 3.292   16.216  10.228  1.00 0.55 ? 124 GLY A N    1 
ATOM 772  C CA   . GLY A 1 49 ? 4.202   16.204  11.414  1.00 0.59 ? 124 GLY A CA   1 
ATOM 773  C C    . GLY A 1 49 ? 3.468   15.753  12.682  1.00 0.54 ? 124 GLY A C    1 
ATOM 774  O O    . GLY A 1 49 ? 3.818   16.142  13.779  1.00 0.59 ? 124 GLY A O    1 
ATOM 775  H H    . GLY A 1 49 ? 3.417   15.559  9.511   1.00 0.54 ? 124 GLY A H    1 
ATOM 776  H HA2  . GLY A 1 49 ? 5.018   15.523  11.220  1.00 0.63 ? 124 GLY A HA2  1 
ATOM 777  H HA3  . GLY A 1 49 ? 4.603   17.195  11.566  1.00 0.67 ? 124 GLY A HA3  1 
ATOM 778  N N    . ILE A 1 50 ? 2.471   14.921  12.553  1.00 0.49 ? 125 ILE A N    1 
ATOM 779  C CA   . ILE A 1 50 ? 1.747   14.438  13.765  1.00 0.48 ? 125 ILE A CA   1 
ATOM 780  C C    . ILE A 1 50 ? 2.582   13.334  14.422  1.00 0.47 ? 125 ILE A C    1 
ATOM 781  O O    . ILE A 1 50 ? 3.224   12.547  13.756  1.00 0.46 ? 125 ILE A O    1 
ATOM 782  C CB   . ILE A 1 50 ? 0.354   13.916  13.363  1.00 0.49 ? 125 ILE A CB   1 
ATOM 783  C CG1  . ILE A 1 50 ? -0.471  15.099  12.839  1.00 0.59 ? 125 ILE A CG1  1 
ATOM 784  C CG2  . ILE A 1 50 ? -0.373  13.276  14.566  1.00 0.52 ? 125 ILE A CG2  1 
ATOM 785  C CD1  . ILE A 1 50 ? -1.769  14.596  12.201  1.00 0.70 ? 125 ILE A CD1  1 
ATOM 786  H H    . ILE A 1 50 ? 2.209   14.602  11.665  1.00 0.47 ? 125 ILE A H    1 
ATOM 787  H HA   . ILE A 1 50 ? 1.634   15.257  14.462  1.00 0.54 ? 125 ILE A HA   1 
ATOM 788  H HB   . ILE A 1 50 ? 0.462   13.180  12.580  1.00 0.47 ? 125 ILE A HB   1 
ATOM 789  H HG12 . ILE A 1 50 ? -0.706  15.766  13.655  1.00 1.00 ? 125 ILE A HG12 1 
ATOM 790  H HG13 . ILE A 1 50 ? 0.105   15.633  12.099  1.00 0.89 ? 125 ILE A HG13 1 
ATOM 791  H HG21 . ILE A 1 50 ? 0.306   12.661  15.130  1.00 1.08 ? 125 ILE A HG21 1 
ATOM 792  H HG22 . ILE A 1 50 ? -0.768  14.048  15.207  1.00 1.15 ? 125 ILE A HG22 1 
ATOM 793  H HG23 . ILE A 1 50 ? -1.185  12.662  14.206  1.00 1.19 ? 125 ILE A HG23 1 
ATOM 794  H HD11 . ILE A 1 50 ? -1.541  13.844  11.462  1.00 1.18 ? 125 ILE A HD11 1 
ATOM 795  H HD12 . ILE A 1 50 ? -2.407  14.174  12.963  1.00 1.36 ? 125 ILE A HD12 1 
ATOM 796  H HD13 . ILE A 1 50 ? -2.279  15.423  11.729  1.00 1.26 ? 125 ILE A HD13 1 
ATOM 797  N N    . SER A 1 51 ? 2.581   13.282  15.726  1.00 0.51 ? 126 SER A N    1 
ATOM 798  C CA   . SER A 1 51 ? 3.379   12.241  16.435  1.00 0.54 ? 126 SER A CA   1 
ATOM 799  C C    . SER A 1 51 ? 3.042   10.864  15.858  1.00 0.48 ? 126 SER A C    1 
ATOM 800  O O    . SER A 1 51 ? 1.903   10.568  15.554  1.00 0.43 ? 126 SER A O    1 
ATOM 801  C CB   . SER A 1 51 ? 3.036   12.276  17.929  1.00 0.61 ? 126 SER A CB   1 
ATOM 802  O OG   . SER A 1 51 ? 4.108   11.708  18.671  1.00 1.36 ? 126 SER A OG   1 
ATOM 803  H H    . SER A 1 51 ? 2.061   13.932  16.241  1.00 0.54 ? 126 SER A H    1 
ATOM 804  H HA   . SER A 1 51 ? 4.432   12.441  16.302  1.00 0.57 ? 126 SER A HA   1 
ATOM 805  H HB2  . SER A 1 51 ? 2.890   13.296  18.242  1.00 1.10 ? 126 SER A HB2  1 
ATOM 806  H HB3  . SER A 1 51 ? 2.126   11.715  18.108  1.00 1.25 ? 126 SER A HB3  1 
ATOM 807  H HG   . SER A 1 51 ? 3.920   11.832  19.604  1.00 1.81 ? 126 SER A HG   1 
ATOM 808  N N    . THR A 1 52 ? 4.027   10.024  15.695  1.00 0.50 ? 127 THR A N    1 
ATOM 809  C CA   . THR A 1 52 ? 3.762   8.674   15.128  1.00 0.47 ? 127 THR A CA   1 
ATOM 810  C C    . THR A 1 52 ? 2.759   7.922   16.007  1.00 0.47 ? 127 THR A C    1 
ATOM 811  O O    . THR A 1 52 ? 1.862   7.270   15.514  1.00 0.43 ? 127 THR A O    1 
ATOM 812  C CB   . THR A 1 52 ? 5.080   7.886   15.062  1.00 0.53 ? 127 THR A CB   1 
ATOM 813  O OG1  . THR A 1 52 ? 5.843   8.150   16.230  1.00 0.60 ? 127 THR A OG1  1 
ATOM 814  C CG2  . THR A 1 52 ? 5.878   8.300   13.820  1.00 0.54 ? 127 THR A CG2  1 
ATOM 815  H H    . THR A 1 52 ? 4.939   10.284  15.939  1.00 0.55 ? 127 THR A H    1 
ATOM 816  H HA   . THR A 1 52 ? 3.355   8.777   14.133  1.00 0.43 ? 127 THR A HA   1 
ATOM 817  H HB   . THR A 1 52 ? 4.867   6.831   15.010  1.00 0.53 ? 127 THR A HB   1 
ATOM 818  H HG1  . THR A 1 52 ? 6.132   9.065   16.195  1.00 1.09 ? 127 THR A HG1  1 
ATOM 819  H HG21 . THR A 1 52 ? 5.910   9.378   13.755  1.00 1.07 ? 127 THR A HG21 1 
ATOM 820  H HG22 . THR A 1 52 ? 6.884   7.913   13.895  1.00 1.20 ? 127 THR A HG22 1 
ATOM 821  H HG23 . THR A 1 52 ? 5.403   7.898   12.936  1.00 1.18 ? 127 THR A HG23 1 
ATOM 822  N N    . LYS A 1 53 ? 2.897   8.002   17.301  1.00 0.53 ? 128 LYS A N    1 
ATOM 823  C CA   . LYS A 1 53 ? 1.938   7.269   18.182  1.00 0.57 ? 128 LYS A CA   1 
ATOM 824  C C    . LYS A 1 53 ? 0.522   7.743   17.882  1.00 0.53 ? 128 LYS A C    1 
ATOM 825  O O    . LYS A 1 53 ? -0.382  6.959   17.669  1.00 0.53 ? 128 LYS A O    1 
ATOM 826  C CB   . LYS A 1 53 ? 2.208   7.604   19.652  1.00 0.66 ? 128 LYS A CB   1 
ATOM 827  C CG   . LYS A 1 53 ? 3.530   7.014   20.133  1.00 1.21 ? 128 LYS A CG   1 
ATOM 828  C CD   . LYS A 1 53 ? 3.709   7.401   21.608  1.00 1.62 ? 128 LYS A CD   1 
ATOM 829  C CE   . LYS A 1 53 ? 5.124   7.078   22.094  1.00 2.21 ? 128 LYS A CE   1 
ATOM 830  N NZ   . LYS A 1 53 ? 5.558   5.749   21.582  1.00 2.81 ? 128 LYS A NZ   1 
ATOM 831  H H    . LYS A 1 53 ? 3.626   8.527   17.686  1.00 0.57 ? 128 LYS A H    1 
ATOM 832  H HA   . LYS A 1 53 ? 2.022   6.204   18.021  1.00 0.57 ? 128 LYS A HA   1 
ATOM 833  H HB2  . LYS A 1 53 ? 2.239   8.677   19.768  1.00 1.01 ? 128 LYS A HB2  1 
ATOM 834  H HB3  . LYS A 1 53 ? 1.405   7.208   20.258  1.00 0.94 ? 128 LYS A HB3  1 
ATOM 835  H HG2  . LYS A 1 53 ? 3.499   5.939   20.034  1.00 1.68 ? 128 LYS A HG2  1 
ATOM 836  H HG3  . LYS A 1 53 ? 4.345   7.415   19.551  1.00 1.81 ? 128 LYS A HG3  1 
ATOM 837  H HD2  . LYS A 1 53 ? 3.530   8.461   21.721  1.00 2.24 ? 128 LYS A HD2  1 
ATOM 838  H HD3  . LYS A 1 53 ? 2.994   6.856   22.207  1.00 1.90 ? 128 LYS A HD3  1 
ATOM 839  H HE2  . LYS A 1 53 ? 5.806   7.838   21.741  1.00 2.54 ? 128 LYS A HE2  1 
ATOM 840  H HE3  . LYS A 1 53 ? 5.133   7.065   23.174  1.00 2.69 ? 128 LYS A HE3  1 
ATOM 841  H HZ1  . LYS A 1 53 ? 5.001   5.497   20.746  1.00 3.17 ? 128 LYS A HZ1  1 
ATOM 842  H HZ2  . LYS A 1 53 ? 6.565   5.790   21.325  1.00 3.12 ? 128 LYS A HZ2  1 
ATOM 843  H HZ3  . LYS A 1 53 ? 5.419   5.031   22.322  1.00 3.22 ? 128 LYS A HZ3  1 
ATOM 844  N N    . THR A 1 54 ? 0.325   9.029   17.882  1.00 0.52 ? 129 THR A N    1 
ATOM 845  C CA   . THR A 1 54 ? -1.027  9.578   17.620  1.00 0.52 ? 129 THR A CA   1 
ATOM 846  C C    . THR A 1 54 ? -1.440  9.233   16.190  1.00 0.44 ? 129 THR A C    1 
ATOM 847  O O    . THR A 1 54 ? -2.563  8.846   15.933  1.00 0.45 ? 129 THR A O    1 
ATOM 848  C CB   . THR A 1 54 ? -0.981  11.098  17.804  1.00 0.55 ? 129 THR A CB   1 
ATOM 849  O OG1  . THR A 1 54 ? -0.505  11.396  19.109  1.00 0.64 ? 129 THR A OG1  1 
ATOM 850  C CG2  . THR A 1 54 ? -2.380  11.694  17.634  1.00 0.58 ? 129 THR A CG2  1 
ATOM 851  H H    . THR A 1 54 ? 1.071   9.637   18.069  1.00 0.54 ? 129 THR A H    1 
ATOM 852  H HA   . THR A 1 54 ? -1.734  9.150   18.316  1.00 0.57 ? 129 THR A HA   1 
ATOM 853  H HB   . THR A 1 54 ? -0.318  11.530  17.072  1.00 0.51 ? 129 THR A HB   1 
ATOM 854  H HG1  . THR A 1 54 ? -0.732  10.661  19.683  1.00 1.11 ? 129 THR A HG1  1 
ATOM 855  H HG21 . THR A 1 54 ? -2.796  11.381  16.689  1.00 1.19 ? 129 THR A HG21 1 
ATOM 856  H HG22 . THR A 1 54 ? -3.014  11.353  18.439  1.00 1.15 ? 129 THR A HG22 1 
ATOM 857  H HG23 . THR A 1 54 ? -2.315  12.772  17.661  1.00 1.18 ? 129 THR A HG23 1 
ATOM 858  N N    . ALA A 1 55 ? -0.539  9.367   15.258  1.00 0.39 ? 130 ALA A N    1 
ATOM 859  C CA   . ALA A 1 55 ? -0.879  9.042   13.846  1.00 0.34 ? 130 ALA A CA   1 
ATOM 860  C C    . ALA A 1 55 ? -1.302  7.575   13.732  1.00 0.32 ? 130 ALA A C    1 
ATOM 861  O O    . ALA A 1 55 ? -2.336  7.263   13.178  1.00 0.32 ? 130 ALA A O    1 
ATOM 862  C CB   . ALA A 1 55 ? 0.342   9.293   12.958  1.00 0.33 ? 130 ALA A CB   1 
ATOM 863  H H    . ALA A 1 55 ? 0.362   9.678   15.487  1.00 0.41 ? 130 ALA A H    1 
ATOM 864  H HA   . ALA A 1 55 ? -1.691  9.675   13.521  1.00 0.35 ? 130 ALA A HA   1 
ATOM 865  H HB1  . ALA A 1 55 ? 0.737   10.278  13.159  1.00 1.07 ? 130 ALA A HB1  1 
ATOM 866  H HB2  . ALA A 1 55 ? 1.099   8.552   13.169  1.00 1.06 ? 130 ALA A HB2  1 
ATOM 867  H HB3  . ALA A 1 55 ? 0.051   9.227   11.920  1.00 1.09 ? 130 ALA A HB3  1 
ATOM 868  N N    . PHE A 1 56 ? -0.511  6.667   14.245  1.00 0.34 ? 131 PHE A N    1 
ATOM 869  C CA   . PHE A 1 56 ? -0.883  5.225   14.149  1.00 0.36 ? 131 PHE A CA   1 
ATOM 870  C C    . PHE A 1 56 ? -2.084  4.933   15.050  1.00 0.39 ? 131 PHE A C    1 
ATOM 871  O O    . PHE A 1 56 ? -2.974  4.189   14.687  1.00 0.40 ? 131 PHE A O    1 
ATOM 872  C CB   . PHE A 1 56 ? 0.300   4.343   14.573  1.00 0.41 ? 131 PHE A CB   1 
ATOM 873  C CG   . PHE A 1 56 ? 1.401   4.416   13.533  1.00 0.41 ? 131 PHE A CG   1 
ATOM 874  C CD1  . PHE A 1 56 ? 1.164   3.963   12.217  1.00 0.40 ? 131 PHE A CD1  1 
ATOM 875  C CD2  . PHE A 1 56 ? 2.665   4.939   13.876  1.00 0.44 ? 131 PHE A CD2  1 
ATOM 876  C CE1  . PHE A 1 56 ? 2.187   4.035   11.252  1.00 0.44 ? 131 PHE A CE1  1 
ATOM 877  C CE2  . PHE A 1 56 ? 3.685   5.011   12.908  1.00 0.47 ? 131 PHE A CE2  1 
ATOM 878  C CZ   . PHE A 1 56 ? 3.446   4.561   11.597  1.00 0.47 ? 131 PHE A CZ   1 
ATOM 879  H H    . PHE A 1 56 ? 0.324   6.932   14.685  1.00 0.37 ? 131 PHE A H    1 
ATOM 880  H HA   . PHE A 1 56 ? -1.149  5.000   13.129  1.00 0.34 ? 131 PHE A HA   1 
ATOM 881  H HB2  . PHE A 1 56 ? 0.678   4.686   15.525  1.00 0.45 ? 131 PHE A HB2  1 
ATOM 882  H HB3  . PHE A 1 56 ? -0.034  3.321   14.669  1.00 0.45 ? 131 PHE A HB3  1 
ATOM 883  H HD1  . PHE A 1 56 ? 0.201   3.555   11.950  1.00 0.40 ? 131 PHE A HD1  1 
ATOM 884  H HD2  . PHE A 1 56 ? 2.854   5.281   14.884  1.00 0.47 ? 131 PHE A HD2  1 
ATOM 885  H HE1  . PHE A 1 56 ? 2.003   3.689   10.246  1.00 0.46 ? 131 PHE A HE1  1 
ATOM 886  H HE2  . PHE A 1 56 ? 4.653   5.412   13.170  1.00 0.51 ? 131 PHE A HE2  1 
ATOM 887  H HZ   . PHE A 1 56 ? 4.229   4.620   10.857  1.00 0.52 ? 131 PHE A HZ   1 
ATOM 888  N N    . ALA A 1 57 ? -2.122  5.506   16.223  1.00 0.43 ? 132 ALA A N    1 
ATOM 889  C CA   . ALA A 1 57 ? -3.274  5.248   17.131  1.00 0.49 ? 132 ALA A CA   1 
ATOM 890  C C    . ALA A 1 57 ? -4.568  5.701   16.453  1.00 0.48 ? 132 ALA A C    1 
ATOM 891  O O    . ALA A 1 57 ? -5.563  5.004   16.463  1.00 0.50 ? 132 ALA A O    1 
ATOM 892  C CB   . ALA A 1 57 ? -3.076  6.015   18.443  1.00 0.57 ? 132 ALA A CB   1 
ATOM 893  H H    . ALA A 1 57 ? -1.397  6.103   16.503  1.00 0.44 ? 132 ALA A H    1 
ATOM 894  H HA   . ALA A 1 57 ? -3.332  4.189   17.342  1.00 0.52 ? 132 ALA A HA   1 
ATOM 895  H HB1  . ALA A 1 57 ? -2.667  6.992   18.230  1.00 1.12 ? 132 ALA A HB1  1 
ATOM 896  H HB2  . ALA A 1 57 ? -4.026  6.126   18.947  1.00 1.30 ? 132 ALA A HB2  1 
ATOM 897  H HB3  . ALA A 1 57 ? -2.395  5.470   19.079  1.00 1.06 ? 132 ALA A HB3  1 
ATOM 898  N N    . THR A 1 58 ? -4.563  6.865   15.864  1.00 0.48 ? 133 THR A N    1 
ATOM 899  C CA   . THR A 1 58 ? -5.793  7.361   15.186  1.00 0.50 ? 133 THR A CA   1 
ATOM 900  C C    . THR A 1 58 ? -6.165  6.402   14.054  1.00 0.45 ? 133 THR A C    1 
ATOM 901  O O    . THR A 1 58 ? -7.308  6.022   13.894  1.00 0.48 ? 133 THR A O    1 
ATOM 902  C CB   . THR A 1 58 ? -5.526  8.759   14.610  1.00 0.53 ? 133 THR A CB   1 
ATOM 903  O OG1  . THR A 1 58 ? -5.110  9.619   15.662  1.00 0.59 ? 133 THR A OG1  1 
ATOM 904  C CG2  . THR A 1 58 ? -6.803  9.343   13.965  1.00 0.59 ? 133 THR A CG2  1 
ATOM 905  H H    . THR A 1 58 ? -3.750  7.413   15.867  1.00 0.48 ? 133 THR A H    1 
ATOM 906  H HA   . THR A 1 58 ? -6.602  7.410   15.897  1.00 0.55 ? 133 THR A HA   1 
ATOM 907  H HB   . THR A 1 58 ? -4.743  8.695   13.868  1.00 0.49 ? 133 THR A HB   1 
ATOM 908  H HG1  . THR A 1 58 ? -5.801  10.269  15.805  1.00 1.13 ? 133 THR A HG1  1 
ATOM 909  H HG21 . THR A 1 58 ? -7.552  8.572   13.840  1.00 1.17 ? 133 THR A HG21 1 
ATOM 910  H HG22 . THR A 1 58 ? -7.198  10.121  14.602  1.00 1.21 ? 133 THR A HG22 1 
ATOM 911  H HG23 . THR A 1 58 ? -6.565  9.763   12.999  1.00 1.15 ? 133 THR A HG23 1 
ATOM 912  N N    . VAL A 1 59 ? -5.201  6.006   13.270  1.00 0.40 ? 134 VAL A N    1 
ATOM 913  C CA   . VAL A 1 59 ? -5.484  5.068   12.146  1.00 0.38 ? 134 VAL A CA   1 
ATOM 914  C C    . VAL A 1 59 ? -5.970  3.729   12.704  1.00 0.35 ? 134 VAL A C    1 
ATOM 915  O O    . VAL A 1 59 ? -6.931  3.161   12.228  1.00 0.37 ? 134 VAL A O    1 
ATOM 916  C CB   . VAL A 1 59 ? -4.198  4.873   11.327  1.00 0.38 ? 134 VAL A CB   1 
ATOM 917  C CG1  . VAL A 1 59 ? -4.384  3.728   10.315  1.00 0.41 ? 134 VAL A CG1  1 
ATOM 918  C CG2  . VAL A 1 59 ? -3.862  6.183   10.580  1.00 0.43 ? 134 VAL A CG2  1 
ATOM 919  H H    . VAL A 1 59 ? -4.289  6.324   13.422  1.00 0.39 ? 134 VAL A H    1 
ATOM 920  H HA   . VAL A 1 59 ? -6.250  5.492   11.513  1.00 0.41 ? 134 VAL A HA   1 
ATOM 921  H HB   . VAL A 1 59 ? -3.387  4.626   11.998  1.00 0.38 ? 134 VAL A HB   1 
ATOM 922  H HG11 . VAL A 1 59 ? -5.395  3.728   9.943   1.00 1.05 ? 134 VAL A HG11 1 
ATOM 923  H HG12 . VAL A 1 59 ? -3.701  3.860   9.489   1.00 1.05 ? 134 VAL A HG12 1 
ATOM 924  H HG13 . VAL A 1 59 ? -4.179  2.783   10.799  1.00 1.12 ? 134 VAL A HG13 1 
ATOM 925  H HG21 . VAL A 1 59 ? -4.183  7.034   11.165  1.00 1.10 ? 134 VAL A HG21 1 
ATOM 926  H HG22 . VAL A 1 59 ? -2.796  6.243   10.421  1.00 1.16 ? 134 VAL A HG22 1 
ATOM 927  H HG23 . VAL A 1 59 ? -4.367  6.197   9.622   1.00 1.03 ? 134 VAL A HG23 1 
ATOM 928  N N    . ALA A 1 60 ? -5.322  3.227   13.719  1.00 0.34 ? 135 ALA A N    1 
ATOM 929  C CA   . ALA A 1 60 ? -5.756  1.932   14.313  1.00 0.35 ? 135 ALA A CA   1 
ATOM 930  C C    . ALA A 1 60 ? -7.140  2.106   14.933  1.00 0.37 ? 135 ALA A C    1 
ATOM 931  O O    . ALA A 1 60 ? -7.940  1.192   14.962  1.00 0.38 ? 135 ALA A O    1 
ATOM 932  C CB   . ALA A 1 60 ? -4.761  1.499   15.392  1.00 0.39 ? 135 ALA A CB   1 
ATOM 933  H H    . ALA A 1 60 ? -4.555  3.707   14.095  1.00 0.36 ? 135 ALA A H    1 
ATOM 934  H HA   . ALA A 1 60 ? -5.804  1.177   13.540  1.00 0.36 ? 135 ALA A HA   1 
ATOM 935  H HB1  . ALA A 1 60 ? -4.529  2.343   16.025  1.00 1.15 ? 135 ALA A HB1  1 
ATOM 936  H HB2  . ALA A 1 60 ? -5.195  0.711   15.988  1.00 1.08 ? 135 ALA A HB2  1 
ATOM 937  H HB3  . ALA A 1 60 ? -3.857  1.141   14.924  1.00 1.05 ? 135 ALA A HB3  1 
ATOM 938  N N    . GLY A 1 61 ? -7.435  3.276   15.422  1.00 0.40 ? 136 GLY A N    1 
ATOM 939  C CA   . GLY A 1 61 ? -8.775  3.508   16.025  1.00 0.46 ? 136 GLY A CA   1 
ATOM 940  C C    . GLY A 1 61 ? -9.825  3.506   14.914  1.00 0.46 ? 136 GLY A C    1 
ATOM 941  O O    . GLY A 1 61 ? -10.827 2.825   14.996  1.00 0.50 ? 136 GLY A O    1 
ATOM 942  H H    . GLY A 1 61 ? -6.784  4.007   15.374  1.00 0.41 ? 136 GLY A H    1 
ATOM 943  H HA2  . GLY A 1 61 ? -8.988  2.713   16.724  1.00 0.48 ? 136 GLY A HA2  1 
ATOM 944  H HA3  . GLY A 1 61 ? -8.787  4.457   16.538  1.00 0.50 ? 136 GLY A HA3  1 
ATOM 945  N N    . HIS A 1 62 ? -9.598  4.258   13.870  1.00 0.44 ? 137 HIS A N    1 
ATOM 946  C CA   . HIS A 1 62 ? -10.582 4.288   12.751  1.00 0.48 ? 137 HIS A CA   1 
ATOM 947  C C    . HIS A 1 62 ? -10.541 2.957   11.992  1.00 0.45 ? 137 HIS A C    1 
ATOM 948  O O    . HIS A 1 62 ? -11.562 2.402   11.635  1.00 0.50 ? 137 HIS A O    1 
ATOM 949  C CB   . HIS A 1 62 ? -10.222 5.422   11.788  1.00 0.51 ? 137 HIS A CB   1 
ATOM 950  C CG   . HIS A 1 62 ? -10.329 6.745   12.494  1.00 0.55 ? 137 HIS A CG   1 
ATOM 951  N ND1  . HIS A 1 62 ? -11.235 6.967   13.520  1.00 1.05 ? 137 HIS A ND1  1 
ATOM 952  C CD2  . HIS A 1 62 ? -9.649  7.926   12.333  1.00 0.63 ? 137 HIS A CD2  1 
ATOM 953  C CE1  . HIS A 1 62 ? -11.075 8.238   13.933  1.00 0.94 ? 137 HIS A CE1  1 
ATOM 954  N NE2  . HIS A 1 62 ? -10.122 8.868   13.243  1.00 0.60 ? 137 HIS A NE2  1 
ATOM 955  H H    . HIS A 1 62 ? -8.781  4.795   13.819  1.00 0.43 ? 137 HIS A H    1 
ATOM 956  H HA   . HIS A 1 62 ? -11.574 4.449   13.145  1.00 0.53 ? 137 HIS A HA   1 
ATOM 957  H HB2  . HIS A 1 62 ? -9.211  5.285   11.433  1.00 0.49 ? 137 HIS A HB2  1 
ATOM 958  H HB3  . HIS A 1 62 ? -10.901 5.408   10.948  1.00 0.56 ? 137 HIS A HB3  1 
ATOM 959  H HD1  . HIS A 1 62 ? -11.873 6.317   13.881  1.00 1.52 ? 137 HIS A HD1  1 
ATOM 960  H HD2  . HIS A 1 62 ? -8.867  8.099   11.608  1.00 1.07 ? 137 HIS A HD2  1 
ATOM 961  H HE1  . HIS A 1 62 ? -11.646 8.693   14.729  1.00 1.31 ? 137 HIS A HE1  1 
ATOM 962  N N    . TYR A 1 63 ? -9.361  2.444   11.734  1.00 0.39 ? 138 TYR A N    1 
ATOM 963  C CA   . TYR A 1 63 ? -9.232  1.153   10.987  1.00 0.39 ? 138 TYR A CA   1 
ATOM 964  C C    . TYR A 1 63 ? -8.974  0.006   11.968  1.00 0.37 ? 138 TYR A C    1 
ATOM 965  O O    . TYR A 1 63 ? -8.190  0.131   12.886  1.00 0.35 ? 138 TYR A O    1 
ATOM 966  C CB   . TYR A 1 63 ? -8.065  1.260   10.006  1.00 0.40 ? 138 TYR A CB   1 
ATOM 967  C CG   . TYR A 1 63 ? -8.392  2.283   8.947   1.00 0.43 ? 138 TYR A CG   1 
ATOM 968  C CD1  . TYR A 1 63 ? -8.122  3.646   9.179   1.00 0.41 ? 138 TYR A CD1  1 
ATOM 969  C CD2  . TYR A 1 63 ? -8.958  1.877   7.723   1.00 0.51 ? 138 TYR A CD2  1 
ATOM 970  C CE1  . TYR A 1 63 ? -8.416  4.602   8.188   1.00 0.45 ? 138 TYR A CE1  1 
ATOM 971  C CE2  . TYR A 1 63 ? -9.256  2.833   6.733   1.00 0.56 ? 138 TYR A CE2  1 
ATOM 972  C CZ   . TYR A 1 63 ? -8.985  4.196   6.965   1.00 0.53 ? 138 TYR A CZ   1 
ATOM 973  O OH   . TYR A 1 63 ? -9.275  5.133   5.994   1.00 0.59 ? 138 TYR A OH   1 
ATOM 974  H H    . TYR A 1 63 ? -8.552  2.915   12.029  1.00 0.37 ? 138 TYR A H    1 
ATOM 975  H HA   . TYR A 1 63 ? -10.142 0.954   10.437  1.00 0.44 ? 138 TYR A HA   1 
ATOM 976  H HB2  . TYR A 1 63 ? -7.174  1.560   10.537  1.00 0.37 ? 138 TYR A HB2  1 
ATOM 977  H HB3  . TYR A 1 63 ? -7.899  0.300   9.538   1.00 0.43 ? 138 TYR A HB3  1 
ATOM 978  H HD1  . TYR A 1 63 ? -7.691  3.959   10.118  1.00 0.38 ? 138 TYR A HD1  1 
ATOM 979  H HD2  . TYR A 1 63 ? -9.167  0.833   7.545   1.00 0.56 ? 138 TYR A HD2  1 
ATOM 980  H HE1  . TYR A 1 63 ? -8.206  5.647   8.367   1.00 0.46 ? 138 TYR A HE1  1 
ATOM 981  H HE2  . TYR A 1 63 ? -9.692  2.522   5.795   1.00 0.64 ? 138 TYR A HE2  1 
ATOM 982  H HH   . TYR A 1 63 ? -8.889  4.833   5.169   1.00 1.08 ? 138 TYR A HH   1 
ATOM 983  N N    . GLN A 1 64 ? -9.615  -1.115  11.775  1.00 0.42 ? 139 GLN A N    1 
ATOM 984  C CA   . GLN A 1 64 ? -9.393  -2.269  12.692  1.00 0.43 ? 139 GLN A CA   1 
ATOM 985  C C    . GLN A 1 64 ? -8.162  -3.052  12.242  1.00 0.41 ? 139 GLN A C    1 
ATOM 986  O O    . GLN A 1 64 ? -8.252  -4.196  11.845  1.00 0.45 ? 139 GLN A O    1 
ATOM 987  C CB   . GLN A 1 64 ? -10.612 -3.190  12.671  1.00 0.51 ? 139 GLN A CB   1 
ATOM 988  C CG   . GLN A 1 64 ? -11.769 -2.518  13.408  1.00 1.36 ? 139 GLN A CG   1 
ATOM 989  C CD   . GLN A 1 64 ? -13.037 -3.355  13.244  1.00 1.92 ? 139 GLN A CD   1 
ATOM 990  O OE1  . GLN A 1 64 ? -13.079 -4.266  12.441  1.00 2.22 ? 139 GLN A OE1  1 
ATOM 991  N NE2  . GLN A 1 64 ? -14.082 -3.083  13.977  1.00 2.83 ? 139 GLN A NE2  1 
ATOM 992  H H    . GLN A 1 64 ? -10.231 -1.201  11.023  1.00 0.46 ? 139 GLN A H    1 
ATOM 993  H HA   . GLN A 1 64 ? -9.237  -1.907  13.698  1.00 0.41 ? 139 GLN A HA   1 
ATOM 994  H HB2  . GLN A 1 64 ? -10.900 -3.382  11.647  1.00 1.09 ? 139 GLN A HB2  1 
ATOM 995  H HB3  . GLN A 1 64 ? -10.370 -4.123  13.158  1.00 0.91 ? 139 GLN A HB3  1 
ATOM 996  H HG2  . GLN A 1 64 ? -11.525 -2.436  14.458  1.00 1.98 ? 139 GLN A HG2  1 
ATOM 997  H HG3  . GLN A 1 64 ? -11.934 -1.532  12.998  1.00 2.01 ? 139 GLN A HG3  1 
ATOM 998  H HE21 . GLN A 1 64 ? -14.048 -2.346  14.623  1.00 3.19 ? 139 GLN A HE21 1 
ATOM 999  H HE22 . GLN A 1 64 ? -14.900 -3.613  13.881  1.00 3.42 ? 139 GLN A HE22 1 
ATOM 1000 N N    . VAL A 1 65 ? -7.010  -2.438  12.310  1.00 0.37 ? 140 VAL A N    1 
ATOM 1001 C CA   . VAL A 1 65 ? -5.747  -3.131  11.902  1.00 0.38 ? 140 VAL A CA   1 
ATOM 1002 C C    . VAL A 1 65 ? -4.703  -2.968  13.003  1.00 0.35 ? 140 VAL A C    1 
ATOM 1003 O O    . VAL A 1 65 ? -4.766  -2.055  13.802  1.00 0.34 ? 140 VAL A O    1 
ATOM 1004 C CB   . VAL A 1 65 ? -5.232  -2.507  10.600  1.00 0.38 ? 140 VAL A CB   1 
ATOM 1005 C CG1  . VAL A 1 65 ? -6.293  -2.694  9.509   1.00 0.44 ? 140 VAL A CG1  1 
ATOM 1006 C CG2  . VAL A 1 65 ? -4.941  -0.996  10.812  1.00 0.34 ? 140 VAL A CG2  1 
ATOM 1007 H H    . VAL A 1 65 ? -6.974  -1.514  12.640  1.00 0.35 ? 140 VAL A H    1 
ATOM 1008 H HA   . VAL A 1 65 ? -5.932  -4.185  11.743  1.00 0.42 ? 140 VAL A HA   1 
ATOM 1009 H HB   . VAL A 1 65 ? -4.325  -3.013  10.300  1.00 0.41 ? 140 VAL A HB   1 
ATOM 1010 H HG11 . VAL A 1 65 ? -7.220  -2.242  9.827   1.00 1.11 ? 140 VAL A HG11 1 
ATOM 1011 H HG12 . VAL A 1 65 ? -5.957  -2.225  8.596   1.00 1.07 ? 140 VAL A HG12 1 
ATOM 1012 H HG13 . VAL A 1 65 ? -6.446  -3.749  9.338   1.00 1.13 ? 140 VAL A HG13 1 
ATOM 1013 H HG21 . VAL A 1 65 ? -5.470  -0.634  11.684  1.00 1.08 ? 140 VAL A HG21 1 
ATOM 1014 H HG22 . VAL A 1 65 ? -3.880  -0.850  10.957  1.00 1.09 ? 140 VAL A HG22 1 
ATOM 1015 H HG23 . VAL A 1 65 ? -5.259  -0.432  9.944   1.00 1.04 ? 140 VAL A HG23 1 
ATOM 1016 N N    . SER A 1 66 ? -3.741  -3.845  13.052  1.00 0.36 ? 141 SER A N    1 
ATOM 1017 C CA   . SER A 1 66 ? -2.692  -3.740  14.102  1.00 0.35 ? 141 SER A CA   1 
ATOM 1018 C C    . SER A 1 66 ? -1.769  -2.559  13.782  1.00 0.32 ? 141 SER A C    1 
ATOM 1019 O O    . SER A 1 66 ? -1.258  -2.438  12.687  1.00 0.33 ? 141 SER A O    1 
ATOM 1020 C CB   . SER A 1 66 ? -1.893  -5.054  14.159  1.00 0.39 ? 141 SER A CB   1 
ATOM 1021 O OG   . SER A 1 66 ? -2.289  -5.790  15.308  1.00 1.35 ? 141 SER A OG   1 
ATOM 1022 H H    . SER A 1 66 ? -3.709  -4.572  12.396  1.00 0.38 ? 141 SER A H    1 
ATOM 1023 H HA   . SER A 1 66 ? -3.165  -3.570  15.060  1.00 0.37 ? 141 SER A HA   1 
ATOM 1024 H HB2  . SER A 1 66 ? -2.103  -5.640  13.280  1.00 0.96 ? 141 SER A HB2  1 
ATOM 1025 H HB3  . SER A 1 66 ? -0.829  -4.848  14.202  1.00 1.08 ? 141 SER A HB3  1 
ATOM 1026 H HG   . SER A 1 66 ? -1.695  -5.557  16.027  1.00 1.80 ? 141 SER A HG   1 
ATOM 1027 N N    . ALA A 1 67 ? -1.540  -1.701  14.734  1.00 0.32 ? 142 ALA A N    1 
ATOM 1028 C CA   . ALA A 1 67 ? -0.637  -0.546  14.488  1.00 0.31 ? 142 ALA A CA   1 
ATOM 1029 C C    . ALA A 1 67 ? 0.747   -1.088  14.108  1.00 0.32 ? 142 ALA A C    1 
ATOM 1030 O O    . ALA A 1 67 ? 1.415   -0.566  13.238  1.00 0.32 ? 142 ALA A O    1 
ATOM 1031 C CB   . ALA A 1 67 ? -0.551  0.316   15.763  1.00 0.35 ? 142 ALA A CB   1 
ATOM 1032 H H    . ALA A 1 67 ? -1.952  -1.823  15.615  1.00 0.34 ? 142 ALA A H    1 
ATOM 1033 H HA   . ALA A 1 67 ? -1.026  0.046   13.671  1.00 0.31 ? 142 ALA A HA   1 
ATOM 1034 H HB1  . ALA A 1 67 ? -0.818  -0.287  16.620  1.00 0.86 ? 142 ALA A HB1  1 
ATOM 1035 H HB2  . ALA A 1 67 ? 0.453   0.696   15.891  1.00 1.04 ? 142 ALA A HB2  1 
ATOM 1036 H HB3  . ALA A 1 67 ? -1.238  1.147   15.686  1.00 1.09 ? 142 ALA A HB3  1 
ATOM 1037 N N    . SER A 1 68 ? 1.177   -2.133  14.763  1.00 0.34 ? 143 SER A N    1 
ATOM 1038 C CA   . SER A 1 68 ? 2.513   -2.717  14.457  1.00 0.37 ? 143 SER A CA   1 
ATOM 1039 C C    . SER A 1 68 ? 2.526   -3.278  13.028  1.00 0.37 ? 143 SER A C    1 
ATOM 1040 O O    . SER A 1 68 ? 3.500   -3.150  12.313  1.00 0.39 ? 143 SER A O    1 
ATOM 1041 C CB   . SER A 1 68 ? 2.807   -3.843  15.461  1.00 0.43 ? 143 SER A CB   1 
ATOM 1042 O OG   . SER A 1 68 ? 3.514   -3.307  16.571  1.00 1.41 ? 143 SER A OG   1 
ATOM 1043 H H    . SER A 1 68 ? 0.618   -2.532  15.462  1.00 0.36 ? 143 SER A H    1 
ATOM 1044 H HA   . SER A 1 68 ? 3.268   -1.952  14.547  1.00 0.38 ? 143 SER A HA   1 
ATOM 1045 H HB2  . SER A 1 68 ? 1.879   -4.265  15.809  1.00 1.09 ? 143 SER A HB2  1 
ATOM 1046 H HB3  . SER A 1 68 ? 3.397   -4.621  14.990  1.00 1.08 ? 143 SER A HB3  1 
ATOM 1047 H HG   . SER A 1 68 ? 4.311   -3.829  16.692  1.00 1.94 ? 143 SER A HG   1 
ATOM 1048 N N    . THR A 1 69 ? 1.463   -3.906  12.609  1.00 0.36 ? 144 THR A N    1 
ATOM 1049 C CA   . THR A 1 69 ? 1.439   -4.479  11.234  1.00 0.39 ? 144 THR A CA   1 
ATOM 1050 C C    . THR A 1 69 ? 1.512   -3.342  10.213  1.00 0.36 ? 144 THR A C    1 
ATOM 1051 O O    . THR A 1 69 ? 2.294   -3.375  9.284   1.00 0.37 ? 144 THR A O    1 
ATOM 1052 C CB   . THR A 1 69 ? 0.128   -5.257  11.040  1.00 0.41 ? 144 THR A CB   1 
ATOM 1053 O OG1  . THR A 1 69 ? 0.058   -6.293  12.009  1.00 0.45 ? 144 THR A OG1  1 
ATOM 1054 C CG2  . THR A 1 69 ? 0.064   -5.884  9.636   1.00 0.46 ? 144 THR A CG2  1 
ATOM 1055 H H    . THR A 1 69 ? 0.688   -4.010  13.199  1.00 0.36 ? 144 THR A H    1 
ATOM 1056 H HA   . THR A 1 69 ? 2.279   -5.143  11.099  1.00 0.43 ? 144 THR A HA   1 
ATOM 1057 H HB   . THR A 1 69 ? -0.709  -4.586  11.171  1.00 0.38 ? 144 THR A HB   1 
ATOM 1058 H HG1  . THR A 1 69 ? 0.644   -7.000  11.730  1.00 1.00 ? 144 THR A HG1  1 
ATOM 1059 H HG21 . THR A 1 69 ? 0.576   -5.258  8.923   1.00 1.10 ? 144 THR A HG21 1 
ATOM 1060 H HG22 . THR A 1 69 ? 0.529   -6.857  9.659   1.00 1.11 ? 144 THR A HG22 1 
ATOM 1061 H HG23 . THR A 1 69 ? -0.967  -5.989  9.337   1.00 1.10 ? 144 THR A HG23 1 
ATOM 1062 N N    . LEU A 1 70 ? 0.684   -2.355  10.364  1.00 0.32 ? 145 LEU A N    1 
ATOM 1063 C CA   . LEU A 1 70 ? 0.681   -1.232  9.387   1.00 0.30 ? 145 LEU A CA   1 
ATOM 1064 C C    . LEU A 1 70 ? 2.050   -0.545  9.357   1.00 0.30 ? 145 LEU A C    1 
ATOM 1065 O O    . LEU A 1 70 ? 2.551   -0.216  8.300   1.00 0.30 ? 145 LEU A O    1 
ATOM 1066 C CB   . LEU A 1 70 ? -0.427  -0.220  9.771   1.00 0.28 ? 145 LEU A CB   1 
ATOM 1067 C CG   . LEU A 1 70 ? -0.414  1.050   8.869   1.00 0.29 ? 145 LEU A CG   1 
ATOM 1068 C CD1  . LEU A 1 70 ? -0.778  0.712   7.385   1.00 0.34 ? 145 LEU A CD1  1 
ATOM 1069 C CD2  . LEU A 1 70 ? -1.410  2.107   9.448   1.00 0.29 ? 145 LEU A CD2  1 
ATOM 1070 H H    . LEU A 1 70 ? 0.044   -2.367  11.102  1.00 0.31 ? 145 LEU A H    1 
ATOM 1071 H HA   . LEU A 1 70 ? 0.480   -1.641  8.419   1.00 0.31 ? 145 LEU A HA   1 
ATOM 1072 H HB2  . LEU A 1 70 ? -1.390  -0.697  9.692   1.00 0.28 ? 145 LEU A HB2  1 
ATOM 1073 H HB3  . LEU A 1 70 ? -0.272  0.077   10.798  1.00 0.28 ? 145 LEU A HB3  1 
ATOM 1074 H HG   . LEU A 1 70 ? 0.581   1.474   8.890   1.00 0.31 ? 145 LEU A HG   1 
ATOM 1075 H HD11 . LEU A 1 70 ? -0.621  -0.328  7.188   1.00 1.05 ? 145 LEU A HD11 1 
ATOM 1076 H HD12 . LEU A 1 70 ? -1.810  0.944   7.179   1.00 1.04 ? 145 LEU A HD12 1 
ATOM 1077 H HD13 . LEU A 1 70 ? -0.151  1.292   6.722   1.00 1.08 ? 145 LEU A HD13 1 
ATOM 1078 H HD21 . LEU A 1 70 ? -1.579  1.925   10.500  1.00 1.06 ? 145 LEU A HD21 1 
ATOM 1079 H HD22 . LEU A 1 70 ? -0.994  3.096   9.329   1.00 1.10 ? 145 LEU A HD22 1 
ATOM 1080 H HD23 . LEU A 1 70 ? -2.355  2.060   8.929   1.00 1.00 ? 145 LEU A HD23 1 
ATOM 1081 N N    . ARG A 1 71 ? 2.664   -0.307  10.484  1.00 0.31 ? 146 ARG A N    1 
ATOM 1082 C CA   . ARG A 1 71 ? 3.988   0.375   10.442  1.00 0.33 ? 146 ARG A CA   1 
ATOM 1083 C C    . ARG A 1 71 ? 5.000   -0.455  9.634   1.00 0.34 ? 146 ARG A C    1 
ATOM 1084 O O    . ARG A 1 71 ? 5.740   0.078   8.832   1.00 0.34 ? 146 ARG A O    1 
ATOM 1085 C CB   . ARG A 1 71 ? 4.544   0.613   11.857  1.00 0.37 ? 146 ARG A CB   1 
ATOM 1086 C CG   . ARG A 1 71 ? 5.941   1.234   11.715  1.00 0.38 ? 146 ARG A CG   1 
ATOM 1087 C CD   . ARG A 1 71 ? 6.426   1.882   13.023  1.00 0.47 ? 146 ARG A CD   1 
ATOM 1088 N NE   . ARG A 1 71 ? 5.890   1.182   14.228  1.00 1.41 ? 146 ARG A NE   1 
ATOM 1089 C CZ   . ARG A 1 71 ? 6.580   1.183   15.348  1.00 1.98 ? 146 ARG A CZ   1 
ATOM 1090 N NH1  . ARG A 1 71 ? 7.864   1.434   15.340  1.00 2.02 ? 146 ARG A NH1  1 
ATOM 1091 N NH2  . ARG A 1 71 ? 5.999   0.862   16.471  1.00 3.08 ? 146 ARG A NH2  1 
ATOM 1092 H H    . ARG A 1 71 ? 2.258   -0.562  11.338  1.00 0.32 ? 146 ARG A H    1 
ATOM 1093 H HA   . ARG A 1 71 ? 3.864   1.331   9.955   1.00 0.32 ? 146 ARG A HA   1 
ATOM 1094 H HB2  . ARG A 1 71 ? 3.893   1.287   12.397  1.00 0.39 ? 146 ARG A HB2  1 
ATOM 1095 H HB3  . ARG A 1 71 ? 4.618   -0.326  12.385  1.00 0.40 ? 146 ARG A HB3  1 
ATOM 1096 H HG2  . ARG A 1 71 ? 6.639   0.462   11.423  1.00 0.40 ? 146 ARG A HG2  1 
ATOM 1097 H HG3  . ARG A 1 71 ? 5.908   1.988   10.940  1.00 0.39 ? 146 ARG A HG3  1 
ATOM 1098 H HD2  . ARG A 1 71 ? 7.515   1.864   13.024  1.00 1.09 ? 146 ARG A HD2  1 
ATOM 1099 H HD3  . ARG A 1 71 ? 6.083   2.898   13.066  1.00 1.24 ? 146 ARG A HD3  1 
ATOM 1100 H HE   . ARG A 1 71 ? 4.974   0.836   14.220  1.00 2.10 ? 146 ARG A HE   1 
ATOM 1101 H HH11 . ARG A 1 71 ? 8.336   1.624   14.481  1.00 1.84 ? 146 ARG A HH11 1 
ATOM 1102 H HH12 . ARG A 1 71 ? 8.379   1.426   16.197  1.00 2.72 ? 146 ARG A HH12 1 
ATOM 1103 H HH21 . ARG A 1 71 ? 5.031   0.617   16.482  1.00 3.60 ? 146 ARG A HH21 1 
ATOM 1104 H HH22 . ARG A 1 71 ? 6.524   0.866   17.322  1.00 3.58 ? 146 ARG A HH22 1 
ATOM 1105 N N    . ASP A 1 72 ? 5.055   -1.743  9.841   1.00 0.38 ? 147 ASP A N    1 
ATOM 1106 C CA   . ASP A 1 72 ? 6.042   -2.571  9.081   1.00 0.41 ? 147 ASP A CA   1 
ATOM 1107 C C    . ASP A 1 72 ? 5.769   -2.445  7.576   1.00 0.39 ? 147 ASP A C    1 
ATOM 1108 O O    . ASP A 1 72 ? 6.676   -2.320  6.778   1.00 0.40 ? 147 ASP A O    1 
ATOM 1109 C CB   . ASP A 1 72 ? 5.911   -4.054  9.521   1.00 0.47 ? 147 ASP A CB   1 
ATOM 1110 C CG   . ASP A 1 72 ? 7.036   -4.454  10.492  1.00 1.20 ? 147 ASP A CG   1 
ATOM 1111 O OD1  . ASP A 1 72 ? 7.719   -3.574  10.988  1.00 1.85 ? 147 ASP A OD1  1 
ATOM 1112 O OD2  . ASP A 1 72 ? 7.191   -5.642  10.720  1.00 1.98 ? 147 ASP A OD2  1 
ATOM 1113 H H    . ASP A 1 72 ? 4.461   -2.163  10.498  1.00 0.39 ? 147 ASP A H    1 
ATOM 1114 H HA   . ASP A 1 72 ? 7.038   -2.210  9.283   1.00 0.43 ? 147 ASP A HA   1 
ATOM 1115 H HB2  . ASP A 1 72 ? 4.961   -4.187  10.017  1.00 0.90 ? 147 ASP A HB2  1 
ATOM 1116 H HB3  . ASP A 1 72 ? 5.948   -4.703  8.656   1.00 1.00 ? 147 ASP A HB3  1 
ATOM 1117 N N    . LYS A 1 73 ? 4.530   -2.492  7.189   1.00 0.37 ? 148 LYS A N    1 
ATOM 1118 C CA   . LYS A 1 73 ? 4.191   -2.393  5.742   1.00 0.38 ? 148 LYS A CA   1 
ATOM 1119 C C    . LYS A 1 73 ? 4.460   -0.978  5.218   1.00 0.35 ? 148 LYS A C    1 
ATOM 1120 O O    . LYS A 1 73 ? 4.838   -0.796  4.078   1.00 0.36 ? 148 LYS A O    1 
ATOM 1121 C CB   . LYS A 1 73 ? 2.716   -2.743  5.553   1.00 0.41 ? 148 LYS A CB   1 
ATOM 1122 C CG   . LYS A 1 73 ? 2.492   -4.201  5.957   1.00 0.51 ? 148 LYS A CG   1 
ATOM 1123 C CD   . LYS A 1 73 ? 1.013   -4.566  5.772   1.00 0.88 ? 148 LYS A CD   1 
ATOM 1124 C CE   . LYS A 1 73 ? 0.742   -6.003  6.270   1.00 1.15 ? 148 LYS A CE   1 
ATOM 1125 N NZ   . LYS A 1 73 ? 0.655   -6.927  5.103   1.00 1.95 ? 148 LYS A NZ   1 
ATOM 1126 H H    . LYS A 1 73 ? 3.816   -2.605  7.850   1.00 0.38 ? 148 LYS A H    1 
ATOM 1127 H HA   . LYS A 1 73 ? 4.794   -3.096  5.188   1.00 0.41 ? 148 LYS A HA   1 
ATOM 1128 H HB2  . LYS A 1 73 ? 2.110   -2.096  6.171   1.00 0.40 ? 148 LYS A HB2  1 
ATOM 1129 H HB3  . LYS A 1 73 ? 2.443   -2.611  4.517   1.00 0.44 ? 148 LYS A HB3  1 
ATOM 1130 H HG2  . LYS A 1 73 ? 3.102   -4.843  5.338   1.00 0.96 ? 148 LYS A HG2  1 
ATOM 1131 H HG3  . LYS A 1 73 ? 2.766   -4.334  6.992   1.00 0.97 ? 148 LYS A HG3  1 
ATOM 1132 H HD2  . LYS A 1 73 ? 0.404   -3.866  6.327   1.00 1.52 ? 148 LYS A HD2  1 
ATOM 1133 H HD3  . LYS A 1 73 ? 0.762   -4.502  4.724   1.00 1.47 ? 148 LYS A HD3  1 
ATOM 1134 H HE2  . LYS A 1 73 ? 1.540   -6.331  6.924   1.00 1.61 ? 148 LYS A HE2  1 
ATOM 1135 H HE3  . LYS A 1 73 ? -0.193  -6.029  6.812   1.00 1.55 ? 148 LYS A HE3  1 
ATOM 1136 H HZ1  . LYS A 1 73 ? 0.089   -6.485  4.352   1.00 2.34 ? 148 LYS A HZ1  1 
ATOM 1137 H HZ2  . LYS A 1 73 ? 1.610   -7.125  4.745   1.00 2.37 ? 148 LYS A HZ2  1 
ATOM 1138 H HZ3  . LYS A 1 73 ? 0.203   -7.816  5.401   1.00 2.50 ? 148 LYS A HZ3  1 
ATOM 1139 N N    . TYR A 1 74 ? 4.244   0.027   6.025   1.00 0.33 ? 149 TYR A N    1 
ATOM 1140 C CA   . TYR A 1 74 ? 4.463   1.420   5.537   1.00 0.32 ? 149 TYR A CA   1 
ATOM 1141 C C    . TYR A 1 74 ? 5.922   1.595   5.106   1.00 0.33 ? 149 TYR A C    1 
ATOM 1142 O O    . TYR A 1 74 ? 6.207   2.141   4.058   1.00 0.36 ? 149 TYR A O    1 
ATOM 1143 C CB   . TYR A 1 74 ? 4.143   2.418   6.652   1.00 0.32 ? 149 TYR A CB   1 
ATOM 1144 C CG   . TYR A 1 74 ? 4.064   3.805   6.059   1.00 0.33 ? 149 TYR A CG   1 
ATOM 1145 C CD1  . TYR A 1 74 ? 5.235   4.562   5.864   1.00 0.37 ? 149 TYR A CD1  1 
ATOM 1146 C CD2  . TYR A 1 74 ? 2.815   4.327   5.678   1.00 0.33 ? 149 TYR A CD2  1 
ATOM 1147 C CE1  . TYR A 1 74 ? 5.153   5.846   5.292   1.00 0.41 ? 149 TYR A CE1  1 
ATOM 1148 C CE2  . TYR A 1 74 ? 2.731   5.607   5.103   1.00 0.36 ? 149 TYR A CE2  1 
ATOM 1149 C CZ   . TYR A 1 74 ? 3.901   6.369   4.909   1.00 0.40 ? 149 TYR A CZ   1 
ATOM 1150 O OH   . TYR A 1 74 ? 3.821   7.625   4.344   1.00 0.44 ? 149 TYR A OH   1 
ATOM 1151 H H    . TYR A 1 74 ? 3.919   -0.131  6.936   1.00 0.33 ? 149 TYR A H    1 
ATOM 1152 H HA   . TYR A 1 74 ? 3.817   1.606   4.692   1.00 0.33 ? 149 TYR A HA   1 
ATOM 1153 H HB2  . TYR A 1 74 ? 3.195   2.163   7.106   1.00 0.32 ? 149 TYR A HB2  1 
ATOM 1154 H HB3  . TYR A 1 74 ? 4.921   2.390   7.400   1.00 0.33 ? 149 TYR A HB3  1 
ATOM 1155 H HD1  . TYR A 1 74 ? 6.194   4.161   6.157   1.00 0.40 ? 149 TYR A HD1  1 
ATOM 1156 H HD2  . TYR A 1 74 ? 1.918   3.747   5.834   1.00 0.32 ? 149 TYR A HD2  1 
ATOM 1157 H HE1  . TYR A 1 74 ? 6.050   6.430   5.144   1.00 0.46 ? 149 TYR A HE1  1 
ATOM 1158 H HE2  . TYR A 1 74 ? 1.770   6.003   4.806   1.00 0.37 ? 149 TYR A HE2  1 
ATOM 1159 H HH   . TYR A 1 74 ? 4.714   7.969   4.261   1.00 0.96 ? 149 TYR A HH   1 
ATOM 1160 N N    . TYR A 1 75 ? 6.853   1.133   5.892   1.00 0.34 ? 150 TYR A N    1 
ATOM 1161 C CA   . TYR A 1 75 ? 8.284   1.270   5.500   1.00 0.38 ? 150 TYR A CA   1 
ATOM 1162 C C    . TYR A 1 75 ? 8.580   0.345   4.313   1.00 0.39 ? 150 TYR A C    1 
ATOM 1163 O O    . TYR A 1 75 ? 9.366   0.663   3.446   1.00 0.42 ? 150 TYR A O    1 
ATOM 1164 C CB   . TYR A 1 75 ? 9.192   0.899   6.679   1.00 0.41 ? 150 TYR A CB   1 
ATOM 1165 C CG   . TYR A 1 75 ? 9.190   2.013   7.704   1.00 0.42 ? 150 TYR A CG   1 
ATOM 1166 C CD1  . TYR A 1 75 ? 9.855   3.224   7.425   1.00 0.52 ? 150 TYR A CD1  1 
ATOM 1167 C CD2  . TYR A 1 75 ? 8.536   1.841   8.941   1.00 0.42 ? 150 TYR A CD2  1 
ATOM 1168 C CE1  . TYR A 1 75 ? 9.863   4.261   8.378   1.00 0.58 ? 150 TYR A CE1  1 
ATOM 1169 C CE2  . TYR A 1 75 ? 8.548   2.880   9.894   1.00 0.47 ? 150 TYR A CE2  1 
ATOM 1170 C CZ   . TYR A 1 75 ? 9.210   4.089   9.612   1.00 0.53 ? 150 TYR A CZ   1 
ATOM 1171 O OH   . TYR A 1 75 ? 9.216   5.104   10.546  1.00 0.61 ? 150 TYR A OH   1 
ATOM 1172 H H    . TYR A 1 75 ? 6.613   0.690   6.732   1.00 0.34 ? 150 TYR A H    1 
ATOM 1173 H HA   . TYR A 1 75 ? 8.476   2.293   5.209   1.00 0.39 ? 150 TYR A HA   1 
ATOM 1174 H HB2  . TYR A 1 75 ? 8.832   -0.012  7.135   1.00 0.41 ? 150 TYR A HB2  1 
ATOM 1175 H HB3  . TYR A 1 75 ? 10.199  0.745   6.321   1.00 0.47 ? 150 TYR A HB3  1 
ATOM 1176 H HD1  . TYR A 1 75 ? 10.357  3.356   6.479   1.00 0.60 ? 150 TYR A HD1  1 
ATOM 1177 H HD2  . TYR A 1 75 ? 8.025   0.914   9.158   1.00 0.46 ? 150 TYR A HD2  1 
ATOM 1178 H HE1  . TYR A 1 75 ? 10.372  5.189   8.162   1.00 0.69 ? 150 TYR A HE1  1 
ATOM 1179 H HE2  . TYR A 1 75 ? 8.054   2.750   10.842  1.00 0.52 ? 150 TYR A HE2  1 
ATOM 1180 H HH   . TYR A 1 75 ? 10.102  5.471   10.580  1.00 1.20 ? 150 TYR A HH   1 
ATOM 1181 N N    . GLN A 1 76 ? 7.978   -0.813  4.286   1.00 0.39 ? 151 GLN A N    1 
ATOM 1182 C CA   . GLN A 1 76 ? 8.245   -1.775  3.174   1.00 0.42 ? 151 GLN A CA   1 
ATOM 1183 C C    . GLN A 1 76 ? 7.807   -1.206  1.813   1.00 0.41 ? 151 GLN A C    1 
ATOM 1184 O O    . GLN A 1 76 ? 8.478   -1.398  0.818   1.00 0.46 ? 151 GLN A O    1 
ATOM 1185 C CB   . GLN A 1 76 ? 7.505   -3.084  3.449   1.00 0.44 ? 151 GLN A CB   1 
ATOM 1186 C CG   . GLN A 1 76 ? 7.850   -4.099  2.358   1.00 0.52 ? 151 GLN A CG   1 
ATOM 1187 C CD   . GLN A 1 76 ? 7.408   -5.495  2.798   1.00 1.20 ? 151 GLN A CD   1 
ATOM 1188 O OE1  . GLN A 1 76 ? 7.004   -5.688  3.929   1.00 1.90 ? 151 GLN A OE1  1 
ATOM 1189 N NE2  . GLN A 1 76 ? 7.481   -6.486  1.954   1.00 1.86 ? 151 GLN A NE2  1 
ATOM 1190 H H    . GLN A 1 76 ? 7.364   -1.059  5.008   1.00 0.38 ? 151 GLN A H    1 
ATOM 1191 H HA   . GLN A 1 76 ? 9.304   -1.977  3.140   1.00 0.47 ? 151 GLN A HA   1 
ATOM 1192 H HB2  . GLN A 1 76 ? 7.805   -3.472  4.412   1.00 0.46 ? 151 GLN A HB2  1 
ATOM 1193 H HB3  . GLN A 1 76 ? 6.440   -2.905  3.448   1.00 0.41 ? 151 GLN A HB3  1 
ATOM 1194 H HG2  . GLN A 1 76 ? 7.340   -3.831  1.444   1.00 0.91 ? 151 GLN A HG2  1 
ATOM 1195 H HG3  . GLN A 1 76 ? 8.917   -4.098  2.188   1.00 0.91 ? 151 GLN A HG3  1 
ATOM 1196 H HE21 . GLN A 1 76 ? 7.818   -6.332  1.046   1.00 2.17 ? 151 GLN A HE21 1 
ATOM 1197 H HE22 . GLN A 1 76 ? 7.204   -7.385  2.228   1.00 2.42 ? 151 GLN A HE22 1 
ATOM 1198 N N    . VAL A 1 77 ? 6.690   -0.529  1.742   1.00 0.37 ? 152 VAL A N    1 
ATOM 1199 C CA   . VAL A 1 77 ? 6.237   0.014   0.419   1.00 0.38 ? 152 VAL A CA   1 
ATOM 1200 C C    . VAL A 1 77 ? 6.991   1.306   0.094   1.00 0.39 ? 152 VAL A C    1 
ATOM 1201 O O    . VAL A 1 77 ? 6.903   1.826   -1.000  1.00 0.41 ? 152 VAL A O    1 
ATOM 1202 C CB   . VAL A 1 77 ? 4.730   0.306   0.455   1.00 0.37 ? 152 VAL A CB   1 
ATOM 1203 C CG1  . VAL A 1 77 ? 3.923   -0.998  0.697   1.00 0.41 ? 152 VAL A CG1  1 
ATOM 1204 C CG2  . VAL A 1 77 ? 4.445   1.313   1.572   1.00 0.36 ? 152 VAL A CG2  1 
ATOM 1205 H H    . VAL A 1 77 ? 6.146   -0.389  2.545   1.00 0.35 ? 152 VAL A H    1 
ATOM 1206 H HA   . VAL A 1 77 ? 6.437   -0.717  -0.351  1.00 0.41 ? 152 VAL A HA   1 
ATOM 1207 H HB   . VAL A 1 77 ? 4.436   0.737   -0.493  1.00 0.38 ? 152 VAL A HB   1 
ATOM 1208 H HG11 . VAL A 1 77 ? 4.546   -1.862  0.504   1.00 1.09 ? 152 VAL A HG11 1 
ATOM 1209 H HG12 . VAL A 1 77 ? 3.574   -1.037  1.720   1.00 1.09 ? 152 VAL A HG12 1 
ATOM 1210 H HG13 . VAL A 1 77 ? 3.069   -1.022  0.033   1.00 1.09 ? 152 VAL A HG13 1 
ATOM 1211 H HG21 . VAL A 1 77 ? 4.953   1.002   2.471   1.00 1.01 ? 152 VAL A HG21 1 
ATOM 1212 H HG22 . VAL A 1 77 ? 4.798   2.290   1.277   1.00 1.11 ? 152 VAL A HG22 1 
ATOM 1213 H HG23 . VAL A 1 77 ? 3.386   1.353   1.756   1.00 1.10 ? 152 VAL A HG23 1 
ATOM 1214 N N    . GLN A 1 78 ? 7.726   1.829   1.032   1.00 0.43 ? 153 GLN A N    1 
ATOM 1215 C CA   . GLN A 1 78 ? 8.481   3.082   0.789   1.00 0.49 ? 153 GLN A CA   1 
ATOM 1216 C C    . GLN A 1 78 ? 9.436   2.915   -0.398  1.00 0.53 ? 153 GLN A C    1 
ATOM 1217 O O    . GLN A 1 78 ? 9.603   3.814   -1.198  1.00 0.58 ? 153 GLN A O    1 
ATOM 1218 C CB   . GLN A 1 78 ? 9.274   3.411   2.050   1.00 0.55 ? 153 GLN A CB   1 
ATOM 1219 C CG   . GLN A 1 78 ? 10.108  4.675   1.833   1.00 1.17 ? 153 GLN A CG   1 
ATOM 1220 C CD   . GLN A 1 78 ? 10.435  5.302   3.185   1.00 1.78 ? 153 GLN A CD   1 
ATOM 1221 O OE1  . GLN A 1 78 ? 11.155  4.731   3.983   1.00 2.38 ? 153 GLN A OE1  1 
ATOM 1222 N NE2  . GLN A 1 78 ? 9.908   6.449   3.480   1.00 2.50 ? 153 GLN A NE2  1 
ATOM 1223 H H    . GLN A 1 78 ? 7.780   1.403   1.912   1.00 0.43 ? 153 GLN A H    1 
ATOM 1224 H HA   . GLN A 1 78 ? 7.789   3.885   0.584   1.00 0.50 ? 153 GLN A HA   1 
ATOM 1225 H HB2  . GLN A 1 78 ? 8.587   3.560   2.872   1.00 1.17 ? 153 GLN A HB2  1 
ATOM 1226 H HB3  . GLN A 1 78 ? 9.932   2.587   2.280   1.00 0.99 ? 153 GLN A HB3  1 
ATOM 1227 H HG2  . GLN A 1 78 ? 11.026  4.418   1.325   1.00 1.63 ? 153 GLN A HG2  1 
ATOM 1228 H HG3  . GLN A 1 78 ? 9.552   5.384   1.237   1.00 1.91 ? 153 GLN A HG3  1 
ATOM 1229 H HE21 . GLN A 1 78 ? 9.315   6.888   2.837   1.00 2.75 ? 153 GLN A HE21 1 
ATOM 1230 H HE22 . GLN A 1 78 ? 10.097  6.869   4.342   1.00 3.15 ? 153 GLN A HE22 1 
ATOM 1231 N N    . LYS A 1 79 ? 10.076  1.784   -0.514  1.00 0.55 ? 154 LYS A N    1 
ATOM 1232 C CA   . LYS A 1 79 ? 11.030  1.580   -1.645  1.00 0.63 ? 154 LYS A CA   1 
ATOM 1233 C C    . LYS A 1 79 ? 10.276  1.291   -2.945  1.00 0.60 ? 154 LYS A C    1 
ATOM 1234 O O    . LYS A 1 79 ? 10.856  1.294   -4.013  1.00 0.69 ? 154 LYS A O    1 
ATOM 1235 C CB   . LYS A 1 79 ? 11.942  0.392   -1.333  1.00 0.71 ? 154 LYS A CB   1 
ATOM 1236 C CG   . LYS A 1 79 ? 13.003  0.802   -0.315  1.00 1.25 ? 154 LYS A CG   1 
ATOM 1237 C CD   . LYS A 1 79 ? 13.897  -0.403  -0.023  1.00 1.61 ? 154 LYS A CD   1 
ATOM 1238 C CE   . LYS A 1 79 ? 15.108  0.036   0.799   1.00 2.23 ? 154 LYS A CE   1 
ATOM 1239 N NZ   . LYS A 1 79 ? 15.732  -1.160  1.429   1.00 2.87 ? 154 LYS A NZ   1 
ATOM 1240 H H    . LYS A 1 79 ? 9.938   1.073   0.146   1.00 0.53 ? 154 LYS A H    1 
ATOM 1241 H HA   . LYS A 1 79 ? 11.632  2.468   -1.772  1.00 0.68 ? 154 LYS A HA   1 
ATOM 1242 H HB2  . LYS A 1 79 ? 11.350  -0.415  -0.927  1.00 1.17 ? 154 LYS A HB2  1 
ATOM 1243 H HB3  . LYS A 1 79 ? 12.429  0.058   -2.239  1.00 1.05 ? 154 LYS A HB3  1 
ATOM 1244 H HG2  . LYS A 1 79 ? 13.599  1.608   -0.720  1.00 1.84 ? 154 LYS A HG2  1 
ATOM 1245 H HG3  . LYS A 1 79 ? 12.526  1.126   0.597   1.00 1.90 ? 154 LYS A HG3  1 
ATOM 1246 H HD2  . LYS A 1 79 ? 13.334  -1.139  0.531   1.00 2.10 ? 154 LYS A HD2  1 
ATOM 1247 H HD3  . LYS A 1 79 ? 14.234  -0.834  -0.955  1.00 1.97 ? 154 LYS A HD3  1 
ATOM 1248 H HE2  . LYS A 1 79 ? 15.826  0.518   0.151   1.00 2.55 ? 154 LYS A HE2  1 
ATOM 1249 H HE3  . LYS A 1 79 ? 14.796  0.727   1.568   1.00 2.69 ? 154 LYS A HE3  1 
ATOM 1250 H HZ1  . LYS A 1 79 ? 15.292  -2.021  1.048   1.00 3.32 ? 154 LYS A HZ1  1 
ATOM 1251 H HZ2  . LYS A 1 79 ? 16.752  -1.169  1.220   1.00 3.12 ? 154 LYS A HZ2  1 
ATOM 1252 H HZ3  . LYS A 1 79 ? 15.588  -1.126  2.457   1.00 3.25 ? 154 LYS A HZ3  1 
ATOM 1253 N N    . PHE A 1 80 ? 8.997   1.036   -2.871  1.00 0.52 ? 155 PHE A N    1 
ATOM 1254 C CA   . PHE A 1 80 ? 8.217   0.737   -4.111  1.00 0.52 ? 155 PHE A CA   1 
ATOM 1255 C C    . PHE A 1 80 ? 7.417   1.968   -4.520  1.00 0.48 ? 155 PHE A C    1 
ATOM 1256 O O    . PHE A 1 80 ? 6.827   2.643   -3.700  1.00 0.46 ? 155 PHE A O    1 
ATOM 1257 C CB   . PHE A 1 80 ? 7.269   -0.432  -3.837  1.00 0.51 ? 155 PHE A CB   1 
ATOM 1258 C CG   . PHE A 1 80 ? 8.087   -1.693  -3.687  1.00 0.61 ? 155 PHE A CG   1 
ATOM 1259 C CD1  . PHE A 1 80 ? 8.379   -2.477  -4.819  1.00 0.72 ? 155 PHE A CD1  1 
ATOM 1260 C CD2  . PHE A 1 80 ? 8.563   -2.079  -2.419  1.00 0.65 ? 155 PHE A CD2  1 
ATOM 1261 C CE1  . PHE A 1 80 ? 9.148   -3.648  -4.684  1.00 0.84 ? 155 PHE A CE1  1 
ATOM 1262 C CE2  . PHE A 1 80 ? 9.333   -3.250  -2.285  1.00 0.76 ? 155 PHE A CE2  1 
ATOM 1263 C CZ   . PHE A 1 80 ? 9.626   -4.034  -3.417  1.00 0.84 ? 155 PHE A CZ   1 
ATOM 1264 H H    . PHE A 1 80 ? 8.550   1.034   -2.000  1.00 0.48 ? 155 PHE A H    1 
ATOM 1265 H HA   . PHE A 1 80 ? 8.886   0.467   -4.917  1.00 0.60 ? 155 PHE A HA   1 
ATOM 1266 H HB2  . PHE A 1 80 ? 6.718   -0.245  -2.928  1.00 0.46 ? 155 PHE A HB2  1 
ATOM 1267 H HB3  . PHE A 1 80 ? 6.582   -0.544  -4.663  1.00 0.53 ? 155 PHE A HB3  1 
ATOM 1268 H HD1  . PHE A 1 80 ? 8.013   -2.180  -5.790  1.00 0.76 ? 155 PHE A HD1  1 
ATOM 1269 H HD2  . PHE A 1 80 ? 8.338   -1.477  -1.551  1.00 0.65 ? 155 PHE A HD2  1 
ATOM 1270 H HE1  . PHE A 1 80 ? 9.373   -4.249  -5.553  1.00 0.96 ? 155 PHE A HE1  1 
ATOM 1271 H HE2  . PHE A 1 80 ? 9.700   -3.546  -1.313  1.00 0.83 ? 155 PHE A HE2  1 
ATOM 1272 H HZ   . PHE A 1 80 ? 10.217  -4.932  -3.314  1.00 0.94 ? 155 PHE A HZ   1 
ATOM 1273 N N    . ALA A 1 81 ? 7.399   2.271   -5.788  1.00 0.52 ? 156 ALA A N    1 
ATOM 1274 C CA   . ALA A 1 81 ? 6.646   3.462   -6.252  1.00 0.52 ? 156 ALA A CA   1 
ATOM 1275 C C    . ALA A 1 81 ? 5.192   3.323   -5.801  1.00 0.46 ? 156 ALA A C    1 
ATOM 1276 O O    . ALA A 1 81 ? 4.628   2.246   -5.806  1.00 0.46 ? 156 ALA A O    1 
ATOM 1277 C CB   . ALA A 1 81 ? 6.731   3.561   -7.786  1.00 0.61 ? 156 ALA A CB   1 
ATOM 1278 H H    . ALA A 1 81 ? 7.887   1.716   -6.433  1.00 0.58 ? 156 ALA A H    1 
ATOM 1279 H HA   . ALA A 1 81 ? 7.074   4.349   -5.806  1.00 0.58 ? 156 ALA A HA   1 
ATOM 1280 H HB1  . ALA A 1 81 ? 7.639   3.083   -8.125  1.00 1.15 ? 156 ALA A HB1  1 
ATOM 1281 H HB2  . ALA A 1 81 ? 5.882   3.070   -8.238  1.00 1.26 ? 156 ALA A HB2  1 
ATOM 1282 H HB3  . ALA A 1 81 ? 6.742   4.601   -8.083  1.00 1.18 ? 156 ALA A HB3  1 
ATOM 1283 N N    . LYS A 1 82 ? 4.587   4.401   -5.393  1.00 0.49 ? 157 LYS A N    1 
ATOM 1284 C CA   . LYS A 1 82 ? 3.181   4.331   -4.923  1.00 0.52 ? 157 LYS A CA   1 
ATOM 1285 C C    . LYS A 1 82 ? 2.283   3.585   -5.935  1.00 0.48 ? 157 LYS A C    1 
ATOM 1286 O O    . LYS A 1 82 ? 1.544   2.708   -5.540  1.00 0.53 ? 157 LYS A O    1 
ATOM 1287 C CB   . LYS A 1 82 ? 2.651   5.744   -4.650  1.00 0.67 ? 157 LYS A CB   1 
ATOM 1288 C CG   . LYS A 1 82 ? 3.317   6.301   -3.383  1.00 0.86 ? 157 LYS A CG   1 
ATOM 1289 C CD   . LYS A 1 82 ? 2.868   7.756   -3.150  1.00 1.35 ? 157 LYS A CD   1 
ATOM 1290 C CE   . LYS A 1 82 ? 3.918   8.513   -2.327  1.00 1.89 ? 157 LYS A CE   1 
ATOM 1291 N NZ   . LYS A 1 82 ? 3.562   9.960   -2.289  1.00 2.75 ? 157 LYS A NZ   1 
ATOM 1292 H H    . LYS A 1 82 ? 5.065   5.257   -5.385  1.00 0.55 ? 157 LYS A H    1 
ATOM 1293 H HA   . LYS A 1 82 ? 3.167   3.780   -3.996  1.00 0.55 ? 157 LYS A HA   1 
ATOM 1294 H HB2  . LYS A 1 82 ? 2.885   6.387   -5.478  1.00 0.87 ? 157 LYS A HB2  1 
ATOM 1295 H HB3  . LYS A 1 82 ? 1.583   5.709   -4.506  1.00 0.98 ? 157 LYS A HB3  1 
ATOM 1296 H HG2  . LYS A 1 82 ? 3.033   5.694   -2.535  1.00 1.49 ? 157 LYS A HG2  1 
ATOM 1297 H HG3  . LYS A 1 82 ? 4.390   6.265   -3.505  1.00 1.25 ? 157 LYS A HG3  1 
ATOM 1298 H HD2  . LYS A 1 82 ? 2.737   8.256   -4.099  1.00 1.82 ? 157 LYS A HD2  1 
ATOM 1299 H HD3  . LYS A 1 82 ? 1.931   7.758   -2.614  1.00 2.04 ? 157 LYS A HD3  1 
ATOM 1300 H HE2  . LYS A 1 82 ? 3.941   8.122   -1.321  1.00 2.21 ? 157 LYS A HE2  1 
ATOM 1301 H HE3  . LYS A 1 82 ? 4.891   8.398   -2.781  1.00 2.34 ? 157 LYS A HE3  1 
ATOM 1302 H HZ1  . LYS A 1 82 ? 2.610   10.073  -1.887  1.00 3.20 ? 157 LYS A HZ1  1 
ATOM 1303 H HZ2  . LYS A 1 82 ? 4.248   10.472  -1.699  1.00 3.25 ? 157 LYS A HZ2  1 
ATOM 1304 H HZ3  . LYS A 1 82 ? 3.579   10.345  -3.256  1.00 3.06 ? 157 LYS A HZ3  1 
ATOM 1305 N N    . PRO A 1 83 ? 2.307   3.894   -7.222  1.00 0.48 ? 158 PRO A N    1 
ATOM 1306 C CA   . PRO A 1 83 ? 1.431   3.170   -8.188  1.00 0.53 ? 158 PRO A CA   1 
ATOM 1307 C C    . PRO A 1 83 ? 1.560   1.636   -8.077  1.00 0.43 ? 158 PRO A C    1 
ATOM 1308 O O    . PRO A 1 83 ? 0.602   0.916   -8.275  1.00 0.48 ? 158 PRO A O    1 
ATOM 1309 C CB   . PRO A 1 83 ? 1.863   3.658   -9.593  1.00 0.63 ? 158 PRO A CB   1 
ATOM 1310 C CG   . PRO A 1 83 ? 2.955   4.682   -9.396  1.00 0.59 ? 158 PRO A CG   1 
ATOM 1311 C CD   . PRO A 1 83 ? 3.124   4.934   -7.887  1.00 0.56 ? 158 PRO A CD   1 
ATOM 1312 H HA   . PRO A 1 83 ? 0.403   3.452   -8.014  1.00 0.64 ? 158 PRO A HA   1 
ATOM 1313 H HB2  . PRO A 1 83 ? 2.232   2.827   -10.185 1.00 0.90 ? 158 PRO A HB2  1 
ATOM 1314 H HB3  . PRO A 1 83 ? 1.020   4.112   -10.101 1.00 0.84 ? 158 PRO A HB3  1 
ATOM 1315 H HG2  . PRO A 1 83 ? 3.886   4.315   -9.817  1.00 0.95 ? 158 PRO A HG2  1 
ATOM 1316 H HG3  . PRO A 1 83 ? 2.685   5.611   -9.888  1.00 0.85 ? 158 PRO A HG3  1 
ATOM 1317 H HD2  . PRO A 1 83 ? 4.162   4.842   -7.614  1.00 0.65 ? 158 PRO A HD2  1 
ATOM 1318 H HD3  . PRO A 1 83 ? 2.756   5.913   -7.634  1.00 0.84 ? 158 PRO A HD3  1 
ATOM 1319 N N    . ASP A 1 84 ? 2.731   1.127   -7.776  1.00 0.36 ? 159 ASP A N    1 
ATOM 1320 C CA   . ASP A 1 84 ? 2.895   -0.364  -7.674  1.00 0.35 ? 159 ASP A CA   1 
ATOM 1321 C C    . ASP A 1 84 ? 2.576   -0.832  -6.240  1.00 0.32 ? 159 ASP A C    1 
ATOM 1322 O O    . ASP A 1 84 ? 2.646   -2.007  -5.942  1.00 0.32 ? 159 ASP A O    1 
ATOM 1323 C CB   . ASP A 1 84 ? 4.344   -0.779  -8.059  1.00 0.43 ? 159 ASP A CB   1 
ATOM 1324 C CG   . ASP A 1 84 ? 5.209   0.462   -8.288  1.00 1.27 ? 159 ASP A CG   1 
ATOM 1325 O OD1  . ASP A 1 84 ? 4.922   1.190   -9.223  1.00 2.11 ? 159 ASP A OD1  1 
ATOM 1326 O OD2  . ASP A 1 84 ? 6.143   0.658   -7.529  1.00 2.03 ? 159 ASP A OD2  1 
ATOM 1327 H H    . ASP A 1 84 ? 3.499   1.716   -7.628  1.00 0.38 ? 159 ASP A H    1 
ATOM 1328 H HA   . ASP A 1 84 ? 2.198   -0.840  -8.363  1.00 0.40 ? 159 ASP A HA   1 
ATOM 1329 H HB2  . ASP A 1 84 ? 4.786   -1.375  -7.271  1.00 1.22 ? 159 ASP A HB2  1 
ATOM 1330 H HB3  . ASP A 1 84 ? 4.323   -1.363  -8.969  1.00 1.12 ? 159 ASP A HB3  1 
ATOM 1331 N N    . TRP A 1 85 ? 2.227   0.064   -5.352  1.00 0.32 ? 160 TRP A N    1 
ATOM 1332 C CA   . TRP A 1 85 ? 1.912   -0.373  -3.956  1.00 0.33 ? 160 TRP A CA   1 
ATOM 1333 C C    . TRP A 1 85 ? 0.791   -1.405  -3.996  1.00 0.34 ? 160 TRP A C    1 
ATOM 1334 O O    . TRP A 1 85 ? 0.805   -2.376  -3.268  1.00 0.35 ? 160 TRP A O    1 
ATOM 1335 C CB   . TRP A 1 85 ? 1.459   0.828   -3.110  1.00 0.37 ? 160 TRP A CB   1 
ATOM 1336 C CG   . TRP A 1 85 ? 2.635   1.624   -2.625  1.00 0.37 ? 160 TRP A CG   1 
ATOM 1337 C CD1  . TRP A 1 85 ? 3.923   1.496   -3.043  1.00 0.37 ? 160 TRP A CD1  1 
ATOM 1338 C CD2  . TRP A 1 85 ? 2.641   2.663   -1.606  1.00 0.40 ? 160 TRP A CD2  1 
ATOM 1339 N NE1  . TRP A 1 85 ? 4.711   2.394   -2.342  1.00 0.40 ? 160 TRP A NE1  1 
ATOM 1340 C CE2  . TRP A 1 85 ? 3.970   3.134   -1.445  1.00 0.42 ? 160 TRP A CE2  1 
ATOM 1341 C CE3  . TRP A 1 85 ? 1.623   3.241   -0.810  1.00 0.44 ? 160 TRP A CE3  1 
ATOM 1342 C CZ2  . TRP A 1 85 ? 4.282   4.144   -0.524  1.00 0.46 ? 160 TRP A CZ2  1 
ATOM 1343 C CZ3  . TRP A 1 85 ? 1.933   4.256   0.119   1.00 0.48 ? 160 TRP A CZ3  1 
ATOM 1344 C CH2  . TRP A 1 85 ? 3.260   4.705   0.261   1.00 0.49 ? 160 TRP A CH2  1 
ATOM 1345 H H    . TRP A 1 85 ? 2.172   1.010   -5.599  1.00 0.34 ? 160 TRP A H    1 
ATOM 1346 H HA   . TRP A 1 85 ? 2.783   -0.822  -3.510  1.00 0.33 ? 160 TRP A HA   1 
ATOM 1347 H HB2  . TRP A 1 85 ? 0.824   1.463   -3.706  1.00 0.39 ? 160 TRP A HB2  1 
ATOM 1348 H HB3  . TRP A 1 85 ? 0.899   0.475   -2.255  1.00 0.40 ? 160 TRP A HB3  1 
ATOM 1349 H HD1  . TRP A 1 85 ? 4.281   0.817   -3.801  1.00 0.37 ? 160 TRP A HD1  1 
ATOM 1350 H HE1  . TRP A 1 85 ? 5.678   2.503   -2.454  1.00 0.42 ? 160 TRP A HE1  1 
ATOM 1351 H HE3  . TRP A 1 85 ? 0.603   2.901   -0.914  1.00 0.44 ? 160 TRP A HE3  1 
ATOM 1352 H HZ2  . TRP A 1 85 ? 5.301   4.486   -0.416  1.00 0.48 ? 160 TRP A HZ2  1 
ATOM 1353 H HZ3  . TRP A 1 85 ? 1.150   4.691   0.721   1.00 0.51 ? 160 TRP A HZ3  1 
ATOM 1354 H HH2  . TRP A 1 85 ? 3.493   5.479   0.973   1.00 0.53 ? 160 TRP A HH2  1 
ATOM 1355 N N    . ALA A 1 86 ? -0.179  -1.208  -4.832  1.00 0.36 ? 161 ALA A N    1 
ATOM 1356 C CA   . ALA A 1 86 ? -1.293  -2.184  -4.899  1.00 0.39 ? 161 ALA A CA   1 
ATOM 1357 C C    . ALA A 1 86 ? -0.741  -3.564  -5.275  1.00 0.36 ? 161 ALA A C    1 
ATOM 1358 O O    . ALA A 1 86 ? -1.161  -4.575  -4.748  1.00 0.37 ? 161 ALA A O    1 
ATOM 1359 C CB   . ALA A 1 86 ? -2.306  -1.714  -5.945  1.00 0.45 ? 161 ALA A CB   1 
ATOM 1360 H H    . ALA A 1 86 ? -0.179  -0.418  -5.412  1.00 0.38 ? 161 ALA A H    1 
ATOM 1361 H HA   . ALA A 1 86 ? -1.774  -2.242  -3.932  1.00 0.41 ? 161 ALA A HA   1 
ATOM 1362 H HB1  . ALA A 1 86 ? -2.338  -0.634  -5.952  1.00 1.04 ? 161 ALA A HB1  1 
ATOM 1363 H HB2  . ALA A 1 86 ? -2.019  -2.071  -6.925  1.00 1.11 ? 161 ALA A HB2  1 
ATOM 1364 H HB3  . ALA A 1 86 ? -3.277  -2.098  -5.690  1.00 1.08 ? 161 ALA A HB3  1 
ATOM 1365 N N    . ALA A 1 87 ? 0.199   -3.611  -6.177  1.00 0.37 ? 162 ALA A N    1 
ATOM 1366 C CA   . ALA A 1 87 ? 0.782   -4.922  -6.583  1.00 0.40 ? 162 ALA A CA   1 
ATOM 1367 C C    . ALA A 1 87 ? 1.677   -5.453  -5.453  1.00 0.39 ? 162 ALA A C    1 
ATOM 1368 O O    . ALA A 1 87 ? 1.709   -6.636  -5.176  1.00 0.44 ? 162 ALA A O    1 
ATOM 1369 C CB   . ALA A 1 87 ? 1.604   -4.732  -7.871  1.00 0.46 ? 162 ALA A CB   1 
ATOM 1370 H H    . ALA A 1 87 ? 0.525   -2.783  -6.587  1.00 0.38 ? 162 ALA A H    1 
ATOM 1371 H HA   . ALA A 1 87 ? -0.017  -5.627  -6.764  1.00 0.43 ? 162 ALA A HA   1 
ATOM 1372 H HB1  . ALA A 1 87 ? 1.965   -3.716  -7.918  1.00 1.24 ? 162 ALA A HB1  1 
ATOM 1373 H HB2  . ALA A 1 87 ? 2.444   -5.413  -7.882  1.00 1.06 ? 162 ALA A HB2  1 
ATOM 1374 H HB3  . ALA A 1 87 ? 0.977   -4.926  -8.732  1.00 1.04 ? 162 ALA A HB3  1 
ATOM 1375 N N    . ALA A 1 88 ? 2.410   -4.588  -4.808  1.00 0.39 ? 163 ALA A N    1 
ATOM 1376 C CA   . ALA A 1 88 ? 3.311   -5.036  -3.705  1.00 0.45 ? 163 ALA A CA   1 
ATOM 1377 C C    . ALA A 1 88 ? 2.496   -5.702  -2.590  1.00 0.46 ? 163 ALA A C    1 
ATOM 1378 O O    . ALA A 1 88 ? 2.931   -6.663  -1.986  1.00 0.54 ? 163 ALA A O    1 
ATOM 1379 C CB   . ALA A 1 88 ? 4.067   -3.832  -3.140  1.00 0.50 ? 163 ALA A CB   1 
ATOM 1380 H H    . ALA A 1 88 ? 2.375   -3.640  -5.053  1.00 0.39 ? 163 ALA A H    1 
ATOM 1381 H HA   . ALA A 1 88 ? 4.021   -5.748  -4.097  1.00 0.52 ? 163 ALA A HA   1 
ATOM 1382 H HB1  . ALA A 1 88 ? 3.388   -3.002  -3.032  1.00 1.11 ? 163 ALA A HB1  1 
ATOM 1383 H HB2  . ALA A 1 88 ? 4.484   -4.083  -2.176  1.00 1.14 ? 163 ALA A HB2  1 
ATOM 1384 H HB3  . ALA A 1 88 ? 4.865   -3.559  -3.816  1.00 1.14 ? 163 ALA A HB3  1 
ATOM 1385 N N    . LEU A 1 89 ? 1.326   -5.198  -2.295  1.00 0.42 ? 164 LEU A N    1 
ATOM 1386 C CA   . LEU A 1 89 ? 0.512   -5.810  -1.202  1.00 0.47 ? 164 LEU A CA   1 
ATOM 1387 C C    . LEU A 1 89 ? 0.025   -7.197  -1.641  1.00 0.53 ? 164 LEU A C    1 
ATOM 1388 O O    . LEU A 1 89 ? -0.192  -8.070  -0.825  1.00 0.77 ? 164 LEU A O    1 
ATOM 1389 C CB   . LEU A 1 89 ? -0.689  -4.912  -0.875  1.00 0.45 ? 164 LEU A CB   1 
ATOM 1390 C CG   . LEU A 1 89 ? -0.205  -3.519  -0.415  1.00 0.46 ? 164 LEU A CG   1 
ATOM 1391 C CD1  . LEU A 1 89 ? -1.378  -2.524  -0.426  1.00 0.55 ? 164 LEU A CD1  1 
ATOM 1392 C CD2  . LEU A 1 89 ? 0.360   -3.593  1.014   1.00 0.59 ? 164 LEU A CD2  1 
ATOM 1393 H H    . LEU A 1 89 ? 0.990   -4.416  -2.780  1.00 0.38 ? 164 LEU A H    1 
ATOM 1394 H HA   . LEU A 1 89 ? 1.127   -5.924  -0.325  1.00 0.53 ? 164 LEU A HA   1 
ATOM 1395 H HB2  . LEU A 1 89 ? -1.302  -4.811  -1.758  1.00 0.44 ? 164 LEU A HB2  1 
ATOM 1396 H HB3  . LEU A 1 89 ? -1.272  -5.366  -0.088  1.00 0.53 ? 164 LEU A HB3  1 
ATOM 1397 H HG   . LEU A 1 89 ? 0.564   -3.170  -1.086  1.00 0.43 ? 164 LEU A HG   1 
ATOM 1398 H HD11 . LEU A 1 89 ? -1.986  -2.682  -1.303  1.00 1.06 ? 164 LEU A HD11 1 
ATOM 1399 H HD12 . LEU A 1 89 ? -1.984  -2.664  0.458   1.00 1.13 ? 164 LEU A HD12 1 
ATOM 1400 H HD13 . LEU A 1 89 ? -0.991  -1.516  -0.438  1.00 1.19 ? 164 LEU A HD13 1 
ATOM 1401 H HD21 . LEU A 1 89 ? -0.333  -4.120  1.652   1.00 1.16 ? 164 LEU A HD21 1 
ATOM 1402 H HD22 . LEU A 1 89 ? 1.308   -4.105  1.008   1.00 1.20 ? 164 LEU A HD22 1 
ATOM 1403 H HD23 . LEU A 1 89 ? 0.501   -2.591  1.392   1.00 1.20 ? 164 LEU A HD23 1 
ATOM 1404 N N    . VAL A 1 90 ? -0.124  -7.424  -2.921  1.00 0.42 ? 165 VAL A N    1 
ATOM 1405 C CA   . VAL A 1 90 ? -0.568  -8.775  -3.383  1.00 0.50 ? 165 VAL A CA   1 
ATOM 1406 C C    . VAL A 1 90 ? 0.522   -9.771  -3.021  1.00 0.69 ? 165 VAL A C    1 
ATOM 1407 O O    . VAL A 1 90 ? 0.254   -10.889 -2.629  1.00 0.98 ? 165 VAL A O    1 
ATOM 1408 C CB   . VAL A 1 90 ? -0.766  -8.780  -4.913  1.00 0.53 ? 165 VAL A CB   1 
ATOM 1409 C CG1  . VAL A 1 90 ? -0.982  -10.214 -5.443  1.00 1.50 ? 165 VAL A CG1  1 
ATOM 1410 C CG2  . VAL A 1 90 ? -1.993  -7.942  -5.270  1.00 1.44 ? 165 VAL A CG2  1 
ATOM 1411 H H    . VAL A 1 90 ? 0.073   -6.720  -3.573  1.00 0.43 ? 165 VAL A H    1 
ATOM 1412 H HA   . VAL A 1 90 ? -1.489  -9.046  -2.889  1.00 0.64 ? 165 VAL A HA   1 
ATOM 1413 H HB   . VAL A 1 90 ? 0.107   -8.354  -5.385  1.00 1.20 ? 165 VAL A HB   1 
ATOM 1414 H HG11 . VAL A 1 90 ? -0.184  -10.863 -5.120  1.00 2.13 ? 165 VAL A HG11 1 
ATOM 1415 H HG12 . VAL A 1 90 ? -1.926  -10.593 -5.082  1.00 1.93 ? 165 VAL A HG12 1 
ATOM 1416 H HG13 . VAL A 1 90 ? -0.999  -10.192 -6.522  1.00 2.11 ? 165 VAL A HG13 1 
ATOM 1417 H HG21 . VAL A 1 90 ? -2.805  -8.187  -4.602  1.00 2.06 ? 165 VAL A HG21 1 
ATOM 1418 H HG22 . VAL A 1 90 ? -1.753  -6.895  -5.176  1.00 2.05 ? 165 VAL A HG22 1 
ATOM 1419 H HG23 . VAL A 1 90 ? -2.289  -8.160  -6.285  1.00 1.94 ? 165 VAL A HG23 1 
ATOM 1420 N N    . ASP A 1 91 ? 1.752   -9.383  -3.182  1.00 1.04 ? 166 ASP A N    1 
ATOM 1421 C CA   . ASP A 1 91 ? 2.862   -10.320 -2.884  1.00 1.36 ? 166 ASP A CA   1 
ATOM 1422 C C    . ASP A 1 91 ? 3.131   -10.358 -1.382  1.00 1.78 ? 166 ASP A C    1 
ATOM 1423 O O    . ASP A 1 91 ? 3.952   -9.629  -0.863  1.00 2.25 ? 166 ASP A O    1 
ATOM 1424 C CB   . ASP A 1 91 ? 4.123   -9.849  -3.610  1.00 1.96 ? 166 ASP A CB   1 
ATOM 1425 C CG   . ASP A 1 91 ? 5.204   -10.923 -3.495  1.00 2.41 ? 166 ASP A CG   1 
ATOM 1426 O OD1  . ASP A 1 91 ? 5.016   -11.843 -2.717  1.00 3.08 ? 166 ASP A OD1  1 
ATOM 1427 O OD2  . ASP A 1 91 ? 6.202   -10.806 -4.186  1.00 2.80 ? 166 ASP A OD2  1 
ATOM 1428 H H    . ASP A 1 91 ? 1.943   -8.484  -3.524  1.00 1.30 ? 166 ASP A H    1 
ATOM 1429 H HA   . ASP A 1 91 ? 2.602   -11.310 -3.228  1.00 1.24 ? 166 ASP A HA   1 
ATOM 1430 H HB2  . ASP A 1 91 ? 3.894   -9.675  -4.651  1.00 2.44 ? 166 ASP A HB2  1 
ATOM 1431 H HB3  . ASP A 1 91 ? 4.476   -8.934  -3.159  1.00 2.36 ? 166 ASP A HB3  1 
ATOM 1432 N N    . GLY A 1 92 ? 2.461   -11.239 -0.690  1.00 1.93 ? 167 GLY A N    1 
ATOM 1433 C CA   . GLY A 1 92 ? 2.683   -11.384 0.778   1.00 2.61 ? 167 GLY A CA   1 
ATOM 1434 C C    . GLY A 1 92 ? 3.686   -12.520 0.983   1.00 2.98 ? 167 GLY A C    1 
ATOM 1435 O O    . GLY A 1 92 ? 3.981   -13.256 0.063   1.00 3.20 ? 167 GLY A O    1 
ATOM 1436 H H    . GLY A 1 92 ? 1.824   -11.829 -1.143  1.00 1.78 ? 167 GLY A H    1 
ATOM 1437 H HA2  . GLY A 1 92 ? 3.074   -10.461 1.190   1.00 2.97 ? 167 GLY A HA2  1 
ATOM 1438 H HA3  . GLY A 1 92 ? 1.752   -11.635 1.264   1.00 2.76 ? 167 GLY A HA3  1 
ATOM 1439 N N    . ARG A 1 93 ? 4.217   -12.686 2.166   1.00 3.54 ? 168 ARG A N    1 
ATOM 1440 C CA   . ARG A 1 93 ? 5.195   -13.798 2.383   1.00 4.08 ? 168 ARG A CA   1 
ATOM 1441 C C    . ARG A 1 93 ? 4.436   -15.069 2.762   1.00 4.33 ? 168 ARG A C    1 
ATOM 1442 O O    . ARG A 1 93 ? 4.883   -16.169 2.497   1.00 4.64 ? 168 ARG A O    1 
ATOM 1443 C CB   . ARG A 1 93 ? 6.179   -13.440 3.509   1.00 4.94 ? 168 ARG A CB   1 
ATOM 1444 C CG   . ARG A 1 93 ? 6.720   -12.004 3.346   1.00 5.47 ? 168 ARG A CG   1 
ATOM 1445 C CD   . ARG A 1 93 ? 7.380   -11.817 1.970   1.00 6.31 ? 168 ARG A CD   1 
ATOM 1446 N NE   . ARG A 1 93 ? 8.612   -12.654 1.810   1.00 6.89 ? 168 ARG A NE   1 
ATOM 1447 C CZ   . ARG A 1 93 ? 8.865   -13.214 0.658   1.00 7.61 ? 168 ARG A CZ   1 
ATOM 1448 N NH1  . ARG A 1 93 ? 7.879   -13.587 -0.112  1.00 7.86 ? 168 ARG A NH1  1 
ATOM 1449 N NH2  . ARG A 1 93 ? 10.092  -13.515 0.324   1.00 8.35 ? 168 ARG A NH2  1 
ATOM 1450 H H    . ARG A 1 93 ? 3.971   -12.090 2.906   1.00 3.85 ? 168 ARG A H    1 
ATOM 1451 H HA   . ARG A 1 93 ? 5.742   -13.991 1.472   1.00 4.13 ? 168 ARG A HA   1 
ATOM 1452 H HB2  . ARG A 1 93 ? 5.670   -13.518 4.459   1.00 5.33 ? 168 ARG A HB2  1 
ATOM 1453 H HB3  . ARG A 1 93 ? 7.004   -14.135 3.492   1.00 5.23 ? 168 ARG A HB3  1 
ATOM 1454 H HG2  . ARG A 1 93 ? 5.904   -11.304 3.446   1.00 5.44 ? 168 ARG A HG2  1 
ATOM 1455 H HG3  . ARG A 1 93 ? 7.450   -11.813 4.118   1.00 5.69 ? 168 ARG A HG3  1 
ATOM 1456 H HD2  . ARG A 1 93 ? 6.640   -12.021 1.191   1.00 6.51 ? 168 ARG A HD2  1 
ATOM 1457 H HD3  . ARG A 1 93 ? 7.715   -10.808 1.883   1.00 6.64 ? 168 ARG A HD3  1 
ATOM 1458 H HE   . ARG A 1 93 ? 9.309   -12.617 2.499   1.00 6.95 ? 168 ARG A HE   1 
ATOM 1459 H HH11 . ARG A 1 93 ? 6.934   -13.447 0.183   1.00 7.50 ? 168 ARG A HH11 1 
ATOM 1460 H HH12 . ARG A 1 93 ? 8.068   -14.024 -0.990  1.00 8.56 ? 168 ARG A HH12 1 
ATOM 1461 H HH21 . ARG A 1 93 ? 10.845  -13.315 0.949   1.00 8.40 ? 168 ARG A HH21 1 
ATOM 1462 H HH22 . ARG A 1 93 ? 10.277  -13.937 -0.565  1.00 9.02 ? 168 ARG A HH22 1 
# 
